data_4IT1
#
_entry.id   4IT1
#
_cell.length_a   82.321
_cell.length_b   147.695
_cell.length_c   173.195
_cell.angle_alpha   90.00
_cell.angle_beta   90.00
_cell.angle_gamma   90.00
#
_symmetry.space_group_name_H-M   'P 21 21 21'
#
loop_
_entity.id
_entity.type
_entity.pdbx_description
1 polymer 'Putative glucarate dehydratase'
2 non-polymer 'MAGNESIUM ION'
3 non-polymer 'L(+)-TARTARIC ACID'
4 non-polymer 'POTASSIUM ION'
5 non-polymer 'BICARBONATE ION'
6 water water
#
_entity_poly.entity_id   1
_entity_poly.type   'polypeptide(L)'
_entity_poly.pdbx_seq_one_letter_code
;MHHHHHHSSGVDLGTENLYFQSMKITRVTVTPIAFRDPPLLNASGIHEPFALRSIIEIESDNGYIGLGESYGDAPALAIQ
QQVQSQLIGLDPFNLNQLRRIVQTTVAAHKPASLAGAELAPGSHASKAVSNAYSAFEVAFLDLQARYLNVPLVDLLGGAV
RDEVPFSAYLFFKYAQHVDSPYKPDNWGEALNEQQIVAQAARMIEAYGFKSIKLKAGTLPPEHEVACIKALKKAFPGYPL
RIDPNGNWSLETSIRMAELLGDDLQYYEDPTPGLEGMAELHKRTGLPLATNMVVTDFDEFRRSVAQNSVQIVLADHHYWG
GLRDTQTLAKMCDTFGLGVSMHSNSHLGISLMAMAHVAAAVPNLDYACDTHYPWQEPDEEVIKGGKLPIVDGCVKITRAP
GLGLELDHDQLGKLHDQYLTCGIRQRDDVRQMQRYKPDWKALKPRF
;
_entity_poly.pdbx_strand_id   A,B,C,D
#
# COMPACT_ATOMS: atom_id res chain seq x y z
N GLN A 21 14.22 -16.89 -42.00
CA GLN A 21 13.14 -16.59 -42.99
C GLN A 21 11.88 -16.05 -42.31
N SER A 22 11.76 -14.72 -42.28
CA SER A 22 10.64 -14.03 -41.63
C SER A 22 9.35 -14.12 -42.44
N MET A 23 8.23 -14.27 -41.75
CA MET A 23 6.90 -14.21 -42.37
C MET A 23 6.63 -12.77 -42.83
N LYS A 24 6.00 -12.62 -44.01
CA LYS A 24 5.87 -11.31 -44.65
C LYS A 24 4.51 -11.05 -45.30
N ILE A 25 4.12 -9.77 -45.34
CA ILE A 25 2.85 -9.34 -45.92
C ILE A 25 2.96 -9.28 -47.44
N THR A 26 1.94 -9.83 -48.11
CA THR A 26 1.91 -9.83 -49.57
C THR A 26 0.79 -8.97 -50.16
N ARG A 27 -0.31 -8.88 -49.42
CA ARG A 27 -1.51 -8.23 -49.88
C ARG A 27 -2.13 -7.26 -48.87
N VAL A 28 -2.61 -6.12 -49.33
CA VAL A 28 -3.38 -5.18 -48.50
C VAL A 28 -4.60 -4.64 -49.25
N THR A 29 -5.76 -4.67 -48.61
CA THR A 29 -7.01 -4.27 -49.24
C THR A 29 -7.86 -3.37 -48.33
N VAL A 30 -7.85 -2.07 -48.64
CA VAL A 30 -8.66 -1.09 -47.95
C VAL A 30 -9.95 -0.89 -48.73
N THR A 31 -11.09 -1.02 -48.05
CA THR A 31 -12.37 -1.06 -48.73
C THR A 31 -13.42 -0.21 -48.00
N PRO A 32 -13.79 0.94 -48.61
CA PRO A 32 -14.83 1.82 -48.05
C PRO A 32 -16.24 1.25 -48.15
N ILE A 33 -17.07 1.52 -47.15
CA ILE A 33 -18.45 1.00 -47.10
C ILE A 33 -19.43 1.98 -46.44
N ALA A 34 -20.73 1.75 -46.67
CA ALA A 34 -21.75 2.54 -45.99
C ALA A 34 -22.91 1.68 -45.55
N PHE A 35 -23.48 2.01 -44.41
CA PHE A 35 -24.59 1.25 -43.87
C PHE A 35 -25.69 2.17 -43.38
N ARG A 36 -26.93 1.68 -43.46
CA ARG A 36 -28.08 2.46 -43.01
C ARG A 36 -27.88 2.89 -41.58
N ASP A 37 -28.15 4.17 -41.32
CA ASP A 37 -28.03 4.73 -40.00
C ASP A 37 -29.36 5.39 -39.68
N PRO A 38 -29.93 5.10 -38.51
CA PRO A 38 -31.18 5.74 -38.11
C PRO A 38 -31.05 7.26 -37.94
N PRO A 39 -32.18 7.98 -37.95
CA PRO A 39 -32.20 9.42 -37.66
C PRO A 39 -31.87 9.71 -36.19
N LEU A 40 -30.68 9.30 -35.76
CA LEU A 40 -30.27 9.48 -34.36
C LEU A 40 -29.88 10.92 -34.06
N LEU A 41 -30.51 11.49 -33.04
CA LEU A 41 -30.26 12.86 -32.60
C LEU A 41 -29.11 12.94 -31.61
N ASN A 42 -28.30 13.99 -31.74
CA ASN A 42 -27.22 14.26 -30.78
C ASN A 42 -27.00 15.76 -30.55
N ALA A 43 -25.94 16.11 -29.82
CA ALA A 43 -25.63 17.50 -29.48
C ALA A 43 -25.44 18.37 -30.73
N SER A 44 -24.65 17.88 -31.68
CA SER A 44 -24.31 18.55 -32.93
C SER A 44 -25.46 18.68 -33.93
N GLY A 45 -26.34 17.68 -33.94
CA GLY A 45 -27.50 17.70 -34.84
C GLY A 45 -28.18 16.35 -34.95
N ILE A 46 -28.01 15.70 -36.11
CA ILE A 46 -28.67 14.43 -36.41
C ILE A 46 -27.91 13.64 -37.45
N HIS A 47 -27.94 12.32 -37.29
CA HIS A 47 -27.27 11.41 -38.21
C HIS A 47 -27.86 11.49 -39.61
N GLU A 48 -26.99 11.25 -40.58
CA GLU A 48 -27.36 11.07 -41.98
C GLU A 48 -27.93 9.66 -42.17
N PRO A 49 -28.81 9.46 -43.18
CA PRO A 49 -29.35 8.11 -43.42
C PRO A 49 -28.27 7.06 -43.71
N PHE A 50 -27.04 7.50 -43.97
CA PHE A 50 -25.91 6.58 -44.10
C PHE A 50 -24.73 7.00 -43.24
N ALA A 51 -23.87 6.03 -42.93
CA ALA A 51 -22.65 6.26 -42.16
C ALA A 51 -21.53 5.45 -42.78
N LEU A 52 -20.32 6.01 -42.75
CA LEU A 52 -19.17 5.46 -43.47
C LEU A 52 -18.23 4.68 -42.56
N ARG A 53 -17.35 3.90 -43.18
CA ARG A 53 -16.43 3.00 -42.47
C ARG A 53 -15.49 2.41 -43.50
N SER A 54 -14.30 1.99 -43.06
CA SER A 54 -13.36 1.33 -43.95
C SER A 54 -12.93 -0.03 -43.39
N ILE A 55 -12.80 -1.02 -44.28
CA ILE A 55 -12.46 -2.39 -43.91
C ILE A 55 -11.08 -2.72 -44.47
N ILE A 56 -10.21 -3.21 -43.59
CA ILE A 56 -8.84 -3.55 -43.96
C ILE A 56 -8.64 -5.06 -44.02
N GLU A 57 -8.06 -5.54 -45.13
CA GLU A 57 -7.65 -6.93 -45.28
C GLU A 57 -6.14 -7.01 -45.43
N ILE A 58 -5.51 -7.86 -44.61
CA ILE A 58 -4.09 -8.14 -44.77
C ILE A 58 -3.94 -9.63 -45.09
N GLU A 59 -2.93 -9.95 -45.91
CA GLU A 59 -2.62 -11.33 -46.23
C GLU A 59 -1.12 -11.52 -46.21
N SER A 60 -0.70 -12.72 -45.79
CA SER A 60 0.70 -13.06 -45.65
C SER A 60 1.12 -14.08 -46.70
N ASP A 61 2.43 -14.26 -46.87
CA ASP A 61 2.98 -15.23 -47.84
C ASP A 61 2.57 -16.69 -47.58
N ASN A 62 2.16 -16.99 -46.35
CA ASN A 62 1.71 -18.33 -45.96
C ASN A 62 0.18 -18.44 -45.79
N GLY A 63 -0.55 -17.52 -46.42
CA GLY A 63 -2.01 -17.63 -46.51
C GLY A 63 -2.84 -17.22 -45.30
N TYR A 64 -2.22 -16.62 -44.29
CA TYR A 64 -2.99 -16.13 -43.13
C TYR A 64 -3.53 -14.72 -43.36
N ILE A 65 -4.74 -14.47 -42.86
CA ILE A 65 -5.46 -13.22 -43.10
C ILE A 65 -5.78 -12.45 -41.81
N GLY A 66 -5.28 -11.21 -41.72
CA GLY A 66 -5.60 -10.29 -40.62
C GLY A 66 -6.57 -9.20 -41.03
N LEU A 67 -7.55 -8.92 -40.17
CA LEU A 67 -8.63 -7.96 -40.46
C LEU A 67 -8.57 -6.67 -39.66
N GLY A 68 -9.12 -5.60 -40.24
CA GLY A 68 -9.23 -4.28 -39.60
C GLY A 68 -10.50 -3.51 -39.94
N GLU A 69 -10.88 -2.59 -39.07
CA GLU A 69 -12.03 -1.71 -39.29
C GLU A 69 -11.65 -0.32 -38.76
N SER A 70 -11.97 0.73 -39.54
CA SER A 70 -11.61 2.10 -39.14
C SER A 70 -12.59 3.16 -39.65
N TYR A 71 -12.12 4.41 -39.69
CA TYR A 71 -12.96 5.54 -40.08
C TYR A 71 -13.10 5.63 -41.60
N GLY A 72 -14.30 6.00 -42.06
CA GLY A 72 -14.64 5.95 -43.48
C GLY A 72 -14.80 7.28 -44.20
N ASP A 73 -14.47 8.37 -43.52
CA ASP A 73 -14.50 9.70 -44.11
C ASP A 73 -13.37 9.83 -45.13
N ALA A 74 -13.58 10.69 -46.12
CA ALA A 74 -12.62 10.85 -47.21
C ALA A 74 -11.16 11.03 -46.79
N PRO A 75 -10.86 11.98 -45.85
CA PRO A 75 -9.46 12.21 -45.46
C PRO A 75 -8.78 11.03 -44.75
N ALA A 76 -9.56 10.23 -44.02
CA ALA A 76 -9.03 9.03 -43.37
C ALA A 76 -8.65 7.98 -44.41
N LEU A 77 -9.60 7.67 -45.30
CA LEU A 77 -9.36 6.78 -46.45
C LEU A 77 -8.06 7.13 -47.17
N ALA A 78 -7.93 8.40 -47.54
CA ALA A 78 -6.77 8.92 -48.26
C ALA A 78 -5.47 8.55 -47.55
N ILE A 79 -5.48 8.66 -46.23
CA ILE A 79 -4.33 8.29 -45.40
C ILE A 79 -4.11 6.78 -45.41
N GLN A 80 -5.18 6.02 -45.15
CA GLN A 80 -5.12 4.55 -45.19
C GLN A 80 -4.56 4.07 -46.53
N GLN A 81 -5.09 4.60 -47.63
CA GLN A 81 -4.63 4.26 -48.99
C GLN A 81 -3.14 4.55 -49.19
N GLN A 82 -2.71 5.75 -48.81
CA GLN A 82 -1.30 6.14 -48.86
C GLN A 82 -0.37 5.14 -48.15
N VAL A 83 -0.77 4.73 -46.95
CA VAL A 83 0.03 3.81 -46.15
C VAL A 83 -0.01 2.38 -46.70
N GLN A 84 -1.22 1.96 -47.11
CA GLN A 84 -1.45 0.64 -47.72
C GLN A 84 -0.31 0.17 -48.63
N SER A 85 0.06 1.01 -49.59
CA SER A 85 1.09 0.69 -50.58
C SER A 85 2.46 0.40 -49.97
N GLN A 86 2.76 1.04 -48.85
CA GLN A 86 4.07 0.90 -48.20
C GLN A 86 4.25 -0.41 -47.43
N LEU A 87 3.14 -1.10 -47.17
CA LEU A 87 3.10 -2.26 -46.28
C LEU A 87 3.63 -3.58 -46.85
N ILE A 88 3.45 -3.79 -48.15
CA ILE A 88 3.85 -5.03 -48.84
C ILE A 88 5.31 -5.42 -48.57
N GLY A 89 5.51 -6.68 -48.19
CA GLY A 89 6.86 -7.22 -47.99
C GLY A 89 7.53 -6.90 -46.67
N LEU A 90 6.72 -6.58 -45.66
CA LEU A 90 7.25 -6.21 -44.35
C LEU A 90 6.79 -7.15 -43.25
N ASP A 91 7.64 -7.29 -42.23
CA ASP A 91 7.45 -8.17 -41.08
C ASP A 91 6.30 -7.65 -40.17
N PRO A 92 5.18 -8.40 -40.13
CA PRO A 92 3.98 -7.98 -39.38
C PRO A 92 4.15 -7.96 -37.84
N PHE A 93 5.29 -8.44 -37.36
CA PHE A 93 5.65 -8.31 -35.95
C PHE A 93 6.31 -6.97 -35.70
N ASN A 94 6.99 -6.44 -36.72
CA ASN A 94 7.66 -5.15 -36.61
C ASN A 94 6.69 -3.99 -36.67
N LEU A 95 5.96 -3.81 -35.57
CA LEU A 95 4.98 -2.73 -35.44
C LEU A 95 5.64 -1.37 -35.26
N ASN A 96 6.86 -1.35 -34.71
CA ASN A 96 7.64 -0.11 -34.61
C ASN A 96 8.02 0.47 -35.99
N GLN A 97 8.29 -0.42 -36.95
CA GLN A 97 8.44 -0.05 -38.35
C GLN A 97 7.13 0.55 -38.85
N LEU A 98 6.03 -0.17 -38.67
CA LEU A 98 4.69 0.33 -39.05
C LEU A 98 4.37 1.73 -38.51
N ARG A 99 4.81 2.03 -37.29
CA ARG A 99 4.63 3.34 -36.70
C ARG A 99 5.44 4.41 -37.43
N ARG A 100 6.74 4.14 -37.65
CA ARG A 100 7.61 5.09 -38.33
C ARG A 100 7.11 5.41 -39.74
N ILE A 101 6.53 4.41 -40.38
CA ILE A 101 5.94 4.55 -41.72
C ILE A 101 4.72 5.47 -41.70
N VAL A 102 3.78 5.23 -40.77
CA VAL A 102 2.59 6.06 -40.64
C VAL A 102 2.95 7.52 -40.35
N GLN A 103 4.00 7.74 -39.56
CA GLN A 103 4.46 9.08 -39.22
C GLN A 103 5.02 9.82 -40.44
N THR A 104 5.83 9.13 -41.24
CA THR A 104 6.42 9.70 -42.46
C THR A 104 5.34 10.12 -43.46
N THR A 105 4.34 9.26 -43.61
CA THR A 105 3.22 9.49 -44.50
C THR A 105 2.39 10.71 -44.09
N VAL A 106 2.03 10.79 -42.80
CA VAL A 106 1.26 11.91 -42.27
C VAL A 106 2.03 13.23 -42.37
N ALA A 107 3.34 13.17 -42.14
CA ALA A 107 4.22 14.33 -42.29
C ALA A 107 4.18 14.91 -43.71
N ALA A 108 3.92 14.05 -44.70
CA ALA A 108 3.82 14.44 -46.10
C ALA A 108 2.36 14.69 -46.52
N HIS A 109 1.59 15.29 -45.61
CA HIS A 109 0.17 15.53 -45.86
C HIS A 109 -0.34 16.76 -45.10
N LYS A 110 -1.00 17.65 -45.83
CA LYS A 110 -1.65 18.83 -45.23
C LYS A 110 -2.90 18.39 -44.47
N PRO A 111 -3.23 19.11 -43.37
CA PRO A 111 -4.43 18.78 -42.58
C PRO A 111 -5.66 18.54 -43.45
N ALA A 112 -6.04 19.55 -44.24
CA ALA A 112 -7.24 19.49 -45.08
C ALA A 112 -8.51 19.22 -44.26
N SER A 113 -8.63 19.95 -43.15
CA SER A 113 -9.86 19.99 -42.35
C SER A 113 -9.85 21.24 -41.47
N LEU A 114 -11.00 21.88 -41.37
CA LEU A 114 -11.16 23.02 -40.48
C LEU A 114 -11.45 22.53 -39.06
N ALA A 115 -10.80 23.15 -38.09
CA ALA A 115 -10.81 22.70 -36.70
C ALA A 115 -12.18 22.82 -36.03
N GLY A 116 -12.98 23.78 -36.48
CA GLY A 116 -14.31 23.99 -35.92
C GLY A 116 -15.24 22.83 -36.20
N ALA A 117 -14.97 22.10 -37.28
CA ALA A 117 -15.84 21.00 -37.73
C ALA A 117 -15.39 19.60 -37.28
N GLU A 118 -14.37 19.55 -36.43
CA GLU A 118 -13.87 18.29 -35.91
C GLU A 118 -14.65 17.90 -34.65
N LEU A 119 -15.83 17.31 -34.84
CA LEU A 119 -16.80 17.13 -33.77
C LEU A 119 -17.05 15.67 -33.39
N ALA A 120 -16.68 14.75 -34.29
CA ALA A 120 -16.91 13.33 -34.07
C ALA A 120 -15.67 12.65 -33.49
N PRO A 121 -15.86 11.55 -32.74
CA PRO A 121 -14.75 10.76 -32.22
C PRO A 121 -13.66 10.52 -33.26
N GLY A 122 -12.43 10.89 -32.94
CA GLY A 122 -11.27 10.65 -33.81
C GLY A 122 -11.03 11.66 -34.95
N SER A 123 -11.88 12.68 -35.06
CA SER A 123 -11.80 13.61 -36.21
C SER A 123 -10.65 14.64 -36.15
N HIS A 124 -10.05 14.83 -34.98
CA HIS A 124 -9.05 15.89 -34.79
C HIS A 124 -7.81 15.63 -35.64
N ALA A 125 -7.23 16.69 -36.19
CA ALA A 125 -6.04 16.57 -37.06
C ALA A 125 -4.87 15.91 -36.36
N SER A 126 -4.71 16.19 -35.07
CA SER A 126 -3.66 15.57 -34.26
C SER A 126 -3.77 14.03 -34.21
N LYS A 127 -4.97 13.50 -34.45
CA LYS A 127 -5.22 12.05 -34.39
C LYS A 127 -4.76 11.28 -35.62
N ALA A 128 -4.20 12.00 -36.60
CA ALA A 128 -3.86 11.41 -37.91
C ALA A 128 -2.98 10.16 -37.79
N VAL A 129 -1.82 10.32 -37.16
CA VAL A 129 -0.91 9.21 -36.94
C VAL A 129 -1.59 8.08 -36.15
N SER A 130 -2.31 8.42 -35.09
CA SER A 130 -2.94 7.44 -34.20
C SER A 130 -4.07 6.63 -34.85
N ASN A 131 -4.96 7.31 -35.57
CA ASN A 131 -6.05 6.65 -36.29
C ASN A 131 -5.54 5.67 -37.34
N ALA A 132 -4.53 6.09 -38.10
CA ALA A 132 -3.97 5.28 -39.17
C ALA A 132 -3.15 4.10 -38.63
N TYR A 133 -2.40 4.34 -37.55
CA TYR A 133 -1.65 3.26 -36.91
C TYR A 133 -2.62 2.21 -36.37
N SER A 134 -3.60 2.67 -35.59
CA SER A 134 -4.60 1.78 -35.01
C SER A 134 -5.32 0.92 -36.05
N ALA A 135 -5.62 1.50 -37.22
CA ALA A 135 -6.35 0.81 -38.27
C ALA A 135 -5.63 -0.47 -38.71
N PHE A 136 -4.32 -0.35 -38.94
CA PHE A 136 -3.50 -1.47 -39.38
C PHE A 136 -2.95 -2.32 -38.24
N GLU A 137 -2.63 -1.68 -37.10
CA GLU A 137 -2.14 -2.40 -35.91
C GLU A 137 -3.03 -3.59 -35.58
N VAL A 138 -4.34 -3.37 -35.54
CA VAL A 138 -5.32 -4.43 -35.28
C VAL A 138 -5.14 -5.58 -36.28
N ALA A 139 -5.07 -5.25 -37.56
CA ALA A 139 -4.91 -6.26 -38.62
C ALA A 139 -3.59 -7.01 -38.51
N PHE A 140 -2.51 -6.28 -38.21
CA PHE A 140 -1.20 -6.87 -37.93
C PHE A 140 -1.22 -7.87 -36.77
N LEU A 141 -2.00 -7.57 -35.74
CA LEU A 141 -2.10 -8.44 -34.57
C LEU A 141 -3.04 -9.61 -34.83
N ASP A 142 -4.17 -9.32 -35.48
CA ASP A 142 -5.08 -10.36 -35.94
C ASP A 142 -4.36 -11.35 -36.84
N LEU A 143 -3.40 -10.84 -37.61
CA LEU A 143 -2.56 -11.68 -38.45
C LEU A 143 -1.73 -12.62 -37.60
N GLN A 144 -0.93 -12.03 -36.70
CA GLN A 144 -0.08 -12.78 -35.78
C GLN A 144 -0.84 -13.89 -35.07
N ALA A 145 -2.06 -13.57 -34.64
CA ALA A 145 -2.91 -14.49 -33.88
C ALA A 145 -3.40 -15.67 -34.71
N ARG A 146 -3.70 -15.43 -35.99
CA ARG A 146 -4.10 -16.48 -36.92
C ARG A 146 -2.94 -17.46 -37.20
N TYR A 147 -1.74 -16.90 -37.36
CA TYR A 147 -0.51 -17.66 -37.58
C TYR A 147 -0.10 -18.48 -36.34
N LEU A 148 -0.40 -17.94 -35.16
CA LEU A 148 -0.15 -18.63 -33.91
C LEU A 148 -1.30 -19.52 -33.47
N ASN A 149 -2.44 -19.39 -34.14
CA ASN A 149 -3.63 -20.21 -33.88
C ASN A 149 -4.29 -19.87 -32.53
N VAL A 150 -3.76 -18.82 -31.87
CA VAL A 150 -4.27 -18.38 -30.57
C VAL A 150 -5.22 -17.19 -30.73
N PRO A 151 -6.18 -17.02 -29.79
CA PRO A 151 -7.02 -15.82 -29.86
C PRO A 151 -6.19 -14.57 -29.64
N LEU A 152 -6.65 -13.43 -30.16
CA LEU A 152 -5.83 -12.21 -30.17
C LEU A 152 -5.40 -11.84 -28.76
N VAL A 153 -6.36 -11.88 -27.82
CA VAL A 153 -6.13 -11.57 -26.42
C VAL A 153 -4.85 -12.19 -25.82
N ASP A 154 -4.45 -13.35 -26.33
CA ASP A 154 -3.26 -14.06 -25.84
C ASP A 154 -1.96 -13.34 -26.19
N LEU A 155 -1.97 -12.61 -27.29
CA LEU A 155 -0.86 -11.73 -27.68
C LEU A 155 -0.71 -10.59 -26.69
N LEU A 156 -1.83 -10.22 -26.08
CA LEU A 156 -1.86 -9.10 -25.14
C LEU A 156 -1.76 -9.55 -23.68
N GLY A 157 -1.19 -10.75 -23.45
CA GLY A 157 -0.97 -11.28 -22.10
C GLY A 157 -2.02 -12.24 -21.53
N GLY A 158 -3.09 -12.50 -22.27
CA GLY A 158 -4.13 -13.44 -21.86
C GLY A 158 -5.40 -12.82 -21.32
N ALA A 159 -6.50 -13.57 -21.39
CA ALA A 159 -7.82 -13.06 -21.00
C ALA A 159 -8.05 -13.06 -19.49
N VAL A 160 -8.30 -11.88 -18.93
CA VAL A 160 -8.68 -11.72 -17.53
C VAL A 160 -10.13 -12.17 -17.32
N ARG A 161 -10.98 -11.87 -18.32
CA ARG A 161 -12.36 -12.31 -18.34
C ARG A 161 -12.64 -12.94 -19.71
N ASP A 162 -13.65 -13.81 -19.78
CA ASP A 162 -14.05 -14.48 -21.02
CA ASP A 162 -14.03 -14.45 -21.04
C ASP A 162 -15.32 -13.83 -21.59
N GLU A 163 -15.87 -12.88 -20.84
CA GLU A 163 -17.05 -12.14 -21.24
C GLU A 163 -16.86 -10.66 -20.91
N VAL A 164 -17.20 -9.79 -21.87
CA VAL A 164 -17.05 -8.35 -21.72
C VAL A 164 -18.42 -7.68 -21.68
N PRO A 165 -18.76 -7.04 -20.55
CA PRO A 165 -20.09 -6.43 -20.42
C PRO A 165 -20.23 -5.16 -21.27
N PHE A 166 -21.46 -4.83 -21.64
CA PHE A 166 -21.77 -3.65 -22.44
C PHE A 166 -23.07 -3.05 -21.98
N SER A 167 -23.27 -1.77 -22.26
CA SER A 167 -24.52 -1.12 -21.93
C SER A 167 -25.42 -1.00 -23.15
N ALA A 168 -26.67 -0.64 -22.90
CA ALA A 168 -27.58 -0.28 -23.96
C ALA A 168 -27.39 1.21 -24.23
N TYR A 169 -26.95 1.55 -25.45
CA TYR A 169 -26.77 2.94 -25.83
C TYR A 169 -28.05 3.54 -26.45
N LEU A 170 -28.78 4.29 -25.63
CA LEU A 170 -30.05 4.90 -26.02
C LEU A 170 -29.92 6.28 -26.66
N PHE A 171 -30.73 6.51 -27.68
CA PHE A 171 -30.77 7.79 -28.40
C PHE A 171 -32.19 8.30 -28.52
N PHE A 172 -32.35 9.61 -28.49
CA PHE A 172 -33.55 10.22 -29.03
C PHE A 172 -33.43 10.14 -30.55
N LYS A 173 -34.56 9.97 -31.23
CA LYS A 173 -34.58 9.87 -32.69
C LYS A 173 -35.91 10.35 -33.24
N TYR A 174 -35.90 10.76 -34.51
CA TYR A 174 -37.14 11.01 -35.26
C TYR A 174 -37.62 9.66 -35.82
N ALA A 175 -38.90 9.61 -36.19
CA ALA A 175 -39.48 8.41 -36.78
C ALA A 175 -38.77 8.02 -38.09
N GLN A 176 -38.40 9.03 -38.87
CA GLN A 176 -37.80 8.79 -40.19
C GLN A 176 -36.87 9.93 -40.61
N HIS A 177 -35.91 9.59 -41.46
CA HIS A 177 -35.12 10.57 -42.18
C HIS A 177 -35.99 11.38 -43.14
N VAL A 178 -35.78 12.69 -43.15
CA VAL A 178 -36.40 13.59 -44.15
C VAL A 178 -36.06 13.08 -45.56
N ASP A 179 -37.06 13.11 -46.45
CA ASP A 179 -36.90 12.61 -47.83
C ASP A 179 -36.00 11.39 -47.87
N SER A 180 -36.42 10.34 -47.14
CA SER A 180 -35.63 9.13 -46.94
C SER A 180 -35.53 8.30 -48.22
N PRO A 181 -34.31 7.78 -48.53
CA PRO A 181 -34.06 6.98 -49.72
C PRO A 181 -34.27 5.46 -49.51
N TYR A 182 -35.02 5.11 -48.46
CA TYR A 182 -35.40 3.72 -48.14
C TYR A 182 -36.52 3.70 -47.09
N LYS A 183 -37.01 2.50 -46.77
CA LYS A 183 -38.06 2.35 -45.76
C LYS A 183 -37.56 2.80 -44.39
N PRO A 184 -38.41 3.51 -43.62
CA PRO A 184 -38.09 3.86 -42.24
C PRO A 184 -37.72 2.64 -41.37
N ASP A 185 -36.79 2.85 -40.43
CA ASP A 185 -36.35 1.81 -39.49
C ASP A 185 -37.53 1.37 -38.62
N ASN A 186 -37.42 0.18 -38.03
CA ASN A 186 -38.51 -0.38 -37.20
C ASN A 186 -38.63 0.21 -35.78
N TRP A 187 -37.66 1.02 -35.37
CA TRP A 187 -37.60 1.59 -34.01
C TRP A 187 -38.71 2.60 -33.70
N GLY A 188 -39.15 3.35 -34.72
CA GLY A 188 -40.10 4.44 -34.50
C GLY A 188 -39.42 5.64 -33.84
N GLU A 189 -40.21 6.65 -33.48
CA GLU A 189 -39.65 7.85 -32.90
C GLU A 189 -39.42 7.70 -31.40
N ALA A 190 -38.52 8.52 -30.88
CA ALA A 190 -38.18 8.50 -29.46
C ALA A 190 -37.87 9.93 -29.00
N LEU A 191 -38.89 10.59 -28.45
CA LEU A 191 -38.80 11.98 -28.06
C LEU A 191 -39.48 12.23 -26.71
N ASN A 192 -39.96 11.17 -26.07
CA ASN A 192 -40.43 11.25 -24.69
C ASN A 192 -40.07 10.02 -23.85
N GLU A 193 -40.33 10.13 -22.54
CA GLU A 193 -39.94 9.09 -21.58
C GLU A 193 -40.50 7.73 -21.95
N GLN A 194 -41.78 7.71 -22.34
CA GLN A 194 -42.46 6.49 -22.78
C GLN A 194 -41.74 5.78 -23.92
N GLN A 195 -41.35 6.54 -24.95
CA GLN A 195 -40.74 5.99 -26.15
C GLN A 195 -39.30 5.55 -25.90
N ILE A 196 -38.63 6.23 -24.99
CA ILE A 196 -37.25 5.88 -24.59
C ILE A 196 -37.23 4.62 -23.73
N VAL A 197 -38.11 4.57 -22.72
CA VAL A 197 -38.30 3.38 -21.87
C VAL A 197 -38.53 2.16 -22.76
N ALA A 198 -39.47 2.30 -23.70
CA ALA A 198 -39.76 1.28 -24.69
C ALA A 198 -38.54 0.91 -25.53
N GLN A 199 -37.73 1.89 -25.89
CA GLN A 199 -36.55 1.64 -26.72
C GLN A 199 -35.52 0.80 -25.96
N ALA A 200 -35.34 1.13 -24.68
CA ALA A 200 -34.43 0.36 -23.80
C ALA A 200 -34.94 -1.07 -23.62
N ALA A 201 -36.23 -1.19 -23.28
CA ALA A 201 -36.87 -2.49 -23.14
C ALA A 201 -36.56 -3.39 -24.34
N ARG A 202 -36.72 -2.85 -25.55
CA ARG A 202 -36.41 -3.59 -26.76
C ARG A 202 -34.99 -4.13 -26.74
N MET A 203 -34.05 -3.28 -26.33
CA MET A 203 -32.63 -3.64 -26.31
C MET A 203 -32.29 -4.65 -25.22
N ILE A 204 -32.83 -4.41 -24.03
CA ILE A 204 -32.65 -5.31 -22.88
C ILE A 204 -33.22 -6.70 -23.16
N GLU A 205 -34.44 -6.76 -23.69
CA GLU A 205 -35.05 -8.01 -24.14
C GLU A 205 -34.16 -8.75 -25.15
N ALA A 206 -33.64 -8.04 -26.14
CA ALA A 206 -32.93 -8.66 -27.26
C ALA A 206 -31.50 -9.06 -26.92
N TYR A 207 -30.86 -8.33 -26.01
CA TYR A 207 -29.42 -8.48 -25.79
C TYR A 207 -29.01 -8.72 -24.35
N GLY A 208 -29.90 -8.38 -23.41
CA GLY A 208 -29.66 -8.60 -21.99
C GLY A 208 -28.66 -7.67 -21.33
N PHE A 209 -28.61 -6.42 -21.79
CA PHE A 209 -27.72 -5.40 -21.20
C PHE A 209 -28.09 -5.14 -19.74
N LYS A 210 -27.08 -5.02 -18.89
CA LYS A 210 -27.29 -4.81 -17.45
C LYS A 210 -27.08 -3.37 -16.99
N SER A 211 -26.75 -2.50 -17.95
CA SER A 211 -26.57 -1.06 -17.67
C SER A 211 -27.05 -0.21 -18.85
N ILE A 212 -27.37 1.05 -18.58
CA ILE A 212 -27.91 1.94 -19.62
C ILE A 212 -27.16 3.29 -19.75
N LYS A 213 -26.80 3.64 -20.99
CA LYS A 213 -26.28 4.98 -21.30
C LYS A 213 -27.19 5.74 -22.28
N LEU A 214 -27.66 6.91 -21.87
CA LEU A 214 -28.45 7.77 -22.74
C LEU A 214 -27.60 8.87 -23.44
N LYS A 215 -27.71 8.96 -24.75
CA LYS A 215 -27.12 10.07 -25.51
C LYS A 215 -27.92 11.34 -25.28
N ALA A 216 -27.33 12.30 -24.57
CA ALA A 216 -28.06 13.49 -24.14
C ALA A 216 -27.59 14.79 -24.79
N GLY A 217 -27.85 15.91 -24.12
CA GLY A 217 -27.57 17.24 -24.65
C GLY A 217 -28.19 17.43 -26.02
N THR A 218 -29.41 16.91 -26.18
CA THR A 218 -30.11 16.97 -27.45
C THR A 218 -31.49 17.61 -27.27
N LEU A 219 -32.21 17.18 -26.25
CA LEU A 219 -33.50 17.77 -25.91
C LEU A 219 -33.36 18.65 -24.66
N PRO A 220 -34.36 19.49 -24.36
CA PRO A 220 -34.24 20.31 -23.15
C PRO A 220 -33.78 19.48 -21.94
N PRO A 221 -32.81 20.01 -21.17
CA PRO A 221 -32.21 19.20 -20.11
C PRO A 221 -33.21 18.74 -19.02
N GLU A 222 -34.18 19.58 -18.66
CA GLU A 222 -35.27 19.15 -17.77
C GLU A 222 -36.05 17.95 -18.33
N HIS A 223 -36.26 17.96 -19.65
CA HIS A 223 -36.98 16.86 -20.29
C HIS A 223 -36.15 15.60 -20.25
N GLU A 224 -34.85 15.73 -20.48
CA GLU A 224 -33.96 14.58 -20.50
C GLU A 224 -33.81 13.98 -19.10
N VAL A 225 -33.79 14.83 -18.06
CA VAL A 225 -33.76 14.40 -16.66
C VAL A 225 -34.99 13.52 -16.36
N ALA A 226 -36.17 13.99 -16.74
CA ALA A 226 -37.42 13.23 -16.60
C ALA A 226 -37.37 11.85 -17.31
N CYS A 227 -36.66 11.78 -18.43
CA CYS A 227 -36.48 10.51 -19.15
C CYS A 227 -35.58 9.55 -18.38
N ILE A 228 -34.64 10.09 -17.62
CA ILE A 228 -33.79 9.26 -16.76
C ILE A 228 -34.59 8.71 -15.59
N LYS A 229 -35.37 9.57 -14.94
CA LYS A 229 -36.29 9.17 -13.86
C LYS A 229 -37.14 7.98 -14.29
N ALA A 230 -37.80 8.13 -15.45
CA ALA A 230 -38.66 7.09 -16.01
C ALA A 230 -37.90 5.79 -16.26
N LEU A 231 -36.65 5.90 -16.72
CA LEU A 231 -35.79 4.74 -16.90
C LEU A 231 -35.39 4.07 -15.59
N LYS A 232 -35.18 4.88 -14.55
CA LYS A 232 -34.83 4.39 -13.20
C LYS A 232 -36.05 3.70 -12.58
N LYS A 233 -37.22 4.31 -12.79
CA LYS A 233 -38.49 3.73 -12.36
C LYS A 233 -38.75 2.42 -13.08
N ALA A 234 -38.58 2.41 -14.40
CA ALA A 234 -38.82 1.21 -15.20
C ALA A 234 -37.80 0.11 -14.93
N PHE A 235 -36.57 0.52 -14.63
CA PHE A 235 -35.48 -0.43 -14.41
C PHE A 235 -34.68 -0.05 -13.17
N PRO A 236 -35.01 -0.67 -12.02
CA PRO A 236 -34.21 -0.47 -10.81
C PRO A 236 -32.99 -1.37 -10.83
N GLY A 237 -31.94 -0.98 -10.09
CA GLY A 237 -30.70 -1.75 -10.05
C GLY A 237 -29.96 -1.78 -11.38
N TYR A 238 -30.46 -1.02 -12.35
CA TYR A 238 -29.76 -0.79 -13.61
C TYR A 238 -28.92 0.48 -13.46
N PRO A 239 -27.58 0.35 -13.56
CA PRO A 239 -26.72 1.54 -13.48
C PRO A 239 -27.00 2.47 -14.68
N LEU A 240 -27.24 3.74 -14.40
CA LEU A 240 -27.58 4.72 -15.44
C LEU A 240 -26.50 5.77 -15.66
N ARG A 241 -26.22 6.05 -16.93
CA ARG A 241 -25.21 7.03 -17.35
C ARG A 241 -25.75 7.91 -18.49
N ILE A 242 -25.21 9.14 -18.61
CA ILE A 242 -25.53 10.04 -19.74
C ILE A 242 -24.31 10.68 -20.37
N ASP A 243 -24.42 10.98 -21.66
CA ASP A 243 -23.39 11.71 -22.40
C ASP A 243 -23.99 12.93 -23.08
N PRO A 244 -24.00 14.09 -22.38
CA PRO A 244 -24.51 15.30 -23.04
C PRO A 244 -23.52 15.95 -24.03
N ASN A 245 -22.40 15.29 -24.31
CA ASN A 245 -21.39 15.79 -25.26
C ASN A 245 -21.03 17.28 -25.05
N GLY A 246 -20.81 17.64 -23.80
CA GLY A 246 -20.42 18.99 -23.42
C GLY A 246 -21.43 20.06 -23.76
N ASN A 247 -22.70 19.68 -23.90
CA ASN A 247 -23.70 20.66 -24.33
C ASN A 247 -24.41 21.39 -23.21
N TRP A 248 -23.92 21.19 -21.99
CA TRP A 248 -24.45 21.96 -20.84
C TRP A 248 -23.42 22.92 -20.28
N SER A 249 -23.84 24.16 -20.04
CA SER A 249 -23.01 25.09 -19.29
C SER A 249 -22.77 24.50 -17.90
N LEU A 250 -21.77 25.03 -17.22
CA LEU A 250 -21.50 24.70 -15.84
C LEU A 250 -22.76 24.83 -14.95
N GLU A 251 -23.45 25.96 -15.06
CA GLU A 251 -24.65 26.26 -14.24
C GLU A 251 -25.79 25.29 -14.49
N THR A 252 -25.98 24.92 -15.76
CA THR A 252 -26.96 23.92 -16.16
C THR A 252 -26.60 22.56 -15.61
N SER A 253 -25.35 22.15 -15.81
CA SER A 253 -24.83 20.90 -15.30
C SER A 253 -25.10 20.78 -13.79
N ILE A 254 -24.87 21.88 -13.08
CA ILE A 254 -25.11 21.93 -11.65
C ILE A 254 -26.60 21.78 -11.32
N ARG A 255 -27.46 22.51 -12.04
CA ARG A 255 -28.92 22.45 -11.82
C ARG A 255 -29.47 21.06 -12.09
N MET A 256 -28.93 20.40 -13.11
CA MET A 256 -29.35 19.04 -13.45
C MET A 256 -28.91 18.03 -12.39
N ALA A 257 -27.66 18.15 -11.94
CA ALA A 257 -27.15 17.35 -10.82
C ALA A 257 -28.07 17.39 -9.61
N GLU A 258 -28.60 18.57 -9.30
CA GLU A 258 -29.54 18.75 -8.20
C GLU A 258 -30.82 17.96 -8.42
N LEU A 259 -31.39 18.07 -9.62
CA LEU A 259 -32.63 17.36 -9.96
C LEU A 259 -32.47 15.84 -10.03
N LEU A 260 -31.26 15.37 -10.36
CA LEU A 260 -31.03 13.94 -10.52
C LEU A 260 -30.62 13.22 -9.22
N GLY A 261 -30.15 13.99 -8.23
CA GLY A 261 -29.70 13.44 -6.95
C GLY A 261 -28.57 12.43 -7.09
N ASP A 262 -28.93 11.15 -7.03
CA ASP A 262 -27.96 10.07 -7.26
C ASP A 262 -28.51 9.00 -8.20
N ASP A 263 -29.45 9.40 -9.05
CA ASP A 263 -30.02 8.51 -10.07
C ASP A 263 -28.97 7.96 -11.03
N LEU A 264 -27.81 8.64 -11.12
CA LEU A 264 -26.77 8.28 -12.09
C LEU A 264 -25.52 7.65 -11.49
N GLN A 265 -25.02 6.60 -12.15
CA GLN A 265 -23.71 6.03 -11.83
C GLN A 265 -22.57 7.02 -12.12
N TYR A 266 -22.58 7.61 -13.32
CA TYR A 266 -21.64 8.68 -13.69
C TYR A 266 -22.17 9.60 -14.80
N TYR A 267 -21.61 10.80 -14.88
CA TYR A 267 -21.92 11.76 -15.95
C TYR A 267 -20.72 11.81 -16.90
N GLU A 268 -20.94 11.48 -18.16
CA GLU A 268 -19.91 11.60 -19.20
C GLU A 268 -19.96 12.95 -19.89
N ASP A 269 -18.88 13.72 -19.82
CA ASP A 269 -18.80 15.03 -20.53
C ASP A 269 -20.08 15.86 -20.44
N PRO A 270 -20.52 16.18 -19.22
CA PRO A 270 -21.71 17.04 -19.21
C PRO A 270 -21.43 18.48 -19.64
N THR A 271 -20.19 18.93 -19.45
CA THR A 271 -19.81 20.34 -19.64
C THR A 271 -18.45 20.41 -20.37
N PRO A 272 -18.27 21.40 -21.26
CA PRO A 272 -17.07 21.31 -22.11
C PRO A 272 -15.76 21.75 -21.44
N GLY A 273 -14.64 21.20 -21.93
CA GLY A 273 -13.31 21.64 -21.50
C GLY A 273 -12.76 21.03 -20.21
N LEU A 274 -11.45 20.87 -20.17
CA LEU A 274 -10.77 20.42 -18.95
C LEU A 274 -11.11 21.26 -17.71
N GLU A 275 -11.15 22.57 -17.90
CA GLU A 275 -11.38 23.49 -16.79
C GLU A 275 -12.81 23.39 -16.25
N GLY A 276 -13.78 23.30 -17.16
CA GLY A 276 -15.19 23.18 -16.78
C GLY A 276 -15.50 21.89 -16.08
N MET A 277 -14.96 20.79 -16.61
CA MET A 277 -15.11 19.46 -16.00
C MET A 277 -14.51 19.42 -14.59
N ALA A 278 -13.32 19.99 -14.44
CA ALA A 278 -12.66 20.09 -13.13
C ALA A 278 -13.51 20.88 -12.14
N GLU A 279 -14.03 22.01 -12.60
CA GLU A 279 -14.80 22.91 -11.74
C GLU A 279 -16.08 22.22 -11.32
N LEU A 280 -16.72 21.54 -12.26
CA LEU A 280 -17.93 20.80 -11.99
C LEU A 280 -17.70 19.76 -10.89
N HIS A 281 -16.62 18.99 -11.04
CA HIS A 281 -16.28 17.99 -10.06
C HIS A 281 -16.07 18.63 -8.68
N LYS A 282 -15.22 19.65 -8.61
CA LYS A 282 -14.95 20.34 -7.34
C LYS A 282 -16.24 20.76 -6.67
N ARG A 283 -17.16 21.30 -7.46
CA ARG A 283 -18.37 21.90 -6.94
C ARG A 283 -19.43 20.89 -6.52
N THR A 284 -19.32 19.66 -7.02
CA THR A 284 -20.34 18.64 -6.77
C THR A 284 -19.79 17.36 -6.14
N GLY A 285 -18.55 17.02 -6.46
CA GLY A 285 -17.97 15.73 -6.08
C GLY A 285 -18.43 14.57 -6.96
N LEU A 286 -19.15 14.89 -8.03
CA LEU A 286 -19.68 13.86 -8.95
C LEU A 286 -18.62 13.15 -9.79
N PRO A 287 -18.86 11.85 -10.11
CA PRO A 287 -17.92 11.10 -10.95
C PRO A 287 -18.07 11.47 -12.42
N LEU A 288 -17.07 12.16 -12.96
CA LEU A 288 -17.11 12.60 -14.35
C LEU A 288 -16.27 11.72 -15.25
N ALA A 289 -16.89 11.30 -16.35
CA ALA A 289 -16.23 10.49 -17.36
C ALA A 289 -16.07 11.35 -18.61
N THR A 290 -15.13 10.95 -19.48
CA THR A 290 -14.92 11.69 -20.72
C THR A 290 -14.49 10.80 -21.89
N ASN A 291 -14.91 11.18 -23.09
CA ASN A 291 -14.14 10.84 -24.28
C ASN A 291 -14.00 12.06 -25.20
N MET A 292 -13.88 13.23 -24.58
CA MET A 292 -13.78 14.51 -25.29
C MET A 292 -12.58 15.31 -24.82
N VAL A 293 -12.39 15.41 -23.51
CA VAL A 293 -11.28 16.19 -22.97
C VAL A 293 -10.02 15.37 -22.69
N VAL A 294 -10.15 14.05 -22.73
CA VAL A 294 -8.98 13.18 -22.62
C VAL A 294 -9.09 12.15 -23.75
N THR A 295 -8.46 12.46 -24.87
CA THR A 295 -8.54 11.63 -26.08
C THR A 295 -7.15 11.24 -26.57
N ASP A 296 -6.11 11.73 -25.91
CA ASP A 296 -4.73 11.33 -26.24
C ASP A 296 -3.83 11.52 -25.02
N PHE A 297 -2.57 11.11 -25.14
CA PHE A 297 -1.68 11.06 -24.00
C PHE A 297 -1.31 12.43 -23.40
N ASP A 298 -1.24 13.45 -24.24
CA ASP A 298 -0.96 14.82 -23.77
C ASP A 298 -2.14 15.36 -22.98
N GLU A 299 -3.35 15.12 -23.49
CA GLU A 299 -4.57 15.50 -22.77
C GLU A 299 -4.67 14.80 -21.42
N PHE A 300 -4.22 13.55 -21.36
CA PHE A 300 -4.21 12.76 -20.12
C PHE A 300 -3.36 13.48 -19.07
N ARG A 301 -2.14 13.89 -19.46
CA ARG A 301 -1.21 14.63 -18.61
C ARG A 301 -1.82 15.93 -18.08
N ARG A 302 -2.45 16.69 -18.97
CA ARG A 302 -3.05 17.96 -18.57
C ARG A 302 -4.27 17.72 -17.67
N SER A 303 -5.01 16.64 -17.92
CA SER A 303 -6.17 16.32 -17.08
C SER A 303 -5.74 15.97 -15.67
N VAL A 304 -4.70 15.17 -15.58
CA VAL A 304 -4.20 14.68 -14.31
C VAL A 304 -3.67 15.82 -13.44
N ALA A 305 -3.17 16.87 -14.10
CA ALA A 305 -2.67 18.06 -13.41
C ALA A 305 -3.80 18.89 -12.81
N GLN A 306 -4.97 18.85 -13.43
CA GLN A 306 -6.13 19.66 -12.98
C GLN A 306 -7.16 18.83 -12.25
N ASN A 307 -6.99 17.51 -12.27
CA ASN A 307 -8.03 16.57 -11.82
C ASN A 307 -9.41 16.82 -12.46
N SER A 308 -9.44 16.91 -13.79
CA SER A 308 -10.67 17.22 -14.54
C SER A 308 -11.66 16.07 -14.62
N VAL A 309 -11.15 14.86 -14.81
CA VAL A 309 -11.99 13.69 -14.99
C VAL A 309 -11.57 12.54 -14.08
N GLN A 310 -12.55 11.72 -13.71
CA GLN A 310 -12.32 10.60 -12.81
C GLN A 310 -12.34 9.28 -13.57
N ILE A 311 -12.84 9.33 -14.82
CA ILE A 311 -13.01 8.13 -15.64
C ILE A 311 -12.70 8.43 -17.09
N VAL A 312 -11.83 7.62 -17.69
CA VAL A 312 -11.51 7.74 -19.10
C VAL A 312 -12.17 6.63 -19.90
N LEU A 313 -12.98 7.01 -20.88
CA LEU A 313 -13.51 6.05 -21.84
C LEU A 313 -12.54 5.91 -23.02
N ALA A 314 -11.74 4.87 -23.01
CA ALA A 314 -10.82 4.55 -24.10
C ALA A 314 -11.57 4.09 -25.35
N ASP A 315 -10.86 4.09 -26.48
CA ASP A 315 -11.40 3.75 -27.79
C ASP A 315 -10.18 3.46 -28.64
N HIS A 316 -9.99 2.19 -28.99
CA HIS A 316 -8.73 1.77 -29.59
C HIS A 316 -8.51 2.40 -30.95
N HIS A 317 -9.60 2.86 -31.56
CA HIS A 317 -9.55 3.42 -32.91
C HIS A 317 -8.71 4.67 -32.98
N TYR A 318 -8.87 5.56 -32.00
CA TYR A 318 -8.13 6.82 -32.04
C TYR A 318 -7.02 6.94 -31.02
N TRP A 319 -7.02 6.08 -30.01
CA TRP A 319 -5.92 6.10 -29.04
C TRP A 319 -4.64 5.47 -29.57
N GLY A 320 -4.74 4.82 -30.74
CA GLY A 320 -3.55 4.28 -31.39
C GLY A 320 -3.45 2.76 -31.41
N GLY A 321 -4.58 2.08 -31.24
CA GLY A 321 -4.59 0.62 -31.26
C GLY A 321 -4.69 -0.08 -29.92
N LEU A 322 -4.40 -1.37 -29.92
CA LEU A 322 -4.72 -2.23 -28.79
C LEU A 322 -3.68 -2.15 -27.68
N ARG A 323 -2.42 -2.15 -28.05
CA ARG A 323 -1.34 -2.06 -27.07
C ARG A 323 -1.28 -0.68 -26.41
N ASP A 324 -1.60 0.36 -27.17
CA ASP A 324 -1.64 1.73 -26.65
C ASP A 324 -2.79 1.88 -25.65
N THR A 325 -3.89 1.20 -25.95
CA THR A 325 -5.05 1.15 -25.04
C THR A 325 -4.71 0.47 -23.69
N GLN A 326 -3.82 -0.52 -23.72
CA GLN A 326 -3.37 -1.21 -22.51
C GLN A 326 -2.50 -0.27 -21.69
N THR A 327 -1.59 0.41 -22.38
CA THR A 327 -0.80 1.47 -21.77
C THR A 327 -1.72 2.48 -21.09
N LEU A 328 -2.73 2.95 -21.81
CA LEU A 328 -3.69 3.87 -21.21
C LEU A 328 -4.33 3.28 -19.94
N ALA A 329 -4.81 2.03 -20.03
CA ALA A 329 -5.47 1.41 -18.87
C ALA A 329 -4.56 1.39 -17.65
N LYS A 330 -3.30 1.02 -17.88
CA LYS A 330 -2.27 0.99 -16.85
C LYS A 330 -2.02 2.39 -16.27
N MET A 331 -2.07 3.40 -17.13
CA MET A 331 -1.86 4.78 -16.70
C MET A 331 -3.01 5.28 -15.85
N CYS A 332 -4.23 4.93 -16.25
CA CYS A 332 -5.41 5.25 -15.44
C CYS A 332 -5.30 4.62 -14.05
N ASP A 333 -4.90 3.36 -14.01
CA ASP A 333 -4.68 2.64 -12.75
C ASP A 333 -3.66 3.38 -11.90
N THR A 334 -2.62 3.90 -12.54
CA THR A 334 -1.54 4.58 -11.84
C THR A 334 -2.01 5.90 -11.23
N PHE A 335 -2.92 6.57 -11.93
CA PHE A 335 -3.37 7.89 -11.50
C PHE A 335 -4.75 7.84 -10.87
N GLY A 336 -5.22 6.63 -10.58
CA GLY A 336 -6.46 6.45 -9.84
C GLY A 336 -7.70 6.81 -10.62
N LEU A 337 -7.69 6.56 -11.92
CA LEU A 337 -8.84 6.87 -12.78
C LEU A 337 -9.52 5.57 -13.20
N GLY A 338 -10.84 5.59 -13.29
CA GLY A 338 -11.57 4.45 -13.85
C GLY A 338 -11.36 4.36 -15.37
N VAL A 339 -11.38 3.14 -15.90
CA VAL A 339 -11.31 2.94 -17.36
C VAL A 339 -12.47 2.08 -17.85
N SER A 340 -12.92 2.39 -19.06
CA SER A 340 -13.87 1.58 -19.79
C SER A 340 -13.59 1.79 -21.27
N MET A 341 -14.17 0.96 -22.11
CA MET A 341 -13.86 1.00 -23.54
C MET A 341 -15.09 1.53 -24.29
N HIS A 342 -14.86 1.99 -25.52
CA HIS A 342 -15.93 2.62 -26.32
C HIS A 342 -15.67 2.42 -27.80
N SER A 343 -16.76 2.37 -28.57
CA SER A 343 -16.70 2.42 -30.04
C SER A 343 -18.06 2.84 -30.58
N ASN A 344 -18.04 3.69 -31.60
CA ASN A 344 -19.27 4.22 -32.18
C ASN A 344 -19.35 3.90 -33.66
N SER A 345 -20.57 3.86 -34.20
CA SER A 345 -20.84 3.61 -35.63
C SER A 345 -19.84 2.63 -36.24
N HIS A 346 -19.91 1.38 -35.76
CA HIS A 346 -18.92 0.36 -36.08
C HIS A 346 -19.58 -0.97 -36.39
N LEU A 347 -18.79 -1.88 -36.94
CA LEU A 347 -19.25 -3.24 -37.20
C LEU A 347 -18.55 -4.25 -36.29
N GLY A 348 -18.82 -5.52 -36.55
CA GLY A 348 -18.34 -6.61 -35.72
C GLY A 348 -16.85 -6.70 -35.51
N ILE A 349 -16.08 -6.33 -36.54
CA ILE A 349 -14.62 -6.32 -36.45
C ILE A 349 -14.16 -5.43 -35.29
N SER A 350 -14.59 -4.17 -35.33
CA SER A 350 -14.29 -3.23 -34.25
C SER A 350 -14.73 -3.79 -32.90
N LEU A 351 -15.95 -4.33 -32.87
CA LEU A 351 -16.53 -4.85 -31.63
C LEU A 351 -15.61 -5.89 -31.00
N MET A 352 -14.97 -6.72 -31.82
CA MET A 352 -14.11 -7.78 -31.32
C MET A 352 -12.72 -7.32 -30.89
N ALA A 353 -12.12 -6.42 -31.68
CA ALA A 353 -10.84 -5.81 -31.31
C ALA A 353 -11.00 -5.11 -29.96
N MET A 354 -12.06 -4.31 -29.85
CA MET A 354 -12.41 -3.67 -28.60
C MET A 354 -12.58 -4.71 -27.48
N ALA A 355 -13.38 -5.76 -27.71
CA ALA A 355 -13.66 -6.78 -26.68
C ALA A 355 -12.40 -7.49 -26.21
N HIS A 356 -11.54 -7.88 -27.15
CA HIS A 356 -10.29 -8.54 -26.82
C HIS A 356 -9.33 -7.72 -25.96
N VAL A 357 -9.16 -6.43 -26.27
CA VAL A 357 -8.28 -5.59 -25.45
C VAL A 357 -8.96 -5.34 -24.10
N ALA A 358 -10.28 -5.13 -24.15
CA ALA A 358 -11.09 -5.03 -22.94
C ALA A 358 -10.93 -6.27 -22.06
N ALA A 359 -10.63 -7.42 -22.68
CA ALA A 359 -10.54 -8.70 -22.00
C ALA A 359 -9.18 -8.91 -21.37
N ALA A 360 -8.16 -8.24 -21.92
CA ALA A 360 -6.80 -8.37 -21.37
C ALA A 360 -6.46 -7.36 -20.28
N VAL A 361 -7.38 -6.44 -19.99
CA VAL A 361 -7.09 -5.41 -18.99
C VAL A 361 -7.71 -5.74 -17.64
N PRO A 362 -6.85 -5.78 -16.59
CA PRO A 362 -7.27 -6.14 -15.25
C PRO A 362 -8.25 -5.13 -14.71
N ASN A 363 -7.97 -3.85 -14.96
CA ASN A 363 -8.78 -2.76 -14.42
C ASN A 363 -9.86 -2.26 -15.38
N LEU A 364 -10.81 -3.13 -15.69
CA LEU A 364 -12.02 -2.76 -16.41
C LEU A 364 -13.12 -2.41 -15.41
N ASP A 365 -13.40 -1.12 -15.27
CA ASP A 365 -14.19 -0.62 -14.14
C ASP A 365 -15.68 -0.50 -14.40
N TYR A 366 -16.08 -0.43 -15.66
CA TYR A 366 -17.49 -0.27 -16.03
C TYR A 366 -17.77 -1.01 -17.32
N ALA A 367 -19.05 -1.26 -17.60
CA ALA A 367 -19.48 -1.85 -18.86
C ALA A 367 -19.08 -0.93 -20.02
N CYS A 368 -18.70 -1.55 -21.13
CA CYS A 368 -18.23 -0.83 -22.31
C CYS A 368 -19.37 -0.23 -23.13
N ASP A 369 -18.99 0.57 -24.14
CA ASP A 369 -19.96 1.28 -24.99
C ASP A 369 -19.96 0.74 -26.40
N THR A 370 -21.17 0.56 -26.96
CA THR A 370 -21.31 0.06 -28.32
C THR A 370 -22.55 0.60 -29.03
N HIS A 371 -22.48 0.68 -30.34
CA HIS A 371 -23.58 1.17 -31.18
C HIS A 371 -24.34 0.01 -31.81
N TYR A 372 -23.79 -1.19 -31.65
CA TYR A 372 -24.17 -2.42 -32.37
C TYR A 372 -25.67 -2.74 -32.50
N PRO A 373 -26.47 -2.54 -31.43
CA PRO A 373 -27.92 -2.62 -31.57
C PRO A 373 -28.54 -1.81 -32.71
N TRP A 374 -27.86 -0.76 -33.16
CA TRP A 374 -28.40 0.14 -34.18
C TRP A 374 -28.15 -0.37 -35.59
N GLN A 375 -27.02 -1.06 -35.78
CA GLN A 375 -26.66 -1.62 -37.07
C GLN A 375 -27.71 -2.63 -37.53
N GLU A 376 -28.11 -2.51 -38.79
CA GLU A 376 -29.22 -3.30 -39.33
C GLU A 376 -28.83 -4.76 -39.55
N PRO A 377 -29.74 -5.69 -39.19
CA PRO A 377 -29.55 -7.14 -39.27
C PRO A 377 -28.85 -7.62 -40.54
N ASP A 378 -29.14 -6.99 -41.68
CA ASP A 378 -28.64 -7.47 -42.97
C ASP A 378 -27.31 -6.84 -43.43
N GLU A 379 -26.76 -5.93 -42.62
CA GLU A 379 -25.64 -5.11 -43.08
C GLU A 379 -24.34 -5.28 -42.28
N GLU A 380 -23.80 -6.49 -42.35
CA GLU A 380 -22.49 -6.80 -41.79
C GLU A 380 -21.54 -7.25 -42.91
N VAL A 381 -20.25 -7.26 -42.65
CA VAL A 381 -19.27 -7.75 -43.62
C VAL A 381 -18.63 -9.07 -43.19
N ILE A 382 -19.25 -9.72 -42.22
CA ILE A 382 -18.74 -11.00 -41.69
C ILE A 382 -19.74 -12.15 -41.90
N LYS A 383 -19.20 -13.35 -42.10
CA LYS A 383 -20.02 -14.57 -42.18
C LYS A 383 -20.80 -14.76 -40.89
N GLY A 384 -22.07 -15.10 -41.03
CA GLY A 384 -22.95 -15.29 -39.88
C GLY A 384 -23.81 -14.08 -39.61
N GLY A 385 -23.42 -12.95 -40.19
CA GLY A 385 -24.11 -11.68 -39.96
C GLY A 385 -23.74 -11.10 -38.61
N LYS A 386 -24.73 -10.53 -37.92
CA LYS A 386 -24.49 -9.85 -36.64
C LYS A 386 -24.05 -10.77 -35.51
N LEU A 387 -22.94 -10.38 -34.88
CA LEU A 387 -22.40 -11.06 -33.71
C LEU A 387 -23.38 -11.13 -32.55
N PRO A 388 -23.29 -12.19 -31.74
CA PRO A 388 -24.23 -12.36 -30.64
C PRO A 388 -23.83 -11.53 -29.43
N ILE A 389 -24.82 -10.95 -28.76
CA ILE A 389 -24.61 -10.34 -27.46
C ILE A 389 -25.56 -10.98 -26.45
N VAL A 390 -25.01 -11.91 -25.67
CA VAL A 390 -25.79 -12.70 -24.74
C VAL A 390 -25.57 -12.18 -23.32
N ASP A 391 -26.67 -11.86 -22.64
CA ASP A 391 -26.67 -11.32 -21.27
C ASP A 391 -25.91 -10.00 -21.16
N GLY A 392 -25.96 -9.22 -22.24
CA GLY A 392 -25.25 -7.94 -22.32
C GLY A 392 -23.75 -8.10 -22.38
N CYS A 393 -23.29 -9.20 -22.97
CA CYS A 393 -21.85 -9.49 -23.04
C CYS A 393 -21.43 -10.05 -24.39
N VAL A 394 -20.13 -9.94 -24.64
CA VAL A 394 -19.51 -10.51 -25.82
C VAL A 394 -18.52 -11.57 -25.36
N LYS A 395 -18.69 -12.80 -25.86
CA LYS A 395 -17.83 -13.93 -25.51
C LYS A 395 -16.46 -13.87 -26.18
N ILE A 396 -15.42 -14.05 -25.38
CA ILE A 396 -14.07 -14.25 -25.92
C ILE A 396 -13.82 -15.77 -25.97
N THR A 397 -13.50 -16.26 -27.16
CA THR A 397 -13.33 -17.70 -27.38
C THR A 397 -11.90 -18.07 -27.72
N ARG A 398 -11.69 -19.34 -28.09
CA ARG A 398 -10.37 -19.85 -28.43
C ARG A 398 -10.07 -19.74 -29.94
N ALA A 399 -11.06 -19.27 -30.71
CA ALA A 399 -10.91 -19.02 -32.15
C ALA A 399 -9.69 -18.12 -32.42
N PRO A 400 -8.92 -18.44 -33.48
CA PRO A 400 -7.69 -17.70 -33.80
C PRO A 400 -7.95 -16.22 -34.11
N GLY A 401 -7.07 -15.35 -33.62
CA GLY A 401 -7.22 -13.91 -33.79
C GLY A 401 -8.55 -13.38 -33.28
N LEU A 402 -9.21 -12.60 -34.12
CA LEU A 402 -10.54 -12.08 -33.82
C LEU A 402 -11.63 -13.14 -33.96
N GLY A 403 -11.29 -14.25 -34.62
CA GLY A 403 -12.24 -15.33 -34.90
C GLY A 403 -13.36 -14.90 -35.83
N LEU A 404 -13.00 -14.17 -36.87
CA LEU A 404 -13.96 -13.62 -37.82
C LEU A 404 -13.48 -13.77 -39.26
N GLU A 405 -14.44 -13.96 -40.17
CA GLU A 405 -14.13 -14.10 -41.59
C GLU A 405 -14.98 -13.17 -42.46
N LEU A 406 -14.33 -12.52 -43.42
CA LEU A 406 -14.99 -11.59 -44.34
C LEU A 406 -15.93 -12.27 -45.31
N ASP A 407 -17.19 -11.86 -45.27
CA ASP A 407 -18.15 -12.23 -46.30
C ASP A 407 -17.94 -11.26 -47.49
N HIS A 408 -17.16 -11.71 -48.46
CA HIS A 408 -16.78 -10.88 -49.61
C HIS A 408 -17.97 -10.43 -50.47
N ASP A 409 -19.08 -11.15 -50.38
CA ASP A 409 -20.32 -10.78 -51.04
C ASP A 409 -20.99 -9.59 -50.34
N GLN A 410 -21.13 -9.69 -49.02
CA GLN A 410 -21.65 -8.59 -48.21
C GLN A 410 -20.73 -7.38 -48.30
N LEU A 411 -19.42 -7.63 -48.38
CA LEU A 411 -18.41 -6.59 -48.54
C LEU A 411 -18.64 -5.78 -49.83
N GLY A 412 -18.60 -6.45 -50.97
CA GLY A 412 -18.89 -5.83 -52.27
C GLY A 412 -20.20 -5.04 -52.27
N LYS A 413 -21.21 -5.57 -51.59
CA LYS A 413 -22.53 -4.94 -51.54
C LYS A 413 -22.52 -3.59 -50.82
N LEU A 414 -21.91 -3.56 -49.65
CA LEU A 414 -21.86 -2.33 -48.84
C LEU A 414 -20.82 -1.32 -49.38
N HIS A 415 -19.84 -1.79 -50.13
CA HIS A 415 -18.96 -0.93 -50.92
C HIS A 415 -19.74 -0.20 -52.02
N ASP A 416 -20.72 -0.89 -52.62
CA ASP A 416 -21.58 -0.29 -53.64
CA ASP A 416 -21.57 -0.28 -53.64
C ASP A 416 -22.49 0.76 -53.02
N GLN A 417 -23.01 0.48 -51.82
CA GLN A 417 -23.88 1.42 -51.12
C GLN A 417 -23.09 2.65 -50.70
N TYR A 418 -21.77 2.48 -50.54
CA TYR A 418 -20.87 3.58 -50.30
C TYR A 418 -20.84 4.48 -51.53
N LEU A 419 -20.60 3.86 -52.69
CA LEU A 419 -20.44 4.59 -53.95
C LEU A 419 -21.67 5.42 -54.34
N THR A 420 -22.84 4.93 -53.94
CA THR A 420 -24.11 5.51 -54.37
C THR A 420 -24.80 6.42 -53.34
N CYS A 421 -24.31 6.46 -52.10
CA CYS A 421 -25.01 7.23 -51.05
C CYS A 421 -24.76 8.73 -51.15
N GLY A 422 -23.61 9.11 -51.71
CA GLY A 422 -23.28 10.52 -51.90
C GLY A 422 -22.79 11.21 -50.64
N ILE A 423 -22.30 10.42 -49.68
CA ILE A 423 -21.67 10.96 -48.47
C ILE A 423 -20.19 10.55 -48.48
N ARG A 424 -19.32 11.54 -48.31
CA ARG A 424 -17.86 11.28 -48.28
C ARG A 424 -17.21 11.74 -46.96
N GLN A 425 -17.94 12.54 -46.21
CA GLN A 425 -17.57 12.98 -44.86
C GLN A 425 -18.83 13.20 -44.05
N ARG A 426 -18.85 12.68 -42.83
CA ARG A 426 -20.02 12.83 -41.95
C ARG A 426 -20.25 14.30 -41.59
N ASP A 427 -21.54 14.70 -41.55
CA ASP A 427 -21.93 16.06 -41.17
C ASP A 427 -23.29 16.11 -40.52
N ASP A 428 -23.34 15.84 -39.23
CA ASP A 428 -24.59 15.92 -38.49
C ASP A 428 -25.16 17.35 -38.51
N VAL A 429 -24.28 18.33 -38.67
CA VAL A 429 -24.68 19.74 -38.63
C VAL A 429 -25.40 20.13 -39.91
N ARG A 430 -24.78 19.88 -41.07
CA ARG A 430 -25.47 20.09 -42.34
C ARG A 430 -26.79 19.31 -42.37
N GLN A 431 -26.72 18.05 -41.94
CA GLN A 431 -27.90 17.19 -41.95
C GLN A 431 -29.03 17.78 -41.14
N MET A 432 -28.74 18.30 -39.95
CA MET A 432 -29.78 18.94 -39.14
C MET A 432 -30.37 20.16 -39.83
N GLN A 433 -29.57 20.80 -40.71
CA GLN A 433 -30.02 22.03 -41.38
C GLN A 433 -31.17 21.79 -42.35
N ARG A 434 -31.38 20.52 -42.72
CA ARG A 434 -32.51 20.15 -43.59
C ARG A 434 -33.84 20.15 -42.85
N TYR A 435 -33.80 20.08 -41.53
CA TYR A 435 -35.02 20.11 -40.71
C TYR A 435 -35.21 21.49 -40.12
N LYS A 436 -34.11 22.09 -39.69
CA LYS A 436 -34.15 23.42 -39.08
C LYS A 436 -33.12 24.25 -39.84
N PRO A 437 -33.59 25.09 -40.79
CA PRO A 437 -32.67 25.81 -41.68
C PRO A 437 -31.71 26.73 -40.94
N ASP A 438 -32.16 27.32 -39.82
CA ASP A 438 -31.34 28.21 -38.99
C ASP A 438 -30.38 27.53 -37.98
N TRP A 439 -30.12 26.23 -38.16
CA TRP A 439 -29.34 25.45 -37.17
C TRP A 439 -27.83 25.65 -37.26
N LYS A 440 -27.21 25.90 -36.10
CA LYS A 440 -25.76 26.04 -36.01
C LYS A 440 -25.17 25.08 -34.97
N ALA A 441 -23.88 24.81 -35.09
CA ALA A 441 -23.18 23.94 -34.16
C ALA A 441 -22.88 24.64 -32.82
N LEU A 442 -23.91 24.91 -32.03
CA LEU A 442 -23.75 25.52 -30.71
C LEU A 442 -23.31 24.49 -29.66
N LYS A 443 -22.35 24.89 -28.82
CA LYS A 443 -21.84 24.10 -27.70
C LYS A 443 -21.21 25.06 -26.71
N PRO A 444 -21.74 25.13 -25.47
CA PRO A 444 -22.90 24.42 -24.94
C PRO A 444 -24.22 25.14 -25.25
N ARG A 445 -25.13 24.44 -25.89
CA ARG A 445 -26.42 25.01 -26.24
C ARG A 445 -27.27 25.29 -25.00
N PHE A 446 -27.20 24.41 -24.01
CA PHE A 446 -28.11 24.53 -22.86
C PHE A 446 -27.42 25.02 -21.59
N SER B 22 -3.27 -25.75 -28.52
CA SER B 22 -2.57 -24.79 -27.61
C SER B 22 -1.27 -25.38 -27.06
N MET B 23 -0.81 -24.84 -25.92
CA MET B 23 0.50 -25.19 -25.35
C MET B 23 0.42 -25.18 -23.83
N LYS B 24 1.25 -25.98 -23.19
CA LYS B 24 1.27 -26.09 -21.73
C LYS B 24 2.68 -26.29 -21.19
N ILE B 25 2.96 -25.68 -20.03
CA ILE B 25 4.26 -25.84 -19.35
C ILE B 25 4.26 -27.16 -18.59
N THR B 26 5.38 -27.87 -18.66
CA THR B 26 5.50 -29.18 -18.00
C THR B 26 6.59 -29.23 -16.94
N ARG B 27 7.61 -28.39 -17.07
CA ARG B 27 8.75 -28.42 -16.15
C ARG B 27 9.34 -27.03 -15.88
N VAL B 28 9.38 -26.65 -14.60
CA VAL B 28 9.98 -25.39 -14.16
C VAL B 28 11.16 -25.67 -13.23
N THR B 29 12.30 -25.07 -13.51
CA THR B 29 13.49 -25.27 -12.69
C THR B 29 14.09 -23.95 -12.19
N VAL B 30 13.93 -23.70 -10.90
CA VAL B 30 14.56 -22.54 -10.28
C VAL B 30 15.89 -22.98 -9.67
N THR B 31 16.98 -22.44 -10.19
CA THR B 31 18.32 -22.80 -9.75
C THR B 31 19.08 -21.60 -9.19
N PRO B 32 19.26 -21.56 -7.85
CA PRO B 32 20.12 -20.55 -7.24
C PRO B 32 21.56 -20.78 -7.61
N ILE B 33 22.28 -19.70 -7.91
CA ILE B 33 23.70 -19.79 -8.26
C ILE B 33 24.47 -18.66 -7.62
N ALA B 34 25.79 -18.76 -7.65
CA ALA B 34 26.64 -17.67 -7.19
C ALA B 34 27.88 -17.60 -8.06
N PHE B 35 28.46 -16.40 -8.16
CA PHE B 35 29.65 -16.17 -8.97
C PHE B 35 30.53 -15.09 -8.37
N ARG B 36 31.81 -15.12 -8.72
CA ARG B 36 32.80 -14.21 -8.15
C ARG B 36 32.49 -12.76 -8.47
N ASP B 37 32.90 -11.89 -7.57
CA ASP B 37 32.68 -10.46 -7.69
C ASP B 37 33.83 -9.71 -7.05
N PRO B 38 34.44 -8.76 -7.77
CA PRO B 38 35.50 -7.88 -7.24
C PRO B 38 35.09 -7.16 -5.94
N PRO B 39 36.08 -6.69 -5.16
CA PRO B 39 35.77 -5.93 -3.95
C PRO B 39 35.33 -4.51 -4.26
N LEU B 40 34.16 -4.40 -4.89
CA LEU B 40 33.62 -3.12 -5.36
C LEU B 40 32.98 -2.30 -4.24
N LEU B 41 33.41 -1.05 -4.13
CA LEU B 41 32.88 -0.15 -3.11
C LEU B 41 31.56 0.50 -3.58
N ASN B 42 30.63 0.67 -2.65
CA ASN B 42 29.42 1.47 -2.89
C ASN B 42 29.02 2.26 -1.65
N ALA B 43 27.88 2.94 -1.71
CA ALA B 43 27.45 3.80 -0.62
C ALA B 43 27.26 3.03 0.67
N SER B 44 26.80 1.79 0.54
CA SER B 44 26.46 0.93 1.69
C SER B 44 27.72 0.36 2.36
N GLY B 45 28.72 0.06 1.55
CA GLY B 45 29.98 -0.46 2.04
C GLY B 45 30.78 -1.06 0.90
N ILE B 46 30.72 -2.38 0.78
CA ILE B 46 31.54 -3.09 -0.20
C ILE B 46 30.96 -4.46 -0.56
N HIS B 47 31.18 -4.87 -1.81
CA HIS B 47 30.69 -6.15 -2.32
C HIS B 47 31.35 -7.36 -1.66
N GLU B 48 30.57 -8.44 -1.59
CA GLU B 48 31.03 -9.71 -1.05
C GLU B 48 31.73 -10.51 -2.17
N PRO B 49 32.58 -11.49 -1.81
CA PRO B 49 33.35 -12.25 -2.80
C PRO B 49 32.51 -12.89 -3.91
N PHE B 50 31.26 -13.18 -3.59
CA PHE B 50 30.34 -13.79 -4.53
C PHE B 50 29.04 -12.99 -4.60
N ALA B 51 28.49 -12.90 -5.82
CA ALA B 51 27.17 -12.31 -6.01
C ALA B 51 26.15 -13.41 -6.28
N LEU B 52 24.99 -13.28 -5.64
CA LEU B 52 23.90 -14.24 -5.80
C LEU B 52 23.11 -13.99 -7.07
N ARG B 53 22.39 -15.02 -7.50
CA ARG B 53 21.54 -14.94 -8.67
C ARG B 53 20.71 -16.22 -8.71
N SER B 54 19.56 -16.16 -9.37
CA SER B 54 18.80 -17.36 -9.65
C SER B 54 18.56 -17.48 -11.15
N ILE B 55 18.64 -18.70 -11.66
CA ILE B 55 18.43 -18.97 -13.07
C ILE B 55 17.11 -19.71 -13.22
N ILE B 56 16.24 -19.19 -14.09
CA ILE B 56 14.93 -19.80 -14.34
C ILE B 56 14.95 -20.53 -15.70
N GLU B 57 14.39 -21.73 -15.73
CA GLU B 57 14.22 -22.46 -16.99
C GLU B 57 12.86 -23.14 -17.01
N ILE B 58 12.06 -22.79 -18.00
CA ILE B 58 10.76 -23.42 -18.21
C ILE B 58 10.79 -24.27 -19.49
N GLU B 59 9.87 -25.22 -19.57
CA GLU B 59 9.81 -26.16 -20.68
C GLU B 59 8.37 -26.59 -20.92
N SER B 60 8.00 -26.70 -22.19
CA SER B 60 6.63 -26.99 -22.60
C SER B 60 6.43 -28.43 -23.06
N ASP B 61 5.17 -28.84 -23.19
CA ASP B 61 4.79 -30.18 -23.65
C ASP B 61 5.31 -30.54 -25.04
N ASN B 62 5.63 -29.53 -25.85
CA ASN B 62 6.25 -29.74 -27.15
C ASN B 62 7.75 -29.39 -27.19
N GLY B 63 8.37 -29.42 -26.02
CA GLY B 63 9.83 -29.40 -25.90
C GLY B 63 10.55 -28.09 -26.20
N TYR B 64 9.89 -26.98 -25.89
CA TYR B 64 10.53 -25.68 -26.05
C TYR B 64 11.02 -25.13 -24.71
N ILE B 65 12.11 -24.37 -24.76
CA ILE B 65 12.75 -23.86 -23.54
C ILE B 65 12.84 -22.32 -23.47
N GLY B 66 12.29 -21.76 -22.40
CA GLY B 66 12.40 -20.33 -22.11
C GLY B 66 13.26 -20.08 -20.89
N LEU B 67 14.24 -19.20 -21.04
CA LEU B 67 15.20 -18.88 -19.98
C LEU B 67 14.86 -17.57 -19.23
N GLY B 68 15.16 -17.55 -17.94
CA GLY B 68 15.00 -16.37 -17.09
C GLY B 68 16.16 -16.18 -16.13
N GLU B 69 16.42 -14.95 -15.75
CA GLU B 69 17.46 -14.62 -14.77
C GLU B 69 16.98 -13.53 -13.81
N SER B 70 17.15 -13.76 -12.52
CA SER B 70 16.60 -12.86 -11.49
C SER B 70 17.46 -12.87 -10.24
N TYR B 71 16.97 -12.23 -9.18
CA TYR B 71 17.68 -12.13 -7.92
C TYR B 71 17.76 -13.47 -7.19
N GLY B 72 18.86 -13.68 -6.46
CA GLY B 72 19.12 -14.91 -5.75
C GLY B 72 18.94 -14.85 -4.25
N ASP B 73 18.67 -13.65 -3.73
CA ASP B 73 18.52 -13.44 -2.28
C ASP B 73 17.38 -14.26 -1.69
N ALA B 74 17.58 -14.72 -0.45
CA ALA B 74 16.64 -15.62 0.24
C ALA B 74 15.16 -15.28 0.03
N PRO B 75 14.77 -14.00 0.24
CA PRO B 75 13.34 -13.67 0.07
C PRO B 75 12.85 -13.93 -1.35
N ALA B 76 13.68 -13.57 -2.33
CA ALA B 76 13.33 -13.68 -3.74
C ALA B 76 13.28 -15.13 -4.21
N LEU B 77 14.27 -15.93 -3.78
CA LEU B 77 14.26 -17.37 -4.02
C LEU B 77 12.98 -18.02 -3.50
N ALA B 78 12.65 -17.70 -2.25
CA ALA B 78 11.51 -18.29 -1.55
C ALA B 78 10.22 -18.13 -2.36
N ILE B 79 10.01 -16.92 -2.88
CA ILE B 79 8.84 -16.64 -3.70
C ILE B 79 8.91 -17.40 -5.03
N GLN B 80 10.09 -17.40 -5.67
CA GLN B 80 10.28 -18.12 -6.93
C GLN B 80 9.99 -19.61 -6.77
N GLN B 81 10.48 -20.18 -5.68
CA GLN B 81 10.27 -21.60 -5.38
C GLN B 81 8.81 -21.92 -5.06
N GLN B 82 8.08 -20.97 -4.46
CA GLN B 82 6.66 -21.19 -4.17
C GLN B 82 5.76 -20.99 -5.39
N VAL B 83 6.21 -20.15 -6.32
CA VAL B 83 5.48 -19.91 -7.56
C VAL B 83 5.62 -21.09 -8.52
N GLN B 84 6.87 -21.56 -8.70
CA GLN B 84 7.20 -22.56 -9.71
C GLN B 84 6.24 -23.75 -9.78
N SER B 85 5.88 -24.29 -8.62
CA SER B 85 5.03 -25.46 -8.53
C SER B 85 3.60 -25.22 -9.02
N GLN B 86 3.22 -23.94 -9.12
CA GLN B 86 1.85 -23.58 -9.51
C GLN B 86 1.74 -23.37 -11.02
N LEU B 87 2.88 -23.46 -11.70
CA LEU B 87 2.99 -23.11 -13.12
C LEU B 87 2.85 -24.30 -14.09
N ILE B 88 2.87 -25.52 -13.56
CA ILE B 88 2.74 -26.72 -14.38
C ILE B 88 1.34 -26.83 -15.00
N GLY B 89 1.31 -27.06 -16.31
CA GLY B 89 0.06 -27.20 -17.06
C GLY B 89 -0.58 -25.87 -17.44
N LEU B 90 0.21 -24.81 -17.50
CA LEU B 90 -0.32 -23.49 -17.81
C LEU B 90 0.11 -22.99 -19.18
N ASP B 91 -0.81 -22.27 -19.82
CA ASP B 91 -0.56 -21.61 -21.10
C ASP B 91 0.45 -20.48 -20.91
N PRO B 92 1.63 -20.58 -21.56
CA PRO B 92 2.70 -19.57 -21.44
C PRO B 92 2.39 -18.20 -22.06
N PHE B 93 1.22 -18.06 -22.69
CA PHE B 93 0.78 -16.76 -23.21
C PHE B 93 0.01 -16.00 -22.16
N ASN B 94 -0.50 -16.73 -21.17
CA ASN B 94 -1.38 -16.14 -20.16
C ASN B 94 -0.60 -15.53 -19.00
N LEU B 95 0.19 -14.51 -19.33
CA LEU B 95 0.97 -13.75 -18.35
C LEU B 95 0.09 -13.10 -17.29
N ASN B 96 -1.15 -12.78 -17.65
CA ASN B 96 -2.11 -12.24 -16.70
C ASN B 96 -2.35 -13.23 -15.55
N GLN B 97 -2.56 -14.51 -15.89
CA GLN B 97 -2.76 -15.56 -14.89
C GLN B 97 -1.52 -15.69 -13.99
N LEU B 98 -0.36 -15.70 -14.64
CA LEU B 98 0.93 -15.70 -13.94
C LEU B 98 0.98 -14.60 -12.88
N ARG B 99 0.62 -13.37 -13.26
CA ARG B 99 0.61 -12.25 -12.31
C ARG B 99 -0.34 -12.53 -11.14
N ARG B 100 -1.56 -12.99 -11.46
CA ARG B 100 -2.55 -13.36 -10.45
C ARG B 100 -1.99 -14.36 -9.46
N ILE B 101 -1.27 -15.36 -9.98
CA ILE B 101 -0.68 -16.40 -9.14
C ILE B 101 0.40 -15.84 -8.22
N VAL B 102 1.31 -15.05 -8.78
CA VAL B 102 2.37 -14.38 -8.01
C VAL B 102 1.77 -13.54 -6.88
N GLN B 103 0.66 -12.85 -7.20
CA GLN B 103 -0.05 -12.04 -6.23
C GLN B 103 -0.72 -12.85 -5.12
N THR B 104 -1.19 -14.06 -5.45
CA THR B 104 -1.76 -14.96 -4.45
C THR B 104 -0.66 -15.45 -3.50
N THR B 105 0.43 -15.95 -4.08
CA THR B 105 1.59 -16.47 -3.37
C THR B 105 2.16 -15.46 -2.36
N VAL B 106 2.32 -14.22 -2.79
CA VAL B 106 2.93 -13.20 -1.94
C VAL B 106 1.96 -12.79 -0.83
N ALA B 107 0.68 -12.69 -1.17
CA ALA B 107 -0.37 -12.35 -0.21
C ALA B 107 -0.46 -13.38 0.92
N ALA B 108 -0.15 -14.63 0.59
CA ALA B 108 -0.19 -15.73 1.54
C ALA B 108 1.07 -15.81 2.41
N HIS B 109 2.14 -15.19 1.94
CA HIS B 109 3.44 -15.18 2.62
C HIS B 109 3.47 -14.21 3.82
N LYS B 110 2.53 -13.26 3.83
CA LYS B 110 2.50 -12.17 4.81
C LYS B 110 2.44 -12.65 6.27
N PRO B 111 3.13 -11.95 7.21
CA PRO B 111 4.01 -10.77 7.02
C PRO B 111 5.43 -11.08 6.49
N ALA B 112 6.13 -10.03 6.07
CA ALA B 112 7.49 -10.14 5.54
C ALA B 112 8.38 -9.01 6.06
N SER B 113 9.70 -9.24 6.07
CA SER B 113 10.68 -8.29 6.62
C SER B 113 10.71 -6.99 5.83
N LEU B 114 10.50 -5.86 6.52
CA LEU B 114 10.30 -4.57 5.84
C LEU B 114 11.58 -3.79 5.55
N ALA B 115 12.68 -4.16 6.20
CA ALA B 115 13.98 -3.57 5.88
C ALA B 115 14.96 -4.63 5.38
N GLY B 116 15.32 -4.51 4.10
CA GLY B 116 16.37 -5.34 3.50
C GLY B 116 17.58 -4.49 3.12
N ALA B 117 18.50 -5.07 2.35
CA ALA B 117 19.67 -4.33 1.88
C ALA B 117 19.24 -3.28 0.83
N GLU B 118 19.53 -2.03 1.12
CA GLU B 118 19.10 -0.90 0.29
C GLU B 118 19.41 -1.08 -1.19
N LEU B 119 20.61 -1.53 -1.49
CA LEU B 119 21.08 -1.59 -2.87
C LEU B 119 20.84 -2.92 -3.55
N ALA B 120 20.18 -3.84 -2.84
CA ALA B 120 19.86 -5.16 -3.38
C ALA B 120 18.35 -5.32 -3.52
N PRO B 121 17.81 -4.98 -4.70
CA PRO B 121 16.37 -4.96 -4.92
C PRO B 121 15.70 -6.30 -4.63
N GLY B 122 16.49 -7.37 -4.68
CA GLY B 122 15.99 -8.72 -4.45
C GLY B 122 15.53 -8.94 -3.01
N SER B 123 15.96 -8.06 -2.12
CA SER B 123 15.66 -8.14 -0.69
C SER B 123 14.57 -7.14 -0.27
N HIS B 124 13.99 -6.45 -1.26
CA HIS B 124 13.00 -5.41 -0.97
C HIS B 124 11.60 -5.99 -0.93
N ALA B 125 10.97 -5.89 0.26
CA ALA B 125 9.59 -6.34 0.45
C ALA B 125 8.62 -5.71 -0.55
N SER B 126 8.80 -4.40 -0.80
CA SER B 126 7.93 -3.67 -1.74
C SER B 126 7.97 -4.25 -3.17
N LYS B 127 9.07 -4.91 -3.51
CA LYS B 127 9.21 -5.50 -4.85
C LYS B 127 8.95 -7.02 -4.90
N ALA B 128 8.34 -7.57 -3.85
CA ALA B 128 8.05 -9.01 -3.79
C ALA B 128 7.34 -9.52 -5.05
N VAL B 129 6.23 -8.88 -5.38
CA VAL B 129 5.42 -9.28 -6.54
C VAL B 129 6.12 -8.98 -7.87
N SER B 130 6.68 -7.78 -8.00
CA SER B 130 7.32 -7.33 -9.24
CA SER B 130 7.29 -7.37 -9.27
C SER B 130 8.54 -8.17 -9.61
N ASN B 131 9.40 -8.42 -8.61
CA ASN B 131 10.59 -9.26 -8.79
C ASN B 131 10.24 -10.66 -9.25
N ALA B 132 9.20 -11.22 -8.64
CA ALA B 132 8.83 -12.59 -8.90
C ALA B 132 8.15 -12.75 -10.25
N TYR B 133 7.20 -11.86 -10.54
CA TYR B 133 6.50 -11.88 -11.83
C TYR B 133 7.46 -11.65 -13.00
N SER B 134 8.44 -10.77 -12.81
CA SER B 134 9.41 -10.49 -13.87
C SER B 134 10.34 -11.67 -14.14
N ALA B 135 10.72 -12.37 -13.08
CA ALA B 135 11.57 -13.55 -13.20
C ALA B 135 10.98 -14.55 -14.19
N PHE B 136 9.69 -14.83 -14.05
CA PHE B 136 9.02 -15.78 -14.94
C PHE B 136 8.54 -15.15 -16.24
N GLU B 137 8.20 -13.86 -16.22
CA GLU B 137 7.75 -13.16 -17.44
C GLU B 137 8.79 -13.28 -18.55
N VAL B 138 10.04 -12.97 -18.22
CA VAL B 138 11.15 -13.03 -19.19
C VAL B 138 11.33 -14.44 -19.76
N ALA B 139 11.06 -15.44 -18.93
CA ALA B 139 11.13 -16.84 -19.34
C ALA B 139 9.94 -17.22 -20.21
N PHE B 140 8.74 -16.80 -19.80
CA PHE B 140 7.51 -17.03 -20.58
C PHE B 140 7.61 -16.48 -22.00
N LEU B 141 8.18 -15.28 -22.14
CA LEU B 141 8.31 -14.62 -23.45
C LEU B 141 9.40 -15.24 -24.32
N ASP B 142 10.48 -15.67 -23.67
CA ASP B 142 11.57 -16.38 -24.36
C ASP B 142 11.03 -17.68 -24.93
N LEU B 143 10.16 -18.34 -24.17
CA LEU B 143 9.48 -19.54 -24.62
C LEU B 143 8.65 -19.23 -25.86
N GLN B 144 7.78 -18.22 -25.73
CA GLN B 144 6.93 -17.76 -26.83
C GLN B 144 7.75 -17.50 -28.11
N ALA B 145 8.90 -16.86 -27.93
CA ALA B 145 9.77 -16.47 -29.04
C ALA B 145 10.47 -17.65 -29.73
N ARG B 146 10.84 -18.69 -28.97
CA ARG B 146 11.40 -19.92 -29.55
C ARG B 146 10.34 -20.64 -30.37
N TYR B 147 9.15 -20.78 -29.78
CA TYR B 147 7.98 -21.39 -30.41
C TYR B 147 7.62 -20.70 -31.73
N LEU B 148 7.79 -19.38 -31.75
CA LEU B 148 7.54 -18.57 -32.94
C LEU B 148 8.75 -18.46 -33.86
N ASN B 149 9.90 -18.91 -33.37
CA ASN B 149 11.15 -18.83 -34.11
C ASN B 149 11.49 -17.39 -34.48
N VAL B 150 11.16 -16.47 -33.57
CA VAL B 150 11.45 -15.04 -33.74
C VAL B 150 12.35 -14.58 -32.58
N PRO B 151 13.22 -13.58 -32.82
CA PRO B 151 13.92 -13.01 -31.66
C PRO B 151 12.91 -12.38 -30.69
N LEU B 152 13.30 -12.24 -29.42
CA LEU B 152 12.36 -11.80 -28.39
C LEU B 152 11.75 -10.42 -28.68
N VAL B 153 12.60 -9.50 -29.15
CA VAL B 153 12.22 -8.13 -29.49
C VAL B 153 11.00 -8.02 -30.43
N ASP B 154 10.79 -9.03 -31.29
CA ASP B 154 9.65 -9.04 -32.21
C ASP B 154 8.30 -9.24 -31.51
N LEU B 155 8.32 -9.93 -30.38
CA LEU B 155 7.10 -10.05 -29.57
C LEU B 155 6.71 -8.71 -28.97
N LEU B 156 7.73 -7.90 -28.68
CA LEU B 156 7.55 -6.58 -28.09
C LEU B 156 7.17 -5.49 -29.10
N GLY B 157 7.32 -5.78 -30.39
CA GLY B 157 6.87 -4.87 -31.45
C GLY B 157 7.93 -4.58 -32.51
N GLY B 158 9.11 -5.16 -32.34
CA GLY B 158 10.18 -5.02 -33.33
C GLY B 158 11.32 -4.14 -32.86
N ALA B 159 12.52 -4.41 -33.38
CA ALA B 159 13.69 -3.62 -33.05
C ALA B 159 13.60 -2.22 -33.66
N VAL B 160 13.75 -1.21 -32.80
CA VAL B 160 13.86 0.16 -33.24
C VAL B 160 15.32 0.38 -33.68
N ARG B 161 16.24 -0.21 -32.92
CA ARG B 161 17.66 -0.20 -33.24
C ARG B 161 18.20 -1.63 -33.29
N ASP B 162 19.34 -1.81 -33.96
CA ASP B 162 19.95 -3.13 -34.14
C ASP B 162 21.13 -3.33 -33.20
N GLU B 163 21.64 -2.24 -32.65
CA GLU B 163 22.67 -2.27 -31.63
C GLU B 163 22.27 -1.39 -30.44
N VAL B 164 22.35 -1.97 -29.24
CA VAL B 164 22.04 -1.23 -28.02
C VAL B 164 23.34 -0.79 -27.35
N PRO B 165 23.57 0.54 -27.22
CA PRO B 165 24.75 1.02 -26.48
C PRO B 165 24.65 0.83 -24.96
N PHE B 166 25.76 0.40 -24.36
CA PHE B 166 25.88 0.28 -22.92
C PHE B 166 26.97 1.21 -22.42
N SER B 167 27.05 1.41 -21.11
CA SER B 167 28.04 2.32 -20.54
C SER B 167 29.15 1.59 -19.79
N ALA B 168 30.24 2.32 -19.52
CA ALA B 168 31.33 1.82 -18.70
C ALA B 168 31.03 2.07 -17.23
N TYR B 169 30.77 0.98 -16.50
CA TYR B 169 30.40 1.06 -15.10
C TYR B 169 31.64 1.01 -14.20
N LEU B 170 32.13 2.18 -13.82
CA LEU B 170 33.33 2.26 -13.01
C LEU B 170 33.04 2.18 -11.51
N PHE B 171 33.93 1.51 -10.79
CA PHE B 171 33.86 1.43 -9.33
C PHE B 171 35.20 1.80 -8.71
N PHE B 172 35.17 2.44 -7.55
CA PHE B 172 36.31 2.41 -6.66
C PHE B 172 36.36 1.01 -6.05
N LYS B 173 37.56 0.49 -5.85
CA LYS B 173 37.74 -0.87 -5.33
C LYS B 173 39.05 -1.05 -4.56
N TYR B 174 39.05 -1.99 -3.62
CA TYR B 174 40.28 -2.43 -2.97
C TYR B 174 41.02 -3.41 -3.86
N ALA B 175 42.28 -3.67 -3.50
CA ALA B 175 43.13 -4.61 -4.23
C ALA B 175 42.50 -6.00 -4.31
N GLN B 176 42.03 -6.50 -3.17
CA GLN B 176 41.55 -7.89 -3.04
C GLN B 176 40.57 -8.06 -1.87
N HIS B 177 39.79 -9.14 -1.92
CA HIS B 177 38.88 -9.48 -0.83
C HIS B 177 39.62 -9.84 0.46
N VAL B 178 39.01 -9.49 1.59
CA VAL B 178 39.55 -9.87 2.89
C VAL B 178 39.48 -11.40 3.05
N ASP B 179 40.53 -11.97 3.65
CA ASP B 179 40.65 -13.41 3.87
C ASP B 179 40.79 -14.24 2.59
N SER B 180 41.18 -13.57 1.50
CA SER B 180 41.55 -14.20 0.22
C SER B 180 40.79 -15.50 -0.13
N PRO B 181 39.45 -15.42 -0.29
CA PRO B 181 38.68 -16.64 -0.59
C PRO B 181 39.05 -17.29 -1.93
N TYR B 182 39.59 -16.49 -2.85
CA TYR B 182 40.07 -17.00 -4.13
C TYR B 182 41.24 -16.15 -4.67
N LYS B 183 41.58 -16.37 -5.93
CA LYS B 183 42.68 -15.69 -6.60
C LYS B 183 42.33 -14.23 -6.94
N PRO B 184 43.15 -13.26 -6.46
CA PRO B 184 42.97 -11.82 -6.72
C PRO B 184 42.81 -11.45 -8.20
N ASP B 185 42.04 -10.41 -8.48
CA ASP B 185 41.63 -10.04 -9.85
C ASP B 185 42.63 -9.15 -10.60
N ASN B 186 42.48 -9.10 -11.93
CA ASN B 186 43.39 -8.39 -12.84
C ASN B 186 43.36 -6.88 -12.70
N TRP B 187 42.24 -6.34 -12.26
CA TRP B 187 42.01 -4.90 -12.21
C TRP B 187 42.90 -4.22 -11.17
N GLY B 188 43.04 -4.85 -10.02
CA GLY B 188 43.77 -4.26 -8.89
C GLY B 188 43.00 -3.10 -8.29
N GLU B 189 43.58 -2.48 -7.26
CA GLU B 189 42.91 -1.42 -6.53
C GLU B 189 42.68 -0.15 -7.36
N ALA B 190 41.63 0.58 -7.01
CA ALA B 190 41.31 1.88 -7.61
C ALA B 190 40.78 2.82 -6.53
N LEU B 191 41.65 3.71 -6.05
CA LEU B 191 41.31 4.64 -4.97
C LEU B 191 41.71 6.08 -5.28
N ASN B 192 42.25 6.30 -6.48
CA ASN B 192 42.66 7.64 -6.93
C ASN B 192 42.24 7.90 -8.37
N GLU B 193 42.32 9.17 -8.77
CA GLU B 193 41.95 9.60 -10.12
C GLU B 193 42.77 8.89 -11.20
N GLN B 194 44.04 8.63 -10.92
CA GLN B 194 44.92 7.87 -11.81
C GLN B 194 44.38 6.48 -12.15
N GLN B 195 44.10 5.69 -11.11
CA GLN B 195 43.64 4.30 -11.28
C GLN B 195 42.24 4.21 -11.89
N ILE B 196 41.39 5.16 -11.53
CA ILE B 196 40.04 5.27 -12.12
C ILE B 196 40.14 5.47 -13.63
N VAL B 197 40.99 6.42 -14.05
CA VAL B 197 41.28 6.63 -15.47
C VAL B 197 41.77 5.33 -16.11
N ALA B 198 42.74 4.69 -15.47
CA ALA B 198 43.33 3.43 -15.95
C ALA B 198 42.27 2.32 -16.08
N GLN B 199 41.40 2.22 -15.07
CA GLN B 199 40.29 1.28 -15.06
C GLN B 199 39.35 1.51 -16.24
N ALA B 200 39.04 2.78 -16.50
CA ALA B 200 38.19 3.16 -17.62
C ALA B 200 38.86 2.85 -18.98
N ALA B 201 40.11 3.29 -19.11
CA ALA B 201 40.91 3.03 -20.32
C ALA B 201 40.88 1.56 -20.68
N ARG B 202 41.06 0.72 -19.64
CA ARG B 202 41.05 -0.71 -19.79
C ARG B 202 39.68 -1.22 -20.26
N MET B 203 38.62 -0.67 -19.67
CA MET B 203 37.25 -1.05 -20.01
C MET B 203 36.86 -0.72 -21.45
N ILE B 204 37.09 0.53 -21.83
CA ILE B 204 36.72 1.06 -23.14
C ILE B 204 37.45 0.36 -24.28
N GLU B 205 38.71 0.01 -24.03
CA GLU B 205 39.52 -0.72 -25.02
C GLU B 205 38.94 -2.09 -25.31
N ALA B 206 38.60 -2.84 -24.26
CA ALA B 206 38.13 -4.21 -24.38
C ALA B 206 36.68 -4.34 -24.87
N TYR B 207 35.87 -3.31 -24.64
CA TYR B 207 34.44 -3.39 -24.92
C TYR B 207 33.86 -2.33 -25.86
N GLY B 208 34.43 -1.13 -25.84
CA GLY B 208 34.09 -0.08 -26.81
C GLY B 208 33.02 0.91 -26.37
N PHE B 209 32.83 1.04 -25.06
CA PHE B 209 31.82 1.92 -24.49
C PHE B 209 32.06 3.39 -24.86
N LYS B 210 30.97 4.10 -25.16
CA LYS B 210 31.02 5.52 -25.50
C LYS B 210 30.52 6.40 -24.34
N SER B 211 30.08 5.77 -23.26
CA SER B 211 29.58 6.46 -22.05
C SER B 211 30.18 5.91 -20.77
N ILE B 212 30.42 6.80 -19.82
CA ILE B 212 31.09 6.44 -18.56
C ILE B 212 30.21 6.72 -17.32
N LYS B 213 30.06 5.73 -16.45
CA LYS B 213 29.42 5.92 -15.15
C LYS B 213 30.37 5.64 -13.99
N LEU B 214 30.42 6.57 -13.03
CA LEU B 214 31.21 6.38 -11.80
C LEU B 214 30.31 6.12 -10.58
N LYS B 215 30.43 4.92 -10.00
CA LYS B 215 29.76 4.60 -8.75
C LYS B 215 30.43 5.40 -7.64
N ALA B 216 29.63 6.23 -6.99
CA ALA B 216 30.16 7.14 -5.98
C ALA B 216 29.50 6.91 -4.62
N GLY B 217 29.61 7.90 -3.73
CA GLY B 217 29.09 7.79 -2.38
C GLY B 217 29.97 6.99 -1.43
N THR B 218 31.19 6.67 -1.86
CA THR B 218 32.13 5.93 -1.00
C THR B 218 33.33 6.74 -0.50
N LEU B 219 34.09 7.33 -1.42
CA LEU B 219 35.21 8.20 -1.09
C LEU B 219 34.69 9.61 -0.87
N PRO B 220 35.50 10.53 -0.28
CA PRO B 220 35.00 11.87 -0.03
C PRO B 220 34.45 12.52 -1.31
N PRO B 221 33.36 13.30 -1.18
CA PRO B 221 32.70 13.85 -2.39
C PRO B 221 33.61 14.72 -3.25
N GLU B 222 34.35 15.64 -2.63
CA GLU B 222 35.32 16.48 -3.34
C GLU B 222 36.25 15.61 -4.19
N HIS B 223 36.76 14.54 -3.59
CA HIS B 223 37.64 13.61 -4.29
C HIS B 223 36.93 12.87 -5.43
N GLU B 224 35.67 12.51 -5.22
CA GLU B 224 34.92 11.76 -6.23
C GLU B 224 34.62 12.63 -7.44
N VAL B 225 34.42 13.92 -7.19
CA VAL B 225 34.26 14.92 -8.24
C VAL B 225 35.53 15.01 -9.09
N ALA B 226 36.68 15.12 -8.42
CA ALA B 226 37.98 15.17 -9.07
C ALA B 226 38.19 14.00 -10.04
N CYS B 227 37.73 12.81 -9.65
CA CYS B 227 37.82 11.65 -10.52
C CYS B 227 37.02 11.80 -11.81
N ILE B 228 35.98 12.62 -11.78
CA ILE B 228 35.20 12.87 -12.99
C ILE B 228 35.85 13.92 -13.89
N LYS B 229 36.35 15.00 -13.29
CA LYS B 229 37.16 16.00 -14.00
C LYS B 229 38.28 15.27 -14.77
N ALA B 230 39.01 14.43 -14.05
CA ALA B 230 40.10 13.63 -14.61
C ALA B 230 39.66 12.72 -15.75
N LEU B 231 38.41 12.27 -15.72
CA LEU B 231 37.86 11.47 -16.82
C LEU B 231 37.47 12.35 -17.99
N LYS B 232 37.14 13.62 -17.71
CA LYS B 232 36.86 14.62 -18.75
C LYS B 232 38.08 14.81 -19.65
N LYS B 233 39.22 15.10 -19.03
CA LYS B 233 40.49 15.23 -19.75
C LYS B 233 40.81 13.97 -20.52
N ALA B 234 40.91 12.85 -19.80
CA ALA B 234 41.34 11.57 -20.37
C ALA B 234 40.39 11.03 -21.45
N PHE B 235 39.13 11.44 -21.38
CA PHE B 235 38.13 11.02 -22.36
C PHE B 235 37.19 12.19 -22.69
N PRO B 236 37.63 13.09 -23.58
CA PRO B 236 36.76 14.21 -23.96
C PRO B 236 35.66 13.71 -24.89
N GLY B 237 34.52 14.38 -24.88
CA GLY B 237 33.37 14.01 -25.70
C GLY B 237 32.64 12.76 -25.22
N TYR B 238 33.07 12.25 -24.07
CA TYR B 238 32.43 11.09 -23.45
C TYR B 238 31.38 11.54 -22.42
N PRO B 239 30.13 11.12 -22.62
CA PRO B 239 29.10 11.33 -21.59
C PRO B 239 29.54 10.77 -20.23
N LEU B 240 29.45 11.61 -19.20
CA LEU B 240 29.85 11.22 -17.85
C LEU B 240 28.66 11.21 -16.87
N ARG B 241 28.60 10.14 -16.07
CA ARG B 241 27.54 9.94 -15.08
C ARG B 241 28.16 9.70 -13.72
N ILE B 242 27.55 10.27 -12.69
CA ILE B 242 27.96 10.00 -11.31
C ILE B 242 26.75 9.56 -10.46
N ASP B 243 26.98 8.60 -9.58
CA ASP B 243 25.91 7.98 -8.78
C ASP B 243 26.34 7.74 -7.33
N PRO B 244 26.07 8.72 -6.44
CA PRO B 244 26.34 8.48 -5.03
C PRO B 244 25.29 7.63 -4.31
N ASN B 245 24.35 7.03 -5.06
CA ASN B 245 23.25 6.24 -4.47
C ASN B 245 22.58 6.93 -3.27
N GLY B 246 22.34 8.23 -3.39
CA GLY B 246 21.64 9.00 -2.37
C GLY B 246 22.43 9.22 -1.10
N ASN B 247 23.75 9.08 -1.16
CA ASN B 247 24.57 9.15 0.05
C ASN B 247 25.08 10.56 0.38
N TRP B 248 24.63 11.57 -0.38
CA TRP B 248 24.97 12.97 -0.09
C TRP B 248 23.78 13.76 0.37
N SER B 249 23.98 14.60 1.39
CA SER B 249 22.94 15.52 1.84
C SER B 249 22.61 16.47 0.69
N LEU B 250 21.58 17.30 0.87
CA LEU B 250 21.24 18.28 -0.15
C LEU B 250 22.30 19.38 -0.23
N GLU B 251 22.75 19.86 0.94
CA GLU B 251 23.79 20.90 1.03
C GLU B 251 25.05 20.50 0.28
N THR B 252 25.46 19.25 0.49
CA THR B 252 26.60 18.68 -0.22
C THR B 252 26.33 18.52 -1.70
N SER B 253 25.14 18.04 -2.04
CA SER B 253 24.76 17.81 -3.45
C SER B 253 24.85 19.11 -4.24
N ILE B 254 24.39 20.20 -3.62
CA ILE B 254 24.49 21.54 -4.17
C ILE B 254 25.96 21.96 -4.37
N ARG B 255 26.75 21.96 -3.29
CA ARG B 255 28.18 22.33 -3.35
C ARG B 255 28.93 21.56 -4.42
N MET B 256 28.65 20.26 -4.54
CA MET B 256 29.29 19.40 -5.55
C MET B 256 28.81 19.69 -6.97
N ALA B 257 27.56 20.11 -7.10
CA ALA B 257 27.01 20.53 -8.39
C ALA B 257 27.72 21.79 -8.91
N GLU B 258 28.10 22.67 -7.96
CA GLU B 258 28.83 23.90 -8.26
C GLU B 258 30.25 23.62 -8.77
N LEU B 259 30.85 22.52 -8.29
CA LEU B 259 32.17 22.10 -8.74
C LEU B 259 32.10 21.34 -10.06
N LEU B 260 31.00 20.62 -10.27
CA LEU B 260 30.84 19.79 -11.46
C LEU B 260 30.49 20.60 -12.72
N GLY B 261 29.82 21.73 -12.53
CA GLY B 261 29.35 22.56 -13.65
C GLY B 261 28.45 21.78 -14.60
N ASP B 262 28.85 21.71 -15.87
CA ASP B 262 28.09 21.01 -16.90
C ASP B 262 28.82 19.76 -17.42
N ASP B 263 29.73 19.23 -16.62
CA ASP B 263 30.56 18.08 -17.00
C ASP B 263 29.78 16.77 -17.20
N LEU B 264 28.62 16.65 -16.55
CA LEU B 264 27.84 15.41 -16.57
C LEU B 264 26.75 15.38 -17.63
N GLN B 265 26.54 14.20 -18.21
CA GLN B 265 25.35 13.91 -19.00
C GLN B 265 24.13 13.93 -18.07
N TYR B 266 24.24 13.27 -16.91
CA TYR B 266 23.25 13.40 -15.85
C TYR B 266 23.76 13.09 -14.43
N TYR B 267 23.01 13.57 -13.45
CA TYR B 267 23.41 13.57 -12.04
C TYR B 267 22.47 12.60 -11.29
N GLU B 268 22.97 11.39 -11.04
CA GLU B 268 22.10 10.28 -10.64
C GLU B 268 22.06 10.04 -9.13
N ASP B 269 20.87 10.20 -8.55
CA ASP B 269 20.62 9.99 -7.13
C ASP B 269 21.71 10.56 -6.22
N PRO B 270 22.00 11.87 -6.33
CA PRO B 270 22.98 12.42 -5.39
C PRO B 270 22.44 12.52 -3.97
N THR B 271 21.16 12.85 -3.83
CA THR B 271 20.55 13.09 -2.54
C THR B 271 19.25 12.30 -2.41
N PRO B 272 18.90 11.86 -1.18
CA PRO B 272 17.72 10.98 -1.06
C PRO B 272 16.39 11.73 -1.03
N GLY B 273 15.33 11.04 -1.45
CA GLY B 273 13.97 11.56 -1.33
C GLY B 273 13.52 12.36 -2.55
N LEU B 274 12.23 12.27 -2.85
CA LEU B 274 11.66 13.02 -3.96
C LEU B 274 11.79 14.54 -3.73
N GLU B 275 11.59 14.97 -2.50
CA GLU B 275 11.62 16.40 -2.15
C GLU B 275 13.02 16.99 -2.28
N GLY B 276 14.02 16.24 -1.83
CA GLY B 276 15.40 16.68 -1.91
C GLY B 276 15.87 16.78 -3.35
N MET B 277 15.52 15.78 -4.15
CA MET B 277 15.83 15.79 -5.58
C MET B 277 15.19 16.99 -6.26
N ALA B 278 13.89 17.17 -6.05
CA ALA B 278 13.18 18.32 -6.63
C ALA B 278 13.83 19.66 -6.23
N GLU B 279 14.24 19.81 -4.97
CA GLU B 279 14.90 21.03 -4.54
C GLU B 279 16.25 21.18 -5.23
N LEU B 280 16.98 20.09 -5.33
CA LEU B 280 18.28 20.11 -6.00
C LEU B 280 18.17 20.55 -7.47
N HIS B 281 17.20 20.02 -8.19
CA HIS B 281 17.03 20.37 -9.60
C HIS B 281 16.63 21.84 -9.79
N LYS B 282 15.70 22.28 -8.95
CA LYS B 282 15.23 23.65 -8.94
C LYS B 282 16.38 24.64 -8.70
N ARG B 283 17.33 24.25 -7.85
CA ARG B 283 18.38 25.16 -7.44
C ARG B 283 19.60 25.14 -8.36
N THR B 284 19.80 24.04 -9.08
CA THR B 284 21.02 23.88 -9.87
C THR B 284 20.76 23.78 -11.37
N GLY B 285 19.54 23.41 -11.73
CA GLY B 285 19.20 23.27 -13.14
C GLY B 285 19.67 21.97 -13.77
N LEU B 286 20.47 21.19 -13.05
CA LEU B 286 21.03 19.95 -13.62
C LEU B 286 19.99 18.85 -13.85
N PRO B 287 20.11 18.10 -14.96
CA PRO B 287 19.17 17.01 -15.17
C PRO B 287 19.47 15.84 -14.22
N LEU B 288 18.51 15.49 -13.38
CA LEU B 288 18.70 14.39 -12.43
C LEU B 288 18.10 13.10 -12.94
N ALA B 289 18.79 12.00 -12.65
CA ALA B 289 18.33 10.65 -12.94
C ALA B 289 18.17 9.89 -11.63
N THR B 290 17.38 8.81 -11.65
CA THR B 290 17.17 8.02 -10.45
C THR B 290 16.81 6.57 -10.77
N ASN B 291 17.24 5.66 -9.89
CA ASN B 291 16.65 4.34 -9.83
C ASN B 291 16.18 4.02 -8.41
N MET B 292 16.19 5.04 -7.54
CA MET B 292 15.93 4.85 -6.12
C MET B 292 14.68 5.55 -5.62
N VAL B 293 14.35 6.70 -6.23
CA VAL B 293 13.18 7.43 -5.80
C VAL B 293 12.00 7.23 -6.74
N VAL B 294 12.28 6.63 -7.89
CA VAL B 294 11.24 6.20 -8.80
C VAL B 294 11.56 4.75 -9.15
N THR B 295 10.88 3.84 -8.47
CA THR B 295 11.15 2.41 -8.58
C THR B 295 9.87 1.65 -8.92
N ASP B 296 8.72 2.33 -8.89
CA ASP B 296 7.44 1.73 -9.25
C ASP B 296 6.52 2.82 -9.79
N PHE B 297 5.32 2.45 -10.20
CA PHE B 297 4.41 3.37 -10.88
C PHE B 297 3.81 4.45 -9.99
N ASP B 298 3.55 4.12 -8.72
CA ASP B 298 3.06 5.11 -7.77
C ASP B 298 4.11 6.17 -7.46
N GLU B 299 5.37 5.74 -7.39
CA GLU B 299 6.48 6.65 -7.16
C GLU B 299 6.66 7.58 -8.36
N PHE B 300 6.37 7.06 -9.56
CA PHE B 300 6.39 7.83 -10.79
C PHE B 300 5.33 8.94 -10.72
N ARG B 301 4.10 8.55 -10.40
CA ARG B 301 3.04 9.52 -10.15
C ARG B 301 3.48 10.62 -9.17
N ARG B 302 4.14 10.25 -8.08
CA ARG B 302 4.51 11.24 -7.06
C ARG B 302 5.66 12.14 -7.50
N SER B 303 6.58 11.57 -8.28
CA SER B 303 7.71 12.30 -8.81
C SER B 303 7.24 13.37 -9.80
N VAL B 304 6.44 12.95 -10.76
CA VAL B 304 5.85 13.85 -11.73
C VAL B 304 5.16 15.06 -11.10
N ALA B 305 4.49 14.85 -9.96
CA ALA B 305 3.81 15.95 -9.27
C ALA B 305 4.78 16.95 -8.64
N GLN B 306 6.00 16.50 -8.35
CA GLN B 306 7.01 17.37 -7.73
C GLN B 306 8.10 17.84 -8.70
N ASN B 307 8.16 17.23 -9.89
CA ASN B 307 9.26 17.45 -10.83
CA ASN B 307 9.28 17.41 -10.85
C ASN B 307 10.62 17.12 -10.19
N SER B 308 10.70 15.93 -9.57
CA SER B 308 11.87 15.50 -8.81
C SER B 308 13.02 15.06 -9.69
N VAL B 309 12.70 14.35 -10.75
CA VAL B 309 13.70 13.75 -11.61
C VAL B 309 13.37 14.03 -13.08
N GLN B 310 14.40 14.01 -13.92
CA GLN B 310 14.23 14.29 -15.34
C GLN B 310 14.52 13.04 -16.18
N ILE B 311 15.26 12.09 -15.60
CA ILE B 311 15.49 10.79 -16.22
C ILE B 311 15.19 9.67 -15.21
N VAL B 312 14.49 8.65 -15.67
CA VAL B 312 14.23 7.46 -14.87
C VAL B 312 15.00 6.27 -15.45
N LEU B 313 15.78 5.61 -14.60
CA LEU B 313 16.43 4.38 -14.98
C LEU B 313 15.45 3.21 -14.95
N ALA B 314 15.21 2.60 -16.10
CA ALA B 314 14.45 1.39 -16.15
C ALA B 314 15.26 0.23 -15.61
N ASP B 315 14.57 -0.75 -15.06
CA ASP B 315 15.15 -2.05 -14.77
C ASP B 315 14.05 -3.08 -14.86
N HIS B 316 14.11 -3.97 -15.83
CA HIS B 316 13.05 -4.93 -16.02
C HIS B 316 12.90 -5.90 -14.85
N HIS B 317 13.97 -6.13 -14.13
CA HIS B 317 13.97 -7.07 -13.02
C HIS B 317 13.06 -6.70 -11.86
N TYR B 318 13.00 -5.43 -11.47
CA TYR B 318 12.12 -5.01 -10.38
C TYR B 318 10.90 -4.18 -10.78
N TRP B 319 10.82 -3.77 -12.04
CA TRP B 319 9.69 -2.98 -12.52
C TRP B 319 8.54 -3.87 -12.96
N GLY B 320 8.76 -5.18 -12.98
CA GLY B 320 7.69 -6.13 -13.25
C GLY B 320 7.73 -6.74 -14.64
N GLY B 321 8.90 -6.73 -15.27
CA GLY B 321 9.09 -7.40 -16.55
C GLY B 321 9.37 -6.50 -17.74
N LEU B 322 9.28 -7.08 -18.92
CA LEU B 322 9.69 -6.39 -20.14
C LEU B 322 8.58 -5.51 -20.67
N ARG B 323 7.34 -6.01 -20.63
CA ARG B 323 6.19 -5.24 -21.08
C ARG B 323 5.90 -4.04 -20.17
N ASP B 324 6.09 -4.24 -18.86
CA ASP B 324 5.94 -3.17 -17.88
C ASP B 324 7.01 -2.07 -18.12
N THR B 325 8.22 -2.48 -18.48
CA THR B 325 9.31 -1.56 -18.82
C THR B 325 8.93 -0.69 -20.03
N GLN B 326 8.29 -1.30 -21.03
CA GLN B 326 7.78 -0.56 -22.18
C GLN B 326 6.72 0.43 -21.74
N THR B 327 5.85 0.03 -20.80
CA THR B 327 4.83 0.93 -20.29
C THR B 327 5.45 2.14 -19.60
N LEU B 328 6.53 1.92 -18.84
CA LEU B 328 7.23 3.00 -18.17
C LEU B 328 7.81 3.98 -19.18
N ALA B 329 8.47 3.45 -20.21
CA ALA B 329 9.10 4.27 -21.24
C ALA B 329 8.10 5.21 -21.90
N LYS B 330 6.91 4.69 -22.20
CA LYS B 330 5.81 5.45 -22.80
C LYS B 330 5.23 6.50 -21.85
N MET B 331 5.28 6.23 -20.55
CA MET B 331 4.83 7.20 -19.57
C MET B 331 5.87 8.29 -19.44
N CYS B 332 7.15 7.89 -19.48
CA CYS B 332 8.26 8.84 -19.44
C CYS B 332 8.17 9.81 -20.61
N ASP B 333 7.82 9.28 -21.78
CA ASP B 333 7.64 10.08 -22.97
C ASP B 333 6.50 11.07 -22.75
N THR B 334 5.38 10.57 -22.26
CA THR B 334 4.21 11.40 -22.02
C THR B 334 4.50 12.55 -21.06
N PHE B 335 5.32 12.29 -20.05
CA PHE B 335 5.58 13.30 -19.02
C PHE B 335 6.89 14.07 -19.19
N GLY B 336 7.58 13.84 -20.30
CA GLY B 336 8.78 14.61 -20.66
C GLY B 336 10.02 14.21 -19.89
N LEU B 337 10.11 12.92 -19.56
CA LEU B 337 11.25 12.39 -18.82
C LEU B 337 12.12 11.57 -19.75
N GLY B 338 13.43 11.55 -19.50
CA GLY B 338 14.34 10.67 -20.22
C GLY B 338 14.29 9.24 -19.69
N VAL B 339 14.62 8.27 -20.55
CA VAL B 339 14.69 6.88 -20.14
C VAL B 339 16.11 6.31 -20.26
N SER B 340 16.64 5.83 -19.14
CA SER B 340 17.95 5.17 -19.09
C SER B 340 17.73 3.73 -18.58
N MET B 341 18.80 3.03 -18.18
CA MET B 341 18.66 1.67 -17.62
C MET B 341 19.63 1.38 -16.49
N HIS B 342 19.12 0.76 -15.44
CA HIS B 342 19.89 0.40 -14.25
C HIS B 342 20.26 -1.10 -14.24
N SER B 343 21.34 -1.43 -13.54
CA SER B 343 21.89 -2.79 -13.55
C SER B 343 22.25 -3.30 -12.15
N ASN B 344 22.23 -4.60 -11.97
CA ASN B 344 22.82 -5.24 -10.82
C ASN B 344 23.62 -6.40 -11.37
N SER B 345 24.57 -6.93 -10.60
CA SER B 345 25.47 -7.93 -11.13
C SER B 345 24.67 -9.04 -11.74
N HIS B 346 25.02 -9.39 -12.97
CA HIS B 346 24.19 -10.24 -13.77
C HIS B 346 25.01 -10.99 -14.78
N LEU B 347 24.42 -12.02 -15.34
CA LEU B 347 25.05 -12.78 -16.40
C LEU B 347 24.35 -12.57 -17.74
N GLY B 348 24.58 -13.47 -18.69
CA GLY B 348 24.16 -13.32 -20.08
C GLY B 348 22.67 -13.22 -20.34
N ILE B 349 21.87 -13.98 -19.59
CA ILE B 349 20.41 -14.02 -19.81
C ILE B 349 19.75 -12.67 -19.49
N SER B 350 20.22 -12.02 -18.43
CA SER B 350 19.77 -10.69 -18.06
C SER B 350 20.22 -9.69 -19.10
N LEU B 351 21.48 -9.82 -19.53
CA LEU B 351 22.07 -8.92 -20.50
C LEU B 351 21.29 -8.90 -21.80
N MET B 352 20.99 -10.08 -22.35
CA MET B 352 20.16 -10.17 -23.55
C MET B 352 18.76 -9.62 -23.33
N ALA B 353 18.21 -9.86 -22.14
CA ALA B 353 16.89 -9.37 -21.78
C ALA B 353 16.86 -7.84 -21.73
N MET B 354 17.87 -7.25 -21.08
CA MET B 354 18.05 -5.80 -21.03
C MET B 354 18.09 -5.24 -22.45
N ALA B 355 18.95 -5.83 -23.28
CA ALA B 355 19.16 -5.39 -24.66
C ALA B 355 17.90 -5.48 -25.51
N HIS B 356 17.22 -6.62 -25.45
CA HIS B 356 15.99 -6.84 -26.24
C HIS B 356 14.85 -5.83 -25.97
N VAL B 357 14.63 -5.47 -24.71
CA VAL B 357 13.57 -4.51 -24.39
C VAL B 357 14.01 -3.08 -24.73
N ALA B 358 15.28 -2.78 -24.51
CA ALA B 358 15.81 -1.46 -24.85
C ALA B 358 15.82 -1.24 -26.36
N ALA B 359 15.99 -2.32 -27.12
CA ALA B 359 15.99 -2.27 -28.57
C ALA B 359 14.59 -1.99 -29.12
N ALA B 360 13.58 -2.26 -28.29
CA ALA B 360 12.18 -2.12 -28.70
C ALA B 360 11.54 -0.79 -28.31
N VAL B 361 12.21 0.04 -27.50
CA VAL B 361 11.61 1.32 -27.13
C VAL B 361 12.28 2.49 -27.80
N PRO B 362 11.50 3.27 -28.59
CA PRO B 362 12.02 4.38 -29.37
C PRO B 362 12.76 5.42 -28.53
N ASN B 363 12.26 5.71 -27.33
CA ASN B 363 12.82 6.81 -26.55
C ASN B 363 13.87 6.45 -25.50
N LEU B 364 14.48 5.27 -25.61
CA LEU B 364 15.64 4.96 -24.77
C LEU B 364 16.91 5.37 -25.51
N ASP B 365 17.27 6.65 -25.36
CA ASP B 365 18.43 7.22 -26.04
C ASP B 365 19.71 6.85 -25.30
N TYR B 366 19.71 7.06 -23.99
CA TYR B 366 20.88 6.88 -23.14
C TYR B 366 21.46 5.46 -23.17
N ALA B 367 22.76 5.36 -22.95
CA ALA B 367 23.41 4.05 -22.86
C ALA B 367 23.03 3.36 -21.56
N CYS B 368 22.59 2.11 -21.67
CA CYS B 368 22.25 1.26 -20.54
C CYS B 368 23.49 0.96 -19.70
N ASP B 369 23.32 1.00 -18.38
CA ASP B 369 24.37 0.55 -17.45
C ASP B 369 24.50 -0.96 -17.49
N THR B 370 25.70 -1.47 -17.21
CA THR B 370 25.90 -2.93 -17.06
C THR B 370 27.02 -3.33 -16.10
N HIS B 371 26.90 -4.54 -15.55
CA HIS B 371 27.92 -5.09 -14.66
C HIS B 371 28.84 -6.10 -15.37
N TYR B 372 28.49 -6.45 -16.60
CA TYR B 372 29.15 -7.53 -17.37
C TYR B 372 30.69 -7.55 -17.31
N PRO B 373 31.35 -6.39 -17.52
CA PRO B 373 32.82 -6.37 -17.44
C PRO B 373 33.42 -6.98 -16.16
N TRP B 374 32.69 -6.90 -15.05
CA TRP B 374 33.20 -7.33 -13.75
C TRP B 374 33.01 -8.82 -13.49
N GLN B 375 32.21 -9.48 -14.33
CA GLN B 375 31.97 -10.91 -14.21
CA GLN B 375 31.97 -10.91 -14.20
C GLN B 375 33.00 -11.71 -15.01
N GLU B 376 33.42 -12.84 -14.45
CA GLU B 376 34.50 -13.65 -15.01
C GLU B 376 34.08 -14.55 -16.19
N PRO B 377 34.97 -14.69 -17.21
CA PRO B 377 34.73 -15.47 -18.43
C PRO B 377 34.40 -16.96 -18.20
N ASP B 378 35.02 -17.56 -17.21
CA ASP B 378 34.76 -18.97 -16.86
C ASP B 378 33.41 -19.18 -16.18
N GLU B 379 32.88 -18.12 -15.57
CA GLU B 379 31.67 -18.22 -14.75
C GLU B 379 30.39 -17.76 -15.43
N GLU B 380 30.34 -17.86 -16.75
CA GLU B 380 29.12 -17.58 -17.52
C GLU B 380 28.29 -18.86 -17.65
N VAL B 381 26.96 -18.74 -17.67
CA VAL B 381 26.07 -19.90 -17.67
C VAL B 381 25.52 -20.30 -19.04
N ILE B 382 25.85 -19.53 -20.06
CA ILE B 382 25.37 -19.84 -21.42
C ILE B 382 26.46 -20.48 -22.27
N LYS B 383 26.03 -21.15 -23.34
CA LYS B 383 26.96 -21.74 -24.30
C LYS B 383 27.61 -20.66 -25.14
N GLY B 384 28.93 -20.76 -25.29
CA GLY B 384 29.72 -19.82 -26.07
C GLY B 384 30.52 -18.87 -25.20
N GLY B 385 30.45 -19.07 -23.88
CA GLY B 385 31.11 -18.19 -22.91
C GLY B 385 30.42 -16.84 -22.82
N LYS B 386 31.15 -15.87 -22.27
CA LYS B 386 30.68 -14.49 -22.16
C LYS B 386 30.27 -13.89 -23.49
N LEU B 387 29.16 -13.15 -23.50
CA LEU B 387 28.66 -12.50 -24.71
C LEU B 387 29.53 -11.32 -25.15
N PRO B 388 29.51 -11.00 -26.45
CA PRO B 388 30.38 -9.95 -26.95
C PRO B 388 29.74 -8.56 -26.92
N ILE B 389 30.53 -7.58 -26.49
CA ILE B 389 30.13 -6.18 -26.58
C ILE B 389 31.14 -5.48 -27.49
N VAL B 390 30.74 -5.27 -28.73
CA VAL B 390 31.57 -4.61 -29.73
C VAL B 390 31.03 -3.21 -30.01
N ASP B 391 31.91 -2.21 -29.85
CA ASP B 391 31.59 -0.79 -30.00
C ASP B 391 30.66 -0.31 -28.89
N GLY B 392 30.82 -0.92 -27.71
CA GLY B 392 29.99 -0.59 -26.55
C GLY B 392 28.55 -1.02 -26.71
N CYS B 393 28.28 -1.87 -27.71
CA CYS B 393 26.91 -2.26 -28.04
C CYS B 393 26.71 -3.75 -28.12
N VAL B 394 25.53 -4.20 -27.72
CA VAL B 394 25.12 -5.57 -27.87
C VAL B 394 24.32 -5.70 -29.16
N LYS B 395 24.72 -6.66 -29.99
CA LYS B 395 24.04 -6.90 -31.27
C LYS B 395 22.76 -7.70 -31.05
N ILE B 396 21.69 -7.27 -31.72
CA ILE B 396 20.42 -8.00 -31.71
C ILE B 396 20.30 -8.81 -33.01
N THR B 397 20.66 -10.10 -32.92
CA THR B 397 20.62 -10.98 -34.08
C THR B 397 19.19 -11.42 -34.41
N ARG B 398 19.06 -12.43 -35.25
CA ARG B 398 17.75 -12.95 -35.64
C ARG B 398 17.46 -14.30 -34.96
N ALA B 399 18.33 -14.68 -34.03
CA ALA B 399 18.19 -15.92 -33.29
C ALA B 399 16.91 -15.90 -32.45
N PRO B 400 16.13 -17.00 -32.48
CA PRO B 400 14.85 -17.07 -31.75
C PRO B 400 15.01 -16.82 -30.25
N GLY B 401 13.95 -16.31 -29.64
CA GLY B 401 13.97 -15.94 -28.22
C GLY B 401 15.12 -15.01 -27.89
N LEU B 402 15.77 -15.26 -26.75
CA LEU B 402 16.95 -14.49 -26.36
C LEU B 402 18.21 -14.89 -27.14
N GLY B 403 18.07 -15.93 -27.97
CA GLY B 403 19.19 -16.47 -28.74
C GLY B 403 20.27 -17.08 -27.87
N LEU B 404 19.85 -17.72 -26.78
CA LEU B 404 20.79 -18.26 -25.80
C LEU B 404 20.50 -19.72 -25.43
N GLU B 405 21.58 -20.46 -25.17
CA GLU B 405 21.47 -21.83 -24.69
C GLU B 405 22.15 -22.00 -23.32
N LEU B 406 21.43 -22.65 -22.42
CA LEU B 406 21.89 -22.84 -21.05
C LEU B 406 22.90 -23.98 -20.96
N ASP B 407 24.12 -23.63 -20.55
CA ASP B 407 25.19 -24.60 -20.33
C ASP B 407 25.00 -25.28 -18.96
N HIS B 408 24.42 -26.48 -18.97
CA HIS B 408 24.06 -27.19 -17.74
C HIS B 408 25.23 -27.53 -16.81
N ASP B 409 26.34 -27.99 -17.38
CA ASP B 409 27.56 -28.26 -16.60
C ASP B 409 28.01 -27.00 -15.89
N GLN B 410 27.91 -25.88 -16.59
CA GLN B 410 28.27 -24.59 -16.04
C GLN B 410 27.30 -24.18 -14.93
N LEU B 411 26.02 -24.50 -15.14
CA LEU B 411 24.97 -24.25 -14.17
C LEU B 411 25.26 -24.96 -12.85
N GLY B 412 25.37 -26.29 -12.92
CA GLY B 412 25.70 -27.13 -11.77
C GLY B 412 26.89 -26.61 -10.98
N LYS B 413 27.92 -26.17 -11.68
CA LYS B 413 29.14 -25.63 -11.07
C LYS B 413 28.85 -24.40 -10.19
N LEU B 414 28.05 -23.48 -10.71
CA LEU B 414 27.73 -22.24 -10.00
C LEU B 414 26.67 -22.47 -8.94
N HIS B 415 25.76 -23.42 -9.18
CA HIS B 415 24.82 -23.88 -8.18
C HIS B 415 25.56 -24.42 -6.96
N ASP B 416 26.54 -25.29 -7.22
CA ASP B 416 27.40 -25.87 -6.18
C ASP B 416 28.23 -24.81 -5.46
N GLN B 417 28.63 -23.78 -6.19
CA GLN B 417 29.36 -22.67 -5.59
C GLN B 417 28.44 -21.86 -4.69
N TYR B 418 27.14 -21.87 -5.03
CA TYR B 418 26.15 -21.20 -4.22
C TYR B 418 26.02 -21.88 -2.86
N LEU B 419 25.98 -23.21 -2.88
CA LEU B 419 25.85 -23.99 -1.65
C LEU B 419 27.03 -23.81 -0.68
N THR B 420 28.22 -23.59 -1.22
CA THR B 420 29.45 -23.53 -0.42
C THR B 420 29.88 -22.13 -0.02
N CYS B 421 29.36 -21.10 -0.70
CA CYS B 421 29.84 -19.73 -0.47
C CYS B 421 29.50 -19.21 0.93
N GLY B 422 28.43 -19.75 1.53
CA GLY B 422 28.00 -19.35 2.87
C GLY B 422 27.28 -18.01 2.86
N ILE B 423 26.66 -17.70 1.73
CA ILE B 423 25.90 -16.45 1.53
C ILE B 423 24.48 -16.80 1.06
N ARG B 424 23.49 -16.21 1.73
CA ARG B 424 22.08 -16.49 1.41
C ARG B 424 21.29 -15.21 1.10
N GLN B 425 21.83 -14.08 1.54
CA GLN B 425 21.30 -12.77 1.18
CA GLN B 425 21.28 -12.76 1.21
C GLN B 425 22.40 -11.71 1.26
N ARG B 426 22.44 -10.86 0.24
CA ARG B 426 23.48 -9.83 0.09
C ARG B 426 23.42 -8.75 1.18
N ASP B 427 24.59 -8.39 1.70
CA ASP B 427 24.71 -7.33 2.70
C ASP B 427 26.07 -6.68 2.57
N ASP B 428 26.09 -5.53 1.90
CA ASP B 428 27.32 -4.76 1.68
C ASP B 428 27.78 -4.11 2.98
N VAL B 429 26.84 -3.85 3.88
CA VAL B 429 27.19 -3.21 5.15
C VAL B 429 27.93 -4.22 6.02
N ARG B 430 27.37 -5.43 6.15
CA ARG B 430 27.96 -6.49 6.95
C ARG B 430 29.37 -6.81 6.45
N GLN B 431 29.53 -6.79 5.13
CA GLN B 431 30.80 -7.06 4.48
C GLN B 431 31.89 -6.03 4.78
N MET B 432 31.53 -4.75 4.76
CA MET B 432 32.51 -3.69 5.05
C MET B 432 32.94 -3.70 6.51
N GLN B 433 32.10 -4.28 7.37
CA GLN B 433 32.40 -4.39 8.79
C GLN B 433 33.55 -5.34 9.05
N ARG B 434 33.81 -6.23 8.08
CA ARG B 434 34.97 -7.11 8.12
C ARG B 434 36.27 -6.33 7.89
N TYR B 435 36.14 -5.10 7.38
CA TYR B 435 37.30 -4.25 7.09
C TYR B 435 37.46 -3.17 8.15
N LYS B 436 36.40 -2.39 8.36
CA LYS B 436 36.35 -1.43 9.46
C LYS B 436 35.31 -1.96 10.44
N PRO B 437 35.76 -2.34 11.65
CA PRO B 437 34.80 -2.87 12.63
C PRO B 437 33.79 -1.82 13.10
N ASP B 438 34.16 -0.54 13.06
CA ASP B 438 33.30 0.53 13.53
C ASP B 438 32.23 0.99 12.52
N TRP B 439 32.28 0.42 11.32
CA TRP B 439 31.35 0.73 10.24
C TRP B 439 29.89 0.46 10.62
N LYS B 440 29.07 1.50 10.52
CA LYS B 440 27.63 1.39 10.64
C LYS B 440 27.01 2.02 9.41
N ALA B 441 25.88 1.48 8.95
CA ALA B 441 25.13 2.10 7.86
C ALA B 441 24.75 3.54 8.20
N LEU B 442 25.13 4.48 7.35
CA LEU B 442 24.62 5.83 7.45
C LEU B 442 24.13 6.26 6.09
N LYS B 443 23.12 7.12 6.09
CA LYS B 443 22.57 7.71 4.89
C LYS B 443 21.80 8.98 5.26
N PRO B 444 22.15 10.12 4.65
CA PRO B 444 23.32 10.23 3.79
C PRO B 444 24.57 10.42 4.64
N ARG B 445 25.66 9.75 4.30
CA ARG B 445 26.90 9.83 5.08
C ARG B 445 27.55 11.21 4.95
N PHE B 446 27.68 11.70 3.71
CA PHE B 446 28.39 12.93 3.43
C PHE B 446 27.46 14.13 3.28
N GLN C 21 -28.09 -11.71 21.98
CA GLN C 21 -28.58 -11.27 23.31
C GLN C 21 -27.73 -10.13 23.90
N SER C 22 -27.31 -9.21 23.02
CA SER C 22 -26.48 -8.06 23.42
C SER C 22 -27.06 -6.73 22.91
N MET C 23 -26.40 -5.62 23.25
CA MET C 23 -26.77 -4.31 22.71
C MET C 23 -26.59 -4.32 21.19
N LYS C 24 -27.50 -3.65 20.48
CA LYS C 24 -27.47 -3.54 19.03
C LYS C 24 -27.72 -2.10 18.59
N ILE C 25 -27.09 -1.73 17.48
CA ILE C 25 -27.34 -0.44 16.85
C ILE C 25 -28.62 -0.54 16.01
N THR C 26 -29.48 0.47 16.14
CA THR C 26 -30.77 0.44 15.44
C THR C 26 -30.97 1.65 14.52
N ARG C 27 -30.23 2.73 14.77
CA ARG C 27 -30.27 3.91 13.93
C ARG C 27 -28.87 4.54 13.83
N VAL C 28 -28.53 4.99 12.62
CA VAL C 28 -27.31 5.75 12.37
C VAL C 28 -27.70 6.94 11.49
N THR C 29 -27.43 8.15 11.98
CA THR C 29 -27.67 9.34 11.18
C THR C 29 -26.34 10.05 10.93
N VAL C 30 -26.04 10.29 9.65
CA VAL C 30 -24.86 11.06 9.26
C VAL C 30 -25.35 12.38 8.67
N THR C 31 -24.93 13.49 9.28
CA THR C 31 -25.43 14.79 8.88
C THR C 31 -24.31 15.74 8.50
N PRO C 32 -24.20 16.08 7.19
CA PRO C 32 -23.24 17.07 6.73
C PRO C 32 -23.68 18.48 7.10
N ILE C 33 -22.74 19.29 7.58
CA ILE C 33 -23.02 20.65 8.03
C ILE C 33 -21.96 21.60 7.52
N ALA C 34 -22.26 22.90 7.63
CA ALA C 34 -21.27 23.93 7.40
C ALA C 34 -21.47 25.04 8.42
N PHE C 35 -20.36 25.53 8.95
CA PHE C 35 -20.36 26.64 9.90
C PHE C 35 -19.44 27.73 9.36
N ARG C 36 -19.64 28.95 9.83
CA ARG C 36 -18.86 30.11 9.37
CA ARG C 36 -18.87 30.10 9.36
C ARG C 36 -17.40 29.99 9.78
N ASP C 37 -16.50 30.29 8.86
CA ASP C 37 -15.09 30.27 9.13
C ASP C 37 -14.50 31.58 8.60
N PRO C 38 -13.59 32.22 9.37
CA PRO C 38 -12.95 33.47 8.95
C PRO C 38 -11.99 33.29 7.77
N PRO C 39 -11.58 34.41 7.14
CA PRO C 39 -10.64 34.30 6.02
C PRO C 39 -9.20 34.08 6.49
N LEU C 40 -8.96 32.90 7.04
CA LEU C 40 -7.66 32.55 7.58
C LEU C 40 -6.74 32.07 6.48
N LEU C 41 -5.49 32.55 6.51
CA LEU C 41 -4.48 32.22 5.52
C LEU C 41 -3.65 31.02 5.93
N ASN C 42 -3.26 30.21 4.95
CA ASN C 42 -2.32 29.11 5.17
C ASN C 42 -1.39 28.96 3.97
N ALA C 43 -0.54 27.93 3.99
CA ALA C 43 0.40 27.74 2.89
C ALA C 43 -0.28 27.48 1.53
N SER C 44 -1.45 26.85 1.55
CA SER C 44 -2.20 26.54 0.31
C SER C 44 -2.92 27.74 -0.27
N GLY C 45 -3.38 28.63 0.59
CA GLY C 45 -4.12 29.80 0.14
C GLY C 45 -4.87 30.45 1.28
N ILE C 46 -6.19 30.31 1.27
CA ILE C 46 -7.03 30.93 2.29
C ILE C 46 -8.31 30.12 2.52
N HIS C 47 -8.83 30.19 3.74
CA HIS C 47 -10.05 29.46 4.07
C HIS C 47 -11.26 30.08 3.39
N GLU C 48 -12.20 29.21 3.03
CA GLU C 48 -13.47 29.60 2.46
C GLU C 48 -14.40 30.18 3.56
N PRO C 49 -15.50 30.84 3.16
CA PRO C 49 -16.37 31.46 4.17
C PRO C 49 -17.09 30.46 5.08
N PHE C 50 -17.14 29.20 4.67
CA PHE C 50 -17.71 28.13 5.48
C PHE C 50 -16.76 26.94 5.55
N ALA C 51 -16.79 26.21 6.65
CA ALA C 51 -16.03 24.97 6.79
C ALA C 51 -16.99 23.78 6.85
N LEU C 52 -16.56 22.66 6.31
CA LEU C 52 -17.39 21.45 6.24
C LEU C 52 -17.14 20.51 7.43
N ARG C 53 -18.13 19.66 7.71
CA ARG C 53 -18.10 18.75 8.83
C ARG C 53 -19.19 17.71 8.66
N SER C 54 -19.02 16.55 9.27
CA SER C 54 -20.15 15.64 9.40
C SER C 54 -20.38 15.28 10.85
N ILE C 55 -21.64 15.11 11.18
CA ILE C 55 -22.06 14.74 12.52
C ILE C 55 -22.61 13.36 12.43
N ILE C 56 -22.22 12.53 13.40
CA ILE C 56 -22.64 11.15 13.43
C ILE C 56 -23.45 10.92 14.70
N GLU C 57 -24.65 10.39 14.53
CA GLU C 57 -25.48 10.03 15.68
C GLU C 57 -25.87 8.57 15.53
N ILE C 58 -25.54 7.80 16.57
CA ILE C 58 -25.83 6.37 16.63
C ILE C 58 -26.84 6.15 17.74
N GLU C 59 -27.82 5.28 17.50
CA GLU C 59 -28.77 4.89 18.55
C GLU C 59 -28.86 3.38 18.69
N SER C 60 -28.94 2.93 19.95
CA SER C 60 -29.00 1.50 20.28
C SER C 60 -30.44 1.00 20.50
N ASP C 61 -30.61 -0.32 20.56
CA ASP C 61 -31.92 -0.92 20.78
C ASP C 61 -32.46 -0.69 22.20
N ASN C 62 -31.57 -0.33 23.13
CA ASN C 62 -31.98 0.00 24.50
C ASN C 62 -31.95 1.51 24.80
N GLY C 63 -31.92 2.32 23.73
CA GLY C 63 -32.17 3.75 23.83
C GLY C 63 -31.04 4.69 24.25
N TYR C 64 -29.80 4.25 24.14
CA TYR C 64 -28.67 5.17 24.38
C TYR C 64 -28.18 5.75 23.07
N ILE C 65 -27.51 6.90 23.16
CA ILE C 65 -27.03 7.61 21.97
C ILE C 65 -25.50 7.73 21.96
N GLY C 66 -24.90 7.57 20.79
CA GLY C 66 -23.47 7.80 20.59
C GLY C 66 -23.20 8.88 19.56
N LEU C 67 -22.31 9.81 19.88
CA LEU C 67 -22.00 10.93 18.99
C LEU C 67 -20.60 10.88 18.42
N GLY C 68 -20.49 11.25 17.16
CA GLY C 68 -19.21 11.43 16.50
C GLY C 68 -19.20 12.66 15.63
N GLU C 69 -17.99 13.05 15.22
CA GLU C 69 -17.78 14.24 14.38
C GLU C 69 -16.54 14.02 13.50
N SER C 70 -16.69 14.26 12.20
CA SER C 70 -15.60 14.06 11.25
C SER C 70 -15.60 15.04 10.08
N TYR C 71 -14.81 14.73 9.06
CA TYR C 71 -14.72 15.56 7.86
C TYR C 71 -15.99 15.57 7.03
N GLY C 72 -16.24 16.70 6.36
CA GLY C 72 -17.44 16.89 5.57
C GLY C 72 -17.20 16.89 4.07
N ASP C 73 -15.94 16.78 3.65
CA ASP C 73 -15.62 16.73 2.23
C ASP C 73 -16.28 15.53 1.55
N ALA C 74 -16.60 15.70 0.27
CA ALA C 74 -17.38 14.72 -0.51
C ALA C 74 -16.84 13.29 -0.41
N PRO C 75 -15.52 13.08 -0.55
CA PRO C 75 -15.10 11.68 -0.46
C PRO C 75 -15.32 11.11 0.95
N ALA C 76 -15.03 11.89 1.99
CA ALA C 76 -15.30 11.46 3.38
C ALA C 76 -16.78 11.17 3.63
N LEU C 77 -17.66 12.07 3.15
CA LEU C 77 -19.11 11.88 3.24
C LEU C 77 -19.60 10.63 2.54
N ALA C 78 -19.13 10.43 1.31
CA ALA C 78 -19.54 9.29 0.50
C ALA C 78 -19.26 7.98 1.23
N ILE C 79 -18.10 7.89 1.89
CA ILE C 79 -17.75 6.67 2.62
C ILE C 79 -18.59 6.52 3.87
N GLN C 80 -18.81 7.61 4.59
CA GLN C 80 -19.66 7.56 5.78
C GLN C 80 -21.06 7.05 5.41
N GLN C 81 -21.62 7.61 4.34
CA GLN C 81 -22.96 7.25 3.89
C GLN C 81 -23.06 5.80 3.42
N GLN C 82 -22.00 5.29 2.79
CA GLN C 82 -21.97 3.90 2.33
C GLN C 82 -21.79 2.92 3.49
N VAL C 83 -21.07 3.35 4.52
CA VAL C 83 -20.84 2.53 5.71
C VAL C 83 -22.08 2.53 6.63
N GLN C 84 -22.67 3.70 6.83
CA GLN C 84 -23.83 3.89 7.71
C GLN C 84 -24.89 2.76 7.63
N SER C 85 -25.31 2.41 6.42
CA SER C 85 -26.39 1.43 6.22
C SER C 85 -26.03 0.03 6.68
N GLN C 86 -24.74 -0.31 6.68
CA GLN C 86 -24.30 -1.65 7.06
C GLN C 86 -24.11 -1.82 8.58
N LEU C 87 -24.36 -0.76 9.37
CA LEU C 87 -24.14 -0.80 10.83
C LEU C 87 -25.35 -1.19 11.68
N ILE C 88 -26.55 -1.08 11.10
CA ILE C 88 -27.80 -1.42 11.79
C ILE C 88 -27.82 -2.89 12.22
N GLY C 89 -28.07 -3.12 13.52
CA GLY C 89 -28.10 -4.48 14.07
C GLY C 89 -26.73 -4.97 14.48
N LEU C 90 -25.77 -4.05 14.52
CA LEU C 90 -24.41 -4.39 14.90
C LEU C 90 -24.17 -4.12 16.38
N ASP C 91 -23.34 -4.96 16.98
CA ASP C 91 -22.89 -4.79 18.36
C ASP C 91 -21.85 -3.66 18.44
N PRO C 92 -22.13 -2.59 19.20
CA PRO C 92 -21.21 -1.45 19.23
C PRO C 92 -19.93 -1.70 20.06
N PHE C 93 -19.78 -2.89 20.61
CA PHE C 93 -18.51 -3.29 21.22
C PHE C 93 -17.56 -3.89 20.18
N ASN C 94 -18.14 -4.40 19.08
CA ASN C 94 -17.37 -5.06 18.04
C ASN C 94 -16.74 -4.06 17.07
N LEU C 95 -15.73 -3.33 17.55
CA LEU C 95 -15.01 -2.37 16.73
C LEU C 95 -14.19 -3.04 15.63
N ASN C 96 -13.70 -4.26 15.90
CA ASN C 96 -13.01 -5.06 14.88
C ASN C 96 -13.88 -5.29 13.64
N GLN C 97 -15.15 -5.60 13.88
CA GLN C 97 -16.12 -5.78 12.80
CA GLN C 97 -16.14 -5.78 12.81
C GLN C 97 -16.33 -4.48 12.05
N LEU C 98 -16.40 -3.37 12.79
CA LEU C 98 -16.58 -2.08 12.19
C LEU C 98 -15.40 -1.74 11.26
N ARG C 99 -14.18 -2.07 11.65
CA ARG C 99 -13.04 -1.85 10.76
C ARG C 99 -13.16 -2.68 9.49
N ARG C 100 -13.52 -3.96 9.64
CA ARG C 100 -13.66 -4.84 8.47
C ARG C 100 -14.67 -4.28 7.48
N ILE C 101 -15.79 -3.75 8.00
CA ILE C 101 -16.85 -3.15 7.19
C ILE C 101 -16.34 -1.94 6.41
N VAL C 102 -15.59 -1.08 7.08
CA VAL C 102 -15.03 0.09 6.41
C VAL C 102 -14.01 -0.30 5.34
N GLN C 103 -13.14 -1.27 5.67
CA GLN C 103 -12.14 -1.78 4.74
C GLN C 103 -12.79 -2.33 3.47
N THR C 104 -13.82 -3.17 3.63
CA THR C 104 -14.48 -3.78 2.46
C THR C 104 -15.28 -2.75 1.66
N THR C 105 -15.82 -1.76 2.37
CA THR C 105 -16.55 -0.69 1.72
C THR C 105 -15.63 0.21 0.87
N VAL C 106 -14.40 0.45 1.32
CA VAL C 106 -13.47 1.30 0.59
C VAL C 106 -12.86 0.56 -0.61
N ALA C 107 -12.54 -0.71 -0.40
CA ALA C 107 -12.07 -1.63 -1.44
C ALA C 107 -13.09 -1.78 -2.57
N ALA C 108 -14.37 -1.85 -2.20
CA ALA C 108 -15.47 -1.90 -3.18
C ALA C 108 -15.59 -0.60 -3.99
N HIS C 109 -15.26 0.52 -3.36
CA HIS C 109 -15.44 1.80 -3.98
C HIS C 109 -14.60 1.89 -5.25
N LYS C 110 -15.13 2.57 -6.26
CA LYS C 110 -14.45 2.73 -7.53
C LYS C 110 -13.18 3.48 -7.21
N PRO C 111 -12.08 3.24 -8.06
CA PRO C 111 -10.83 3.81 -7.54
C PRO C 111 -10.93 5.32 -7.33
N ALA C 112 -10.45 5.74 -6.17
CA ALA C 112 -10.63 7.11 -5.70
C ALA C 112 -9.65 8.08 -6.33
N SER C 113 -10.00 9.36 -6.33
CA SER C 113 -9.09 10.33 -6.89
C SER C 113 -7.95 10.50 -5.91
N LEU C 114 -6.75 10.29 -6.39
CA LEU C 114 -5.55 10.32 -5.56
C LEU C 114 -4.98 11.72 -5.27
N ALA C 115 -5.69 12.76 -5.72
CA ALA C 115 -5.24 14.14 -5.51
C ALA C 115 -6.26 14.95 -4.71
N GLY C 116 -5.91 15.25 -3.46
CA GLY C 116 -6.78 16.01 -2.58
C GLY C 116 -6.14 17.31 -2.13
N ALA C 117 -6.94 18.19 -1.53
CA ALA C 117 -6.42 19.39 -0.90
C ALA C 117 -5.47 18.96 0.22
N GLU C 118 -4.24 19.44 0.12
CA GLU C 118 -3.16 18.98 0.98
C GLU C 118 -3.46 19.12 2.47
N LEU C 119 -4.15 20.19 2.85
CA LEU C 119 -4.38 20.47 4.27
C LEU C 119 -5.77 20.04 4.74
N ALA C 120 -6.43 19.21 3.94
CA ALA C 120 -7.77 18.73 4.27
C ALA C 120 -7.77 17.20 4.21
N PRO C 121 -7.52 16.57 5.38
CA PRO C 121 -7.37 15.13 5.47
C PRO C 121 -8.59 14.35 4.99
N GLY C 122 -9.77 14.96 5.06
CA GLY C 122 -11.00 14.34 4.58
C GLY C 122 -11.00 14.11 3.07
N SER C 123 -10.08 14.75 2.35
CA SER C 123 -9.97 14.56 0.91
C SER C 123 -8.85 13.60 0.52
N HIS C 124 -8.14 13.03 1.48
CA HIS C 124 -6.99 12.16 1.17
C HIS C 124 -7.42 10.71 0.96
N ALA C 125 -7.10 10.17 -0.22
CA ALA C 125 -7.40 8.77 -0.55
C ALA C 125 -6.68 7.80 0.39
N SER C 126 -5.49 8.20 0.82
CA SER C 126 -4.66 7.39 1.72
C SER C 126 -5.32 7.20 3.08
N LYS C 127 -6.21 8.12 3.45
CA LYS C 127 -6.86 8.11 4.76
C LYS C 127 -8.32 7.65 4.69
N ALA C 128 -8.74 7.11 3.56
CA ALA C 128 -10.15 6.75 3.38
C ALA C 128 -10.66 5.80 4.48
N VAL C 129 -9.90 4.77 4.79
CA VAL C 129 -10.31 3.81 5.82
C VAL C 129 -10.21 4.43 7.21
N SER C 130 -9.03 4.96 7.55
CA SER C 130 -8.76 5.66 8.81
C SER C 130 -9.81 6.71 9.19
N ASN C 131 -10.20 7.54 8.23
CA ASN C 131 -11.15 8.62 8.50
C ASN C 131 -12.53 8.07 8.82
N ALA C 132 -12.98 7.16 7.97
CA ALA C 132 -14.32 6.62 8.13
C ALA C 132 -14.41 5.76 9.39
N TYR C 133 -13.39 4.94 9.65
CA TYR C 133 -13.37 4.10 10.85
C TYR C 133 -13.40 4.98 12.10
N SER C 134 -12.54 5.99 12.15
CA SER C 134 -12.49 6.94 13.25
C SER C 134 -13.84 7.61 13.49
N ALA C 135 -14.47 8.05 12.41
CA ALA C 135 -15.76 8.75 12.50
C ALA C 135 -16.75 7.98 13.36
N PHE C 136 -16.84 6.68 13.13
CA PHE C 136 -17.79 5.85 13.82
C PHE C 136 -17.26 5.30 15.14
N GLU C 137 -15.95 5.07 15.21
CA GLU C 137 -15.32 4.52 16.41
C GLU C 137 -15.63 5.37 17.63
N VAL C 138 -15.45 6.68 17.48
CA VAL C 138 -15.74 7.66 18.52
C VAL C 138 -17.21 7.50 18.97
N ALA C 139 -18.12 7.45 18.00
CA ALA C 139 -19.55 7.29 18.28
C ALA C 139 -19.85 5.98 19.01
N PHE C 140 -19.23 4.89 18.54
CA PHE C 140 -19.37 3.60 19.20
C PHE C 140 -18.91 3.69 20.65
N LEU C 141 -17.76 4.33 20.87
CA LEU C 141 -17.19 4.44 22.22
C LEU C 141 -18.00 5.36 23.13
N ASP C 142 -18.51 6.45 22.56
CA ASP C 142 -19.45 7.34 23.23
C ASP C 142 -20.65 6.53 23.70
N LEU C 143 -21.22 5.76 22.77
CA LEU C 143 -22.34 4.88 23.07
C LEU C 143 -22.03 3.88 24.20
N GLN C 144 -20.89 3.20 24.09
CA GLN C 144 -20.47 2.26 25.12
C GLN C 144 -20.37 2.93 26.47
N ALA C 145 -19.79 4.12 26.49
CA ALA C 145 -19.61 4.87 27.73
C ALA C 145 -20.95 5.27 28.34
N ARG C 146 -21.86 5.76 27.50
CA ARG C 146 -23.22 6.18 27.91
C ARG C 146 -23.97 5.04 28.58
N TYR C 147 -23.90 3.87 27.95
CA TYR C 147 -24.46 2.65 28.47
C TYR C 147 -23.90 2.30 29.85
N LEU C 148 -22.61 2.53 30.02
CA LEU C 148 -21.89 2.23 31.24
C LEU C 148 -22.05 3.31 32.31
N ASN C 149 -22.57 4.45 31.90
CA ASN C 149 -22.64 5.62 32.76
C ASN C 149 -21.26 6.02 33.31
N VAL C 150 -20.27 6.07 32.41
CA VAL C 150 -18.93 6.56 32.75
C VAL C 150 -18.48 7.56 31.70
N PRO C 151 -17.55 8.47 32.05
CA PRO C 151 -16.96 9.32 31.03
C PRO C 151 -16.16 8.45 30.06
N LEU C 152 -16.00 8.93 28.82
CA LEU C 152 -15.39 8.12 27.78
C LEU C 152 -13.97 7.70 28.19
N VAL C 153 -13.17 8.66 28.65
CA VAL C 153 -11.80 8.43 29.09
C VAL C 153 -11.63 7.17 29.98
N ASP C 154 -12.66 6.82 30.74
CA ASP C 154 -12.69 5.59 31.55
C ASP C 154 -12.61 4.30 30.71
N LEU C 155 -13.18 4.32 29.51
CA LEU C 155 -13.05 3.17 28.61
C LEU C 155 -11.63 3.06 28.11
N LEU C 156 -10.88 4.15 28.20
CA LEU C 156 -9.53 4.20 27.66
C LEU C 156 -8.46 3.97 28.74
N GLY C 157 -8.91 3.71 29.97
CA GLY C 157 -8.02 3.39 31.09
C GLY C 157 -8.01 4.41 32.23
N GLY C 158 -8.84 5.44 32.10
CA GLY C 158 -9.00 6.42 33.16
C GLY C 158 -8.13 7.63 32.92
N ALA C 159 -8.56 8.76 33.46
CA ALA C 159 -7.87 10.03 33.29
C ALA C 159 -6.56 10.09 34.06
N VAL C 160 -5.46 10.35 33.35
CA VAL C 160 -4.18 10.66 33.99
C VAL C 160 -4.20 12.11 34.50
N ARG C 161 -4.97 12.96 33.82
CA ARG C 161 -5.12 14.37 34.16
C ARG C 161 -6.59 14.75 34.04
N ASP C 162 -7.05 15.71 34.85
CA ASP C 162 -8.46 16.11 34.88
C ASP C 162 -8.74 17.32 34.00
N GLU C 163 -7.68 18.01 33.60
CA GLU C 163 -7.75 19.17 32.73
C GLU C 163 -6.77 18.93 31.61
N VAL C 164 -7.19 19.19 30.38
CA VAL C 164 -6.29 19.06 29.22
C VAL C 164 -5.94 20.44 28.68
N PRO C 165 -4.64 20.78 28.68
CA PRO C 165 -4.20 22.08 28.19
C PRO C 165 -4.19 22.17 26.66
N PHE C 166 -4.67 23.30 26.14
CA PHE C 166 -4.70 23.56 24.71
C PHE C 166 -3.88 24.80 24.35
N SER C 167 -3.55 24.93 23.07
CA SER C 167 -2.73 26.03 22.60
C SER C 167 -3.57 27.14 21.96
N ALA C 168 -2.98 28.34 21.91
CA ALA C 168 -3.57 29.45 21.16
C ALA C 168 -3.14 29.31 19.72
N TYR C 169 -4.12 29.08 18.84
CA TYR C 169 -3.83 28.82 17.45
C TYR C 169 -4.02 30.11 16.66
N LEU C 170 -2.91 30.75 16.29
CA LEU C 170 -2.96 32.04 15.60
C LEU C 170 -2.84 31.93 14.10
N PHE C 171 -3.59 32.76 13.40
CA PHE C 171 -3.58 32.83 11.95
C PHE C 171 -3.42 34.26 11.45
N PHE C 172 -2.70 34.41 10.34
CA PHE C 172 -2.82 35.60 9.53
C PHE C 172 -4.17 35.54 8.82
N LYS C 173 -4.86 36.67 8.81
CA LYS C 173 -6.18 36.74 8.17
C LYS C 173 -6.49 38.11 7.57
N TYR C 174 -7.40 38.12 6.59
CA TYR C 174 -7.96 39.35 6.07
C TYR C 174 -9.14 39.73 6.95
N ALA C 175 -9.65 40.95 6.79
CA ALA C 175 -10.74 41.45 7.62
C ALA C 175 -12.08 40.80 7.26
N GLN C 176 -12.24 40.46 6.00
CA GLN C 176 -13.44 39.79 5.55
C GLN C 176 -13.23 38.98 4.28
N HIS C 177 -14.14 38.07 4.02
CA HIS C 177 -14.10 37.28 2.80
C HIS C 177 -14.50 38.12 1.60
N VAL C 178 -13.89 37.82 0.47
CA VAL C 178 -14.27 38.46 -0.78
C VAL C 178 -15.72 38.13 -1.10
N ASP C 179 -16.45 39.13 -1.57
CA ASP C 179 -17.86 38.98 -1.88
C ASP C 179 -18.60 38.62 -0.63
N SER C 180 -18.14 39.10 0.51
CA SER C 180 -18.40 38.39 1.76
C SER C 180 -19.87 38.17 1.99
N PRO C 181 -20.17 36.84 2.32
CA PRO C 181 -21.60 36.57 2.32
C PRO C 181 -22.23 36.88 3.65
N TYR C 182 -21.47 37.45 4.56
CA TYR C 182 -22.01 37.79 5.84
C TYR C 182 -21.17 38.85 6.51
N LYS C 183 -21.66 39.35 7.63
CA LYS C 183 -20.93 40.39 8.35
C LYS C 183 -19.52 39.92 8.72
N PRO C 184 -18.51 40.76 8.44
CA PRO C 184 -17.13 40.55 8.90
C PRO C 184 -17.04 40.16 10.37
N ASP C 185 -16.11 39.27 10.68
CA ASP C 185 -15.84 38.83 12.05
C ASP C 185 -15.22 39.96 12.87
N ASN C 186 -15.36 39.89 14.19
CA ASN C 186 -14.81 40.93 15.06
C ASN C 186 -13.34 40.70 15.47
N TRP C 187 -12.57 40.07 14.60
CA TRP C 187 -11.13 39.91 14.82
C TRP C 187 -10.34 41.01 14.12
N GLY C 188 -10.79 41.37 12.91
CA GLY C 188 -10.04 42.30 12.06
C GLY C 188 -8.94 41.58 11.32
N GLU C 189 -8.25 42.29 10.43
CA GLU C 189 -7.15 41.69 9.70
C GLU C 189 -5.92 41.48 10.60
N ALA C 190 -5.03 40.59 10.18
CA ALA C 190 -3.80 40.30 10.90
C ALA C 190 -2.72 40.00 9.88
N LEU C 191 -1.86 40.99 9.63
CA LEU C 191 -0.81 40.86 8.63
C LEU C 191 0.53 41.42 9.12
N ASN C 192 0.54 41.91 10.36
CA ASN C 192 1.76 42.38 11.01
C ASN C 192 1.86 41.93 12.46
N GLU C 193 3.02 42.13 13.06
CA GLU C 193 3.29 41.70 14.43
C GLU C 193 2.32 42.24 15.49
N GLN C 194 1.83 43.47 15.33
CA GLN C 194 0.92 44.07 16.33
C GLN C 194 -0.47 43.47 16.29
N GLN C 195 -0.96 43.20 15.08
CA GLN C 195 -2.28 42.58 14.92
C GLN C 195 -2.27 41.12 15.40
N ILE C 196 -1.14 40.43 15.19
CA ILE C 196 -0.94 39.06 15.67
C ILE C 196 -0.91 39.02 17.19
N VAL C 197 -0.13 39.92 17.80
CA VAL C 197 -0.08 40.08 19.25
C VAL C 197 -1.47 40.35 19.82
N ALA C 198 -2.20 41.28 19.21
CA ALA C 198 -3.57 41.58 19.62
C ALA C 198 -4.49 40.36 19.48
N GLN C 199 -4.29 39.57 18.43
CA GLN C 199 -5.01 38.33 18.27
C GLN C 199 -4.69 37.40 19.44
N ALA C 200 -3.40 37.14 19.64
CA ALA C 200 -2.92 36.36 20.78
C ALA C 200 -3.47 36.85 22.12
N ALA C 201 -3.32 38.16 22.36
CA ALA C 201 -3.74 38.80 23.60
C ALA C 201 -5.23 38.60 23.84
N ARG C 202 -6.02 38.80 22.79
CA ARG C 202 -7.46 38.58 22.85
C ARG C 202 -7.86 37.12 23.15
N MET C 203 -7.10 36.16 22.63
CA MET C 203 -7.38 34.73 22.85
C MET C 203 -7.00 34.28 24.25
N ILE C 204 -5.82 34.70 24.69
CA ILE C 204 -5.31 34.40 26.03
C ILE C 204 -6.21 34.97 27.13
N GLU C 205 -6.67 36.20 26.92
CA GLU C 205 -7.61 36.84 27.83
C GLU C 205 -8.90 36.02 27.94
N ALA C 206 -9.45 35.61 26.79
CA ALA C 206 -10.74 34.92 26.76
C ALA C 206 -10.64 33.44 27.14
N TYR C 207 -9.49 32.82 26.87
CA TYR C 207 -9.37 31.36 27.03
C TYR C 207 -8.35 30.84 28.04
N GLY C 208 -7.29 31.60 28.27
CA GLY C 208 -6.26 31.23 29.23
C GLY C 208 -5.14 30.35 28.69
N PHE C 209 -5.06 30.23 27.36
CA PHE C 209 -4.02 29.41 26.72
C PHE C 209 -2.63 29.82 27.22
N LYS C 210 -1.80 28.84 27.59
CA LYS C 210 -0.44 29.08 28.06
C LYS C 210 0.61 28.75 27.00
N SER C 211 0.15 28.36 25.82
CA SER C 211 1.03 28.06 24.69
C SER C 211 0.51 28.74 23.44
N ILE C 212 1.41 29.00 22.49
CA ILE C 212 1.07 29.80 21.31
C ILE C 212 1.59 29.14 20.06
N LYS C 213 0.70 28.98 19.08
CA LYS C 213 1.07 28.47 17.78
C LYS C 213 0.73 29.46 16.67
N LEU C 214 1.64 29.60 15.72
CA LEU C 214 1.46 30.49 14.58
C LEU C 214 1.41 29.71 13.29
N LYS C 215 0.27 29.78 12.59
CA LYS C 215 0.12 29.21 11.26
C LYS C 215 0.91 30.07 10.28
N ALA C 216 1.90 29.44 9.64
CA ALA C 216 2.86 30.14 8.81
C ALA C 216 2.93 29.61 7.37
N GLY C 217 4.04 29.91 6.70
CA GLY C 217 4.23 29.56 5.30
C GLY C 217 3.36 30.33 4.33
N THR C 218 2.83 31.48 4.77
CA THR C 218 1.94 32.29 3.94
C THR C 218 2.50 33.69 3.65
N LEU C 219 2.90 34.41 4.69
CA LEU C 219 3.63 35.67 4.54
C LEU C 219 5.11 35.38 4.32
N PRO C 220 5.92 36.41 3.94
CA PRO C 220 7.36 36.14 3.79
C PRO C 220 7.93 35.53 5.07
N PRO C 221 8.83 34.55 4.94
CA PRO C 221 9.37 33.84 6.10
C PRO C 221 9.92 34.77 7.18
N GLU C 222 10.75 35.73 6.78
CA GLU C 222 11.37 36.69 7.70
C GLU C 222 10.33 37.43 8.53
N HIS C 223 9.26 37.88 7.87
CA HIS C 223 8.18 38.56 8.57
C HIS C 223 7.51 37.64 9.60
N GLU C 224 7.30 36.39 9.21
CA GLU C 224 6.69 35.37 10.08
C GLU C 224 7.58 35.08 11.31
N VAL C 225 8.89 34.97 11.10
CA VAL C 225 9.84 34.81 12.20
C VAL C 225 9.83 36.04 13.13
N ALA C 226 9.81 37.22 12.53
CA ALA C 226 9.72 38.47 13.29
C ALA C 226 8.47 38.47 14.15
N CYS C 227 7.34 37.99 13.61
CA CYS C 227 6.11 37.86 14.39
C CYS C 227 6.27 36.93 15.61
N ILE C 228 7.12 35.92 15.48
CA ILE C 228 7.46 35.05 16.63
C ILE C 228 8.21 35.83 17.71
N LYS C 229 9.17 36.66 17.28
CA LYS C 229 9.95 37.51 18.20
C LYS C 229 9.05 38.46 18.97
N ALA C 230 8.05 39.01 18.27
CA ALA C 230 7.09 39.91 18.88
C ALA C 230 6.32 39.21 19.98
N LEU C 231 5.83 38.01 19.67
CA LEU C 231 5.07 37.20 20.60
C LEU C 231 5.91 36.77 21.78
N LYS C 232 7.19 36.46 21.52
CA LYS C 232 8.13 36.15 22.60
C LYS C 232 8.19 37.29 23.61
N LYS C 233 8.38 38.51 23.10
CA LYS C 233 8.47 39.72 23.93
C LYS C 233 7.18 39.98 24.69
N ALA C 234 6.06 39.98 23.99
CA ALA C 234 4.76 40.31 24.56
C ALA C 234 4.27 39.25 25.54
N PHE C 235 4.69 38.01 25.33
CA PHE C 235 4.31 36.90 26.21
C PHE C 235 5.53 36.07 26.64
N PRO C 236 6.35 36.62 27.57
CA PRO C 236 7.56 35.90 27.97
C PRO C 236 7.20 34.61 28.72
N GLY C 237 7.97 33.56 28.47
CA GLY C 237 7.76 32.28 29.14
C GLY C 237 6.60 31.44 28.61
N TYR C 238 5.99 31.90 27.52
CA TYR C 238 4.97 31.14 26.80
C TYR C 238 5.64 30.29 25.72
N PRO C 239 5.41 28.97 25.72
CA PRO C 239 5.99 28.16 24.64
C PRO C 239 5.43 28.54 23.29
N LEU C 240 6.28 28.59 22.27
CA LEU C 240 5.90 29.07 20.93
C LEU C 240 6.14 28.02 19.87
N ARG C 241 5.20 27.90 18.93
CA ARG C 241 5.35 26.97 17.81
C ARG C 241 5.11 27.71 16.50
N ILE C 242 5.89 27.40 15.48
CA ILE C 242 5.63 27.90 14.14
C ILE C 242 5.45 26.73 13.18
N ASP C 243 4.50 26.85 12.26
CA ASP C 243 4.16 25.80 11.34
C ASP C 243 3.94 26.25 9.91
N PRO C 244 5.00 26.22 9.11
CA PRO C 244 4.94 26.56 7.68
C PRO C 244 4.27 25.51 6.79
N ASN C 245 3.72 24.45 7.38
CA ASN C 245 3.08 23.38 6.58
C ASN C 245 3.94 22.88 5.41
N GLY C 246 5.24 22.71 5.65
CA GLY C 246 6.17 22.26 4.63
C GLY C 246 6.32 23.19 3.43
N ASN C 247 6.13 24.50 3.64
CA ASN C 247 6.20 25.45 2.52
C ASN C 247 7.55 26.15 2.36
N TRP C 248 8.50 25.78 3.21
CA TRP C 248 9.85 26.32 3.08
C TRP C 248 10.80 25.26 2.58
N SER C 249 11.66 25.65 1.64
CA SER C 249 12.78 24.81 1.23
C SER C 249 13.67 24.51 2.43
N LEU C 250 14.57 23.54 2.26
CA LEU C 250 15.52 23.19 3.30
C LEU C 250 16.43 24.38 3.63
N GLU C 251 16.98 24.99 2.59
CA GLU C 251 17.85 26.16 2.73
C GLU C 251 17.16 27.26 3.53
N THR C 252 15.92 27.56 3.14
CA THR C 252 15.11 28.56 3.83
C THR C 252 14.92 28.16 5.29
N SER C 253 14.64 26.87 5.53
CA SER C 253 14.39 26.37 6.87
C SER C 253 15.63 26.51 7.75
N ILE C 254 16.78 26.16 7.18
CA ILE C 254 18.07 26.30 7.87
C ILE C 254 18.32 27.76 8.25
N ARG C 255 18.19 28.67 7.28
CA ARG C 255 18.39 30.10 7.53
C ARG C 255 17.46 30.64 8.59
N MET C 256 16.18 30.29 8.48
CA MET C 256 15.18 30.79 9.42
C MET C 256 15.39 30.24 10.81
N ALA C 257 15.97 29.04 10.90
CA ALA C 257 16.32 28.41 12.17
C ALA C 257 17.40 29.20 12.91
N GLU C 258 18.39 29.65 12.15
CA GLU C 258 19.46 30.51 12.68
C GLU C 258 18.89 31.84 13.16
N LEU C 259 17.93 32.38 12.44
CA LEU C 259 17.19 33.56 12.90
C LEU C 259 16.32 33.28 14.12
N LEU C 260 15.83 32.04 14.25
CA LEU C 260 14.90 31.68 15.32
C LEU C 260 15.57 31.39 16.66
N GLY C 261 16.84 31.00 16.64
CA GLY C 261 17.57 30.65 17.85
C GLY C 261 16.98 29.47 18.61
N ASP C 262 16.57 29.72 19.84
CA ASP C 262 15.92 28.72 20.70
C ASP C 262 14.57 29.21 21.19
N ASP C 263 13.96 30.12 20.43
CA ASP C 263 12.68 30.72 20.79
C ASP C 263 11.53 29.70 20.83
N LEU C 264 11.61 28.67 19.99
CA LEU C 264 10.49 27.76 19.78
C LEU C 264 10.50 26.59 20.75
N GLN C 265 9.31 26.24 21.21
CA GLN C 265 9.07 24.94 21.83
C GLN C 265 9.36 23.84 20.80
N TYR C 266 8.77 23.94 19.62
CA TYR C 266 9.19 23.08 18.52
C TYR C 266 9.00 23.73 17.17
N TYR C 267 9.71 23.20 16.18
CA TYR C 267 9.73 23.70 14.82
C TYR C 267 8.87 22.73 14.00
N GLU C 268 7.61 23.08 13.77
CA GLU C 268 6.66 22.20 13.12
C GLU C 268 6.63 22.28 11.61
N ASP C 269 6.95 21.18 10.98
CA ASP C 269 6.81 21.03 9.54
C ASP C 269 7.35 22.22 8.76
N PRO C 270 8.61 22.58 8.95
CA PRO C 270 9.15 23.68 8.15
C PRO C 270 9.32 23.32 6.68
N THR C 271 9.77 22.10 6.42
CA THR C 271 10.18 21.70 5.08
C THR C 271 9.58 20.32 4.69
N PRO C 272 9.36 20.07 3.39
CA PRO C 272 8.67 18.82 3.06
C PRO C 272 9.56 17.58 3.04
N GLY C 273 8.94 16.40 3.16
CA GLY C 273 9.65 15.14 3.03
C GLY C 273 10.44 14.74 4.28
N LEU C 274 10.49 13.43 4.50
CA LEU C 274 11.16 12.83 5.66
C LEU C 274 12.66 13.10 5.65
N GLU C 275 13.24 13.05 4.45
CA GLU C 275 14.67 13.24 4.24
C GLU C 275 15.09 14.67 4.59
N GLY C 276 14.26 15.63 4.17
CA GLY C 276 14.55 17.04 4.41
C GLY C 276 14.47 17.38 5.88
N MET C 277 13.40 16.90 6.52
CA MET C 277 13.22 17.06 7.94
C MET C 277 14.38 16.46 8.72
N ALA C 278 14.82 15.25 8.32
CA ALA C 278 15.97 14.64 8.97
C ALA C 278 17.24 15.48 8.84
N GLU C 279 17.51 15.98 7.63
CA GLU C 279 18.69 16.81 7.39
C GLU C 279 18.58 18.10 8.19
N LEU C 280 17.41 18.72 8.19
CA LEU C 280 17.19 19.92 8.97
C LEU C 280 17.55 19.70 10.43
N HIS C 281 17.12 18.58 11.01
CA HIS C 281 17.40 18.30 12.42
C HIS C 281 18.88 18.03 12.62
N LYS C 282 19.48 17.29 11.68
CA LYS C 282 20.89 16.97 11.76
C LYS C 282 21.69 18.28 11.74
N ARG C 283 21.36 19.15 10.80
CA ARG C 283 22.03 20.44 10.66
C ARG C 283 21.83 21.38 11.85
N THR C 284 20.61 21.45 12.39
CA THR C 284 20.27 22.46 13.39
C THR C 284 20.17 21.99 14.85
N GLY C 285 19.92 20.69 15.05
CA GLY C 285 19.71 20.15 16.39
C GLY C 285 18.41 20.61 17.04
N LEU C 286 17.55 21.24 16.25
CA LEU C 286 16.26 21.72 16.77
C LEU C 286 15.22 20.61 16.82
N PRO C 287 14.35 20.62 17.84
CA PRO C 287 13.29 19.60 17.95
C PRO C 287 12.19 19.82 16.91
N LEU C 288 12.10 18.91 15.94
CA LEU C 288 11.13 19.03 14.85
C LEU C 288 9.84 18.25 15.13
N ALA C 289 8.71 18.91 14.87
CA ALA C 289 7.40 18.29 14.99
C ALA C 289 6.78 18.17 13.61
N THR C 290 5.82 17.24 13.48
CA THR C 290 5.10 17.05 12.23
C THR C 290 3.68 16.54 12.44
N ASN C 291 2.80 16.92 11.52
CA ASN C 291 1.58 16.16 11.30
C ASN C 291 1.47 15.86 9.82
N MET C 292 2.57 16.00 9.09
CA MET C 292 2.52 15.92 7.64
C MET C 292 3.39 14.82 7.05
N VAL C 293 4.55 14.56 7.66
CA VAL C 293 5.42 13.48 7.17
C VAL C 293 5.23 12.17 7.94
N VAL C 294 4.49 12.23 9.06
CA VAL C 294 4.09 11.05 9.81
C VAL C 294 2.59 11.15 10.08
N THR C 295 1.81 10.41 9.31
CA THR C 295 0.34 10.51 9.34
C THR C 295 -0.28 9.13 9.45
N ASP C 296 0.56 8.09 9.45
CA ASP C 296 0.10 6.72 9.63
C ASP C 296 1.24 5.90 10.18
N PHE C 297 0.98 4.62 10.47
CA PHE C 297 1.96 3.79 11.18
C PHE C 297 3.19 3.44 10.33
N ASP C 298 2.98 3.25 9.03
CA ASP C 298 4.12 3.00 8.13
C ASP C 298 5.06 4.20 8.02
N GLU C 299 4.48 5.40 8.04
CA GLU C 299 5.28 6.63 8.03
C GLU C 299 6.05 6.79 9.32
N PHE C 300 5.42 6.39 10.43
CA PHE C 300 6.10 6.38 11.71
C PHE C 300 7.37 5.52 11.63
N ARG C 301 7.22 4.32 11.06
CA ARG C 301 8.32 3.36 10.94
C ARG C 301 9.48 3.98 10.14
N ARG C 302 9.14 4.57 9.00
CA ARG C 302 10.12 5.17 8.12
C ARG C 302 10.79 6.39 8.77
N SER C 303 10.01 7.18 9.52
CA SER C 303 10.58 8.32 10.21
C SER C 303 11.65 7.91 11.21
N VAL C 304 11.33 6.88 12.00
CA VAL C 304 12.20 6.37 13.05
C VAL C 304 13.50 5.83 12.47
N ALA C 305 13.43 5.18 11.32
CA ALA C 305 14.64 4.76 10.59
C ALA C 305 15.53 5.95 10.18
N GLN C 306 14.95 7.14 10.04
CA GLN C 306 15.70 8.29 9.54
C GLN C 306 15.97 9.36 10.61
N ASN C 307 15.33 9.21 11.78
CA ASN C 307 15.32 10.27 12.80
CA ASN C 307 15.29 10.26 12.81
C ASN C 307 14.81 11.59 12.23
N SER C 308 13.75 11.52 11.42
CA SER C 308 13.17 12.67 10.73
C SER C 308 12.56 13.72 11.64
N VAL C 309 11.90 13.27 12.71
CA VAL C 309 11.14 14.16 13.57
C VAL C 309 11.29 13.72 15.03
N GLN C 310 11.09 14.66 15.96
CA GLN C 310 11.30 14.38 17.37
C GLN C 310 9.99 14.44 18.15
N ILE C 311 8.98 15.05 17.53
CA ILE C 311 7.62 15.15 18.07
C ILE C 311 6.61 14.82 16.96
N VAL C 312 5.66 13.93 17.27
CA VAL C 312 4.59 13.63 16.34
C VAL C 312 3.30 14.26 16.87
N LEU C 313 2.58 14.92 15.97
CA LEU C 313 1.27 15.45 16.31
C LEU C 313 0.23 14.39 16.01
N ALA C 314 -0.40 13.91 17.09
CA ALA C 314 -1.54 13.00 17.00
C ALA C 314 -2.78 13.72 16.46
N ASP C 315 -3.68 12.93 15.88
CA ASP C 315 -4.99 13.42 15.42
C ASP C 315 -5.87 12.20 15.24
N HIS C 316 -6.87 12.06 16.11
CA HIS C 316 -7.69 10.85 16.11
C HIS C 316 -8.57 10.71 14.88
N HIS C 317 -8.84 11.83 14.22
CA HIS C 317 -9.72 11.83 13.03
C HIS C 317 -9.12 11.09 11.81
N TYR C 318 -7.81 11.20 11.61
CA TYR C 318 -7.20 10.54 10.45
C TYR C 318 -6.24 9.41 10.82
N TRP C 319 -5.89 9.31 12.10
CA TRP C 319 -5.04 8.20 12.54
C TRP C 319 -5.85 6.93 12.79
N GLY C 320 -7.18 7.05 12.81
CA GLY C 320 -8.03 5.87 12.94
C GLY C 320 -8.69 5.73 14.29
N GLY C 321 -8.71 6.81 15.06
CA GLY C 321 -9.56 6.83 16.25
C GLY C 321 -8.81 7.00 17.55
N LEU C 322 -9.54 6.84 18.65
CA LEU C 322 -8.97 7.09 19.97
C LEU C 322 -7.99 6.02 20.42
N ARG C 323 -8.33 4.75 20.17
CA ARG C 323 -7.47 3.67 20.62
C ARG C 323 -6.17 3.59 19.81
N ASP C 324 -6.25 3.89 18.52
CA ASP C 324 -5.06 3.99 17.65
C ASP C 324 -4.18 5.18 18.07
N THR C 325 -4.81 6.28 18.48
CA THR C 325 -4.07 7.42 19.02
C THR C 325 -3.31 7.04 20.28
N GLN C 326 -3.96 6.24 21.15
CA GLN C 326 -3.27 5.69 22.32
C GLN C 326 -2.07 4.80 21.92
N THR C 327 -2.26 3.96 20.92
CA THR C 327 -1.16 3.12 20.40
C THR C 327 0.00 3.97 19.88
N LEU C 328 -0.33 5.01 19.11
CA LEU C 328 0.68 5.93 18.59
C LEU C 328 1.49 6.55 19.73
N ALA C 329 0.79 7.06 20.73
CA ALA C 329 1.42 7.66 21.90
C ALA C 329 2.41 6.70 22.52
N LYS C 330 2.01 5.45 22.63
CA LYS C 330 2.86 4.44 23.26
C LYS C 330 4.08 4.11 22.38
N MET C 331 3.91 4.20 21.06
CA MET C 331 5.03 3.97 20.17
C MET C 331 6.00 5.15 20.22
N CYS C 332 5.46 6.36 20.31
CA CYS C 332 6.29 7.55 20.51
C CYS C 332 7.16 7.40 21.76
N ASP C 333 6.55 6.98 22.86
CA ASP C 333 7.28 6.77 24.11
C ASP C 333 8.39 5.74 23.93
N THR C 334 8.07 4.63 23.29
CA THR C 334 9.03 3.57 22.99
C THR C 334 10.22 4.07 22.14
N PHE C 335 9.92 4.89 21.15
CA PHE C 335 10.96 5.32 20.23
C PHE C 335 11.58 6.69 20.60
N GLY C 336 11.27 7.16 21.81
CA GLY C 336 11.84 8.41 22.32
C GLY C 336 11.36 9.65 21.61
N LEU C 337 10.08 9.67 21.20
CA LEU C 337 9.47 10.84 20.57
C LEU C 337 8.41 11.45 21.47
N GLY C 338 8.25 12.77 21.37
CA GLY C 338 7.19 13.49 22.07
C GLY C 338 5.87 13.42 21.30
N VAL C 339 4.77 13.66 22.01
CA VAL C 339 3.44 13.58 21.43
C VAL C 339 2.67 14.86 21.66
N SER C 340 2.18 15.45 20.58
CA SER C 340 1.34 16.62 20.62
C SER C 340 0.04 16.31 19.86
N MET C 341 -0.76 17.33 19.58
CA MET C 341 -2.00 17.11 18.84
C MET C 341 -2.30 18.20 17.80
N HIS C 342 -2.72 17.73 16.62
CA HIS C 342 -3.10 18.58 15.50
C HIS C 342 -4.63 18.72 15.46
N SER C 343 -5.11 19.76 14.77
CA SER C 343 -6.55 19.96 14.60
C SER C 343 -6.94 20.54 13.25
N ASN C 344 -8.21 20.39 12.91
CA ASN C 344 -8.86 21.09 11.79
C ASN C 344 -10.09 21.76 12.38
N SER C 345 -10.56 22.82 11.73
CA SER C 345 -11.81 23.48 12.11
C SER C 345 -12.86 22.45 12.55
N HIS C 346 -13.33 22.59 13.79
CA HIS C 346 -14.17 21.56 14.38
C HIS C 346 -15.11 22.13 15.43
N LEU C 347 -16.04 21.32 15.88
CA LEU C 347 -16.97 21.71 16.90
C LEU C 347 -16.71 20.99 18.22
N GLY C 348 -17.71 21.00 19.10
CA GLY C 348 -17.55 20.54 20.47
C GLY C 348 -17.41 19.04 20.60
N ILE C 349 -18.00 18.29 19.68
CA ILE C 349 -17.91 16.83 19.72
C ILE C 349 -16.45 16.42 19.56
N SER C 350 -15.80 16.95 18.52
CA SER C 350 -14.38 16.72 18.31
C SER C 350 -13.56 17.20 19.49
N LEU C 351 -13.82 18.41 19.97
CA LEU C 351 -13.10 18.94 21.11
C LEU C 351 -13.09 17.98 22.31
N MET C 352 -14.26 17.50 22.72
CA MET C 352 -14.33 16.57 23.84
C MET C 352 -13.63 15.26 23.53
N ALA C 353 -13.80 14.76 22.30
CA ALA C 353 -13.09 13.54 21.88
C ALA C 353 -11.57 13.73 21.96
N MET C 354 -11.09 14.87 21.46
CA MET C 354 -9.67 15.23 21.56
C MET C 354 -9.20 15.24 23.01
N ALA C 355 -10.01 15.84 23.90
CA ALA C 355 -9.63 16.02 25.29
C ALA C 355 -9.64 14.72 26.08
N HIS C 356 -10.64 13.89 25.82
CA HIS C 356 -10.75 12.60 26.53
C HIS C 356 -9.62 11.63 26.21
N VAL C 357 -9.24 11.54 24.94
CA VAL C 357 -8.08 10.70 24.58
C VAL C 357 -6.79 11.29 25.15
N ALA C 358 -6.64 12.61 25.08
CA ALA C 358 -5.42 13.24 25.62
C ALA C 358 -5.30 12.98 27.11
N ALA C 359 -6.43 12.99 27.82
CA ALA C 359 -6.45 12.84 29.28
C ALA C 359 -6.08 11.42 29.70
N ALA C 360 -6.22 10.46 28.78
CA ALA C 360 -5.89 9.06 29.03
C ALA C 360 -4.44 8.71 28.69
N VAL C 361 -3.73 9.63 28.04
CA VAL C 361 -2.38 9.35 27.57
C VAL C 361 -1.35 9.98 28.50
N PRO C 362 -0.57 9.14 29.22
CA PRO C 362 0.40 9.66 30.19
C PRO C 362 1.44 10.62 29.59
N ASN C 363 1.99 10.26 28.43
CA ASN C 363 3.08 11.03 27.83
C ASN C 363 2.65 12.11 26.84
N LEU C 364 1.41 12.58 26.94
CA LEU C 364 0.98 13.72 26.13
C LEU C 364 1.19 15.01 26.91
N ASP C 365 2.41 15.53 26.84
CA ASP C 365 2.87 16.65 27.65
C ASP C 365 2.51 18.02 27.07
N TYR C 366 2.64 18.13 25.74
CA TYR C 366 2.40 19.37 25.01
C TYR C 366 0.93 19.73 24.97
N ALA C 367 0.64 21.02 25.03
CA ALA C 367 -0.73 21.50 24.83
C ALA C 367 -1.19 21.17 23.42
N CYS C 368 -2.45 20.77 23.30
CA CYS C 368 -3.03 20.38 22.01
C CYS C 368 -3.50 21.60 21.21
N ASP C 369 -3.27 21.58 19.90
CA ASP C 369 -3.80 22.60 19.01
C ASP C 369 -5.33 22.52 18.94
N THR C 370 -5.97 23.66 18.70
CA THR C 370 -7.41 23.68 18.39
C THR C 370 -7.81 24.94 17.64
N HIS C 371 -8.83 24.81 16.80
CA HIS C 371 -9.41 25.91 16.05
C HIS C 371 -10.62 26.51 16.77
N TYR C 372 -10.92 26.00 17.96
CA TYR C 372 -12.17 26.32 18.64
C TYR C 372 -12.54 27.81 18.76
N PRO C 373 -11.56 28.68 19.08
CA PRO C 373 -11.81 30.14 19.18
C PRO C 373 -12.40 30.76 17.92
N TRP C 374 -12.09 30.16 16.77
CA TRP C 374 -12.45 30.72 15.47
C TRP C 374 -13.88 30.41 15.07
N GLN C 375 -14.51 29.51 15.80
CA GLN C 375 -15.87 29.13 15.51
C GLN C 375 -16.84 29.94 16.36
N GLU C 376 -18.01 30.25 15.77
CA GLU C 376 -18.93 31.25 16.32
C GLU C 376 -19.89 30.72 17.38
N PRO C 377 -20.15 31.53 18.43
CA PRO C 377 -20.98 31.15 19.57
C PRO C 377 -22.35 30.61 19.17
N ASP C 378 -22.90 31.14 18.08
CA ASP C 378 -24.25 30.79 17.63
C ASP C 378 -24.31 29.49 16.81
N GLU C 379 -23.15 28.89 16.54
CA GLU C 379 -23.08 27.73 15.64
C GLU C 379 -22.48 26.44 16.24
N GLU C 380 -22.67 26.23 17.54
CA GLU C 380 -22.29 24.98 18.17
C GLU C 380 -23.47 24.00 18.06
N VAL C 381 -23.19 22.74 17.69
CA VAL C 381 -24.27 21.76 17.43
C VAL C 381 -24.76 21.01 18.67
N ILE C 382 -24.03 21.14 19.77
CA ILE C 382 -24.44 20.52 21.02
C ILE C 382 -25.19 21.51 21.90
N LYS C 383 -26.06 21.00 22.77
CA LYS C 383 -26.83 21.84 23.67
C LYS C 383 -25.94 22.61 24.64
N GLY C 384 -26.32 23.84 24.93
CA GLY C 384 -25.61 24.69 25.91
C GLY C 384 -24.65 25.68 25.29
N GLY C 385 -24.52 25.67 23.97
CA GLY C 385 -23.60 26.55 23.27
C GLY C 385 -22.15 26.11 23.34
N LYS C 386 -21.23 27.02 23.02
CA LYS C 386 -19.80 26.72 23.00
C LYS C 386 -19.30 26.19 24.35
N LEU C 387 -18.37 25.26 24.28
CA LEU C 387 -17.83 24.62 25.48
C LEU C 387 -16.80 25.50 26.17
N PRO C 388 -16.74 25.42 27.51
CA PRO C 388 -15.80 26.24 28.27
C PRO C 388 -14.36 25.81 28.09
N ILE C 389 -13.49 26.78 27.80
CA ILE C 389 -12.07 26.61 27.96
C ILE C 389 -11.67 27.61 29.03
N VAL C 390 -11.12 27.10 30.13
CA VAL C 390 -10.80 27.89 31.30
C VAL C 390 -9.36 27.58 31.71
N ASP C 391 -8.55 28.63 31.80
CA ASP C 391 -7.11 28.53 32.09
C ASP C 391 -6.35 27.74 31.04
N GLY C 392 -6.89 27.77 29.82
CA GLY C 392 -6.30 27.08 28.69
C GLY C 392 -6.62 25.61 28.66
N CYS C 393 -7.54 25.18 29.52
CA CYS C 393 -7.86 23.78 29.67
C CYS C 393 -9.29 23.43 29.36
N VAL C 394 -9.48 22.26 28.75
CA VAL C 394 -10.78 21.62 28.77
C VAL C 394 -10.80 20.71 29.99
N LYS C 395 -11.90 20.74 30.73
CA LYS C 395 -12.05 20.00 31.98
C LYS C 395 -12.70 18.66 31.71
N ILE C 396 -12.18 17.60 32.34
CA ILE C 396 -12.76 16.27 32.18
C ILE C 396 -13.69 15.94 33.36
N THR C 397 -14.99 15.85 33.06
CA THR C 397 -15.98 15.65 34.11
C THR C 397 -16.31 14.16 34.27
N ARG C 398 -17.29 13.87 35.14
CA ARG C 398 -17.74 12.51 35.37
C ARG C 398 -19.03 12.22 34.61
N ALA C 399 -19.42 13.15 33.74
CA ALA C 399 -20.58 12.97 32.87
C ALA C 399 -20.36 11.81 31.90
N PRO C 400 -21.42 11.02 31.61
CA PRO C 400 -21.29 9.81 30.78
C PRO C 400 -20.84 10.13 29.33
N GLY C 401 -19.91 9.33 28.82
CA GLY C 401 -19.35 9.53 27.49
C GLY C 401 -18.62 10.85 27.36
N LEU C 402 -18.91 11.56 26.27
CA LEU C 402 -18.29 12.84 25.99
C LEU C 402 -18.95 13.97 26.78
N GLY C 403 -20.08 13.64 27.43
CA GLY C 403 -20.87 14.59 28.21
C GLY C 403 -21.68 15.54 27.36
N LEU C 404 -22.11 15.09 26.18
CA LEU C 404 -22.72 16.00 25.21
C LEU C 404 -24.06 15.51 24.72
N GLU C 405 -24.94 16.46 24.44
CA GLU C 405 -26.23 16.17 23.84
C GLU C 405 -26.38 16.99 22.58
N LEU C 406 -26.95 16.36 21.55
CA LEU C 406 -27.17 17.01 20.26
C LEU C 406 -28.37 17.95 20.31
N ASP C 407 -28.15 19.19 19.89
CA ASP C 407 -29.22 20.15 19.68
C ASP C 407 -29.71 20.06 18.23
N HIS C 408 -30.85 19.42 18.03
CA HIS C 408 -31.34 19.12 16.68
C HIS C 408 -31.79 20.35 15.88
N ASP C 409 -32.09 21.44 16.59
CA ASP C 409 -32.40 22.72 15.94
C ASP C 409 -31.12 23.32 15.36
N GLN C 410 -30.04 23.25 16.14
CA GLN C 410 -28.73 23.67 15.67
C GLN C 410 -28.25 22.79 14.50
N LEU C 411 -28.46 21.49 14.63
CA LEU C 411 -28.12 20.53 13.57
C LEU C 411 -28.84 20.85 12.26
N GLY C 412 -30.17 21.06 12.34
CA GLY C 412 -30.96 21.42 11.16
C GLY C 412 -30.50 22.70 10.51
N LYS C 413 -30.20 23.70 11.34
CA LYS C 413 -29.72 24.98 10.87
C LYS C 413 -28.40 24.84 10.12
N LEU C 414 -27.47 24.09 10.68
CA LEU C 414 -26.16 23.92 10.06
C LEU C 414 -26.18 22.95 8.89
N HIS C 415 -27.09 21.98 8.92
CA HIS C 415 -27.30 21.14 7.74
C HIS C 415 -27.82 21.96 6.56
N ASP C 416 -28.77 22.86 6.84
CA ASP C 416 -29.33 23.70 5.80
C ASP C 416 -28.30 24.65 5.22
N GLN C 417 -27.49 25.25 6.09
CA GLN C 417 -26.40 26.10 5.65
C GLN C 417 -25.41 25.34 4.76
N TYR C 418 -25.31 24.02 4.96
CA TYR C 418 -24.47 23.18 4.12
C TYR C 418 -25.06 23.05 2.72
N LEU C 419 -26.38 22.84 2.66
CA LEU C 419 -27.07 22.69 1.39
C LEU C 419 -27.02 23.94 0.50
N THR C 420 -26.88 25.11 1.11
CA THR C 420 -26.95 26.38 0.38
C THR C 420 -25.60 27.05 0.15
N CYS C 421 -24.59 26.70 0.96
CA CYS C 421 -23.29 27.39 0.90
C CYS C 421 -22.52 27.18 -0.42
N GLY C 422 -22.93 26.19 -1.20
CA GLY C 422 -22.31 25.90 -2.49
C GLY C 422 -20.93 25.28 -2.45
N ILE C 423 -20.54 24.72 -1.30
CA ILE C 423 -19.24 24.06 -1.15
C ILE C 423 -19.42 22.57 -0.85
N ARG C 424 -18.73 21.71 -1.61
CA ARG C 424 -18.83 20.26 -1.40
C ARG C 424 -17.52 19.62 -0.94
N GLN C 425 -16.40 20.24 -1.30
CA GLN C 425 -15.12 19.85 -0.71
C GLN C 425 -14.17 21.02 -0.66
N ARG C 426 -13.44 21.12 0.44
CA ARG C 426 -12.56 22.23 0.75
C ARG C 426 -11.48 22.46 -0.32
N ASP C 427 -11.37 23.70 -0.77
CA ASP C 427 -10.32 24.10 -1.71
C ASP C 427 -9.75 25.48 -1.37
N ASP C 428 -8.64 25.49 -0.63
CA ASP C 428 -7.94 26.69 -0.23
C ASP C 428 -7.24 27.38 -1.40
N VAL C 429 -6.78 26.58 -2.37
CA VAL C 429 -6.07 27.13 -3.53
C VAL C 429 -7.06 27.93 -4.39
N ARG C 430 -8.11 27.25 -4.86
CA ARG C 430 -9.16 27.88 -5.65
C ARG C 430 -9.75 29.13 -4.98
N GLN C 431 -9.91 29.07 -3.67
CA GLN C 431 -10.44 30.21 -2.90
C GLN C 431 -9.49 31.40 -2.91
N MET C 432 -8.19 31.14 -2.90
CA MET C 432 -7.16 32.19 -2.95
C MET C 432 -7.17 32.89 -4.32
N GLN C 433 -7.48 32.13 -5.37
CA GLN C 433 -7.60 32.64 -6.74
C GLN C 433 -8.70 33.69 -6.93
N ARG C 434 -9.64 33.76 -5.99
CA ARG C 434 -10.65 34.83 -5.96
C ARG C 434 -10.03 36.17 -5.55
N TYR C 435 -8.90 36.12 -4.83
CA TYR C 435 -8.20 37.33 -4.41
C TYR C 435 -7.07 37.64 -5.37
N LYS C 436 -6.26 36.62 -5.66
CA LYS C 436 -5.10 36.76 -6.53
C LYS C 436 -5.27 35.81 -7.72
N PRO C 437 -5.72 36.35 -8.87
CA PRO C 437 -6.17 35.50 -9.98
C PRO C 437 -5.09 34.60 -10.59
N ASP C 438 -3.81 34.92 -10.33
CA ASP C 438 -2.68 34.17 -10.89
C ASP C 438 -2.06 33.15 -9.92
N TRP C 439 -2.69 33.01 -8.76
CA TRP C 439 -2.28 32.06 -7.71
C TRP C 439 -2.30 30.62 -8.21
N LYS C 440 -1.19 29.91 -8.00
CA LYS C 440 -1.10 28.49 -8.34
C LYS C 440 -0.72 27.69 -7.10
N ALA C 441 -0.97 26.39 -7.13
CA ALA C 441 -0.48 25.49 -6.08
C ALA C 441 1.04 25.31 -6.23
N LEU C 442 1.79 25.84 -5.27
CA LEU C 442 3.26 25.71 -5.27
C LEU C 442 3.76 25.37 -3.88
N LYS C 443 4.69 24.42 -3.83
CA LYS C 443 5.22 23.90 -2.57
C LYS C 443 6.56 23.22 -2.80
N PRO C 444 7.60 23.63 -2.06
CA PRO C 444 7.62 24.80 -1.15
C PRO C 444 7.65 26.13 -1.92
N ARG C 445 6.83 27.10 -1.51
CA ARG C 445 6.77 28.41 -2.17
C ARG C 445 7.96 29.29 -1.81
N PHE C 446 8.54 29.07 -0.63
CA PHE C 446 9.63 29.90 -0.13
C PHE C 446 10.92 29.11 0.02
N PHE D 20 -24.33 9.74 39.22
CA PHE D 20 -24.20 8.40 39.88
C PHE D 20 -22.76 8.10 40.26
N GLN D 21 -22.59 7.43 41.39
CA GLN D 21 -21.25 7.05 41.88
C GLN D 21 -20.66 5.87 41.11
N SER D 22 -19.35 5.93 40.90
CA SER D 22 -18.62 4.86 40.23
C SER D 22 -18.62 3.58 41.08
N MET D 23 -18.50 2.45 40.39
CA MET D 23 -18.21 1.16 40.99
C MET D 23 -16.89 1.20 41.79
N LYS D 24 -16.85 0.52 42.94
CA LYS D 24 -15.63 0.45 43.75
C LYS D 24 -15.23 -0.97 44.10
N ILE D 25 -13.91 -1.21 44.18
CA ILE D 25 -13.37 -2.48 44.69
C ILE D 25 -13.50 -2.55 46.21
N THR D 26 -14.03 -3.66 46.70
CA THR D 26 -14.29 -3.84 48.14
C THR D 26 -13.46 -4.95 48.74
N ARG D 27 -12.88 -5.81 47.90
CA ARG D 27 -12.12 -6.97 48.36
C ARG D 27 -11.10 -7.35 47.30
N VAL D 28 -9.90 -7.69 47.75
CA VAL D 28 -8.86 -8.25 46.88
C VAL D 28 -8.16 -9.34 47.65
N THR D 29 -8.15 -10.53 47.08
CA THR D 29 -7.55 -11.68 47.70
C THR D 29 -6.53 -12.23 46.72
N VAL D 30 -5.32 -12.44 47.23
CA VAL D 30 -4.23 -13.00 46.47
C VAL D 30 -3.90 -14.30 47.16
N THR D 31 -4.05 -15.42 46.45
CA THR D 31 -3.80 -16.71 47.07
C THR D 31 -2.66 -17.44 46.33
N PRO D 32 -1.55 -17.67 47.02
CA PRO D 32 -0.53 -18.50 46.38
C PRO D 32 -0.94 -19.96 46.38
N ILE D 33 -0.65 -20.66 45.29
CA ILE D 33 -0.97 -22.08 45.17
C ILE D 33 0.21 -22.84 44.59
N ALA D 34 0.22 -24.15 44.77
CA ALA D 34 1.18 -25.01 44.07
C ALA D 34 0.41 -26.15 43.45
N PHE D 35 0.82 -26.55 42.25
CA PHE D 35 0.24 -27.74 41.62
C PHE D 35 1.35 -28.63 41.16
N ARG D 36 1.02 -29.90 40.92
CA ARG D 36 2.02 -30.89 40.56
C ARG D 36 2.50 -30.60 39.17
N ASP D 37 3.79 -30.87 38.95
CA ASP D 37 4.44 -30.53 37.70
C ASP D 37 5.29 -31.74 37.32
N PRO D 38 5.26 -32.18 36.05
CA PRO D 38 6.07 -33.35 35.67
C PRO D 38 7.58 -33.07 35.62
N PRO D 39 8.43 -34.13 35.58
CA PRO D 39 9.86 -33.91 35.52
C PRO D 39 10.31 -33.55 34.10
N LEU D 40 9.77 -32.44 33.60
CA LEU D 40 10.06 -31.96 32.27
C LEU D 40 11.43 -31.29 32.23
N LEU D 41 12.16 -31.57 31.15
CA LEU D 41 13.52 -31.14 30.98
C LEU D 41 13.58 -29.93 30.07
N ASN D 42 14.51 -29.02 30.34
CA ASN D 42 14.72 -27.87 29.47
C ASN D 42 16.21 -27.48 29.44
N ALA D 43 16.56 -26.44 28.69
CA ALA D 43 17.97 -25.98 28.64
C ALA D 43 18.62 -25.75 30.01
N SER D 44 17.85 -25.28 30.98
CA SER D 44 18.44 -24.90 32.28
C SER D 44 18.57 -26.02 33.29
N GLY D 45 17.82 -27.09 33.08
CA GLY D 45 17.78 -28.16 34.07
C GLY D 45 16.53 -29.02 33.95
N ILE D 46 15.77 -29.11 35.03
CA ILE D 46 14.55 -29.93 35.06
C ILE D 46 13.53 -29.32 36.02
N HIS D 47 12.25 -29.47 35.72
CA HIS D 47 11.20 -29.01 36.64
C HIS D 47 11.19 -29.77 37.95
N GLU D 48 10.89 -29.02 39.01
CA GLU D 48 10.61 -29.54 40.33
C GLU D 48 9.23 -30.21 40.36
N PRO D 49 8.91 -30.92 41.46
CA PRO D 49 7.63 -31.64 41.53
C PRO D 49 6.39 -30.77 41.61
N PHE D 50 6.56 -29.51 42.01
CA PHE D 50 5.45 -28.58 42.05
C PHE D 50 5.85 -27.27 41.40
N ALA D 51 4.87 -26.63 40.79
CA ALA D 51 5.04 -25.30 40.25
C ALA D 51 4.16 -24.35 41.03
N LEU D 52 4.59 -23.10 41.15
CA LEU D 52 3.87 -22.09 41.94
C LEU D 52 3.05 -21.15 41.08
N ARG D 53 2.01 -20.60 41.68
CA ARG D 53 1.20 -19.64 40.98
C ARG D 53 0.51 -18.76 41.99
N SER D 54 0.00 -17.63 41.53
CA SER D 54 -0.82 -16.79 42.37
CA SER D 54 -0.82 -16.80 42.38
C SER D 54 -2.17 -16.59 41.71
N ILE D 55 -3.22 -16.70 42.50
CA ILE D 55 -4.58 -16.48 42.03
C ILE D 55 -5.11 -15.24 42.71
N ILE D 56 -5.76 -14.39 41.92
CA ILE D 56 -6.23 -13.10 42.35
C ILE D 56 -7.75 -13.09 42.17
N GLU D 57 -8.46 -12.64 43.19
CA GLU D 57 -9.89 -12.45 43.09
C GLU D 57 -10.23 -11.07 43.61
N ILE D 58 -10.88 -10.27 42.78
CA ILE D 58 -11.34 -8.95 43.21
C ILE D 58 -12.86 -8.91 43.19
N GLU D 59 -13.44 -8.21 44.17
CA GLU D 59 -14.87 -8.01 44.23
C GLU D 59 -15.19 -6.52 44.30
N SER D 60 -16.32 -6.16 43.70
CA SER D 60 -16.81 -4.80 43.71
C SER D 60 -17.98 -4.65 44.68
N ASP D 61 -18.35 -3.40 44.97
CA ASP D 61 -19.44 -3.13 45.91
C ASP D 61 -20.82 -3.53 45.37
N ASN D 62 -20.99 -3.45 44.05
CA ASN D 62 -22.22 -3.95 43.44
C ASN D 62 -22.24 -5.46 43.19
N GLY D 63 -21.23 -6.16 43.71
CA GLY D 63 -21.26 -7.63 43.78
C GLY D 63 -20.65 -8.42 42.62
N TYR D 64 -19.89 -7.74 41.76
CA TYR D 64 -19.21 -8.45 40.66
C TYR D 64 -17.81 -8.93 41.06
N ILE D 65 -17.33 -9.95 40.36
CA ILE D 65 -16.04 -10.56 40.64
C ILE D 65 -15.15 -10.48 39.40
N GLY D 66 -13.84 -10.42 39.62
CA GLY D 66 -12.85 -10.39 38.55
C GLY D 66 -11.72 -11.30 38.99
N LEU D 67 -11.22 -12.10 38.07
CA LEU D 67 -10.16 -13.04 38.37
C LEU D 67 -8.87 -12.73 37.62
N GLY D 68 -7.74 -13.04 38.25
CA GLY D 68 -6.43 -12.88 37.63
C GLY D 68 -5.55 -14.04 38.04
N GLU D 69 -4.46 -14.25 37.30
CA GLU D 69 -3.54 -15.34 37.60
C GLU D 69 -2.14 -14.88 37.23
N SER D 70 -1.19 -15.04 38.14
CA SER D 70 0.17 -14.60 37.87
C SER D 70 1.20 -15.49 38.53
N TYR D 71 2.46 -15.04 38.52
CA TYR D 71 3.57 -15.82 39.07
C TYR D 71 3.46 -15.93 40.57
N GLY D 72 4.00 -17.00 41.13
CA GLY D 72 3.86 -17.26 42.56
C GLY D 72 5.15 -17.40 43.34
N ASP D 73 6.29 -17.14 42.71
CA ASP D 73 7.57 -17.13 43.44
C ASP D 73 7.51 -16.02 44.50
N ALA D 74 8.32 -16.15 45.53
CA ALA D 74 8.26 -15.28 46.73
C ALA D 74 8.30 -13.77 46.43
N PRO D 75 9.24 -13.31 45.58
CA PRO D 75 9.28 -11.90 45.20
C PRO D 75 8.05 -11.37 44.47
N ALA D 76 7.48 -12.15 43.55
CA ALA D 76 6.27 -11.73 42.86
C ALA D 76 5.08 -11.68 43.82
N LEU D 77 5.02 -12.66 44.72
CA LEU D 77 3.98 -12.70 45.74
C LEU D 77 3.97 -11.46 46.64
N ALA D 78 5.15 -11.15 47.19
CA ALA D 78 5.34 -10.02 48.10
C ALA D 78 4.83 -8.74 47.46
N ILE D 79 5.18 -8.54 46.20
CA ILE D 79 4.69 -7.38 45.47
C ILE D 79 3.17 -7.38 45.38
N GLN D 80 2.58 -8.53 45.06
CA GLN D 80 1.13 -8.59 44.90
C GLN D 80 0.43 -8.34 46.22
N GLN D 81 0.97 -8.92 47.28
CA GLN D 81 0.41 -8.77 48.61
C GLN D 81 0.51 -7.32 49.08
N GLN D 82 1.55 -6.62 48.65
CA GLN D 82 1.71 -5.20 48.98
C GLN D 82 0.79 -4.31 48.16
N VAL D 83 0.51 -4.68 46.92
CA VAL D 83 -0.37 -3.87 46.10
C VAL D 83 -1.83 -3.98 46.54
N GLN D 84 -2.20 -5.15 47.06
CA GLN D 84 -3.60 -5.53 47.26
C GLN D 84 -4.39 -4.55 48.14
N SER D 85 -3.84 -4.17 49.29
CA SER D 85 -4.61 -3.35 50.23
C SER D 85 -4.77 -1.91 49.75
N GLN D 86 -3.88 -1.50 48.84
CA GLN D 86 -3.97 -0.17 48.23
C GLN D 86 -5.08 -0.03 47.18
N LEU D 87 -5.68 -1.14 46.75
CA LEU D 87 -6.72 -1.07 45.72
C LEU D 87 -8.13 -0.99 46.30
N ILE D 88 -8.26 -1.19 47.61
CA ILE D 88 -9.57 -1.10 48.25
C ILE D 88 -10.12 0.31 48.04
N GLY D 89 -11.34 0.39 47.52
CA GLY D 89 -11.97 1.68 47.23
C GLY D 89 -11.78 2.21 45.81
N LEU D 90 -10.83 1.65 45.08
CA LEU D 90 -10.54 2.12 43.73
C LEU D 90 -11.64 1.81 42.72
N ASP D 91 -11.74 2.66 41.71
CA ASP D 91 -12.59 2.45 40.57
C ASP D 91 -11.86 1.49 39.62
N PRO D 92 -12.47 0.33 39.30
CA PRO D 92 -11.82 -0.67 38.44
C PRO D 92 -11.67 -0.24 36.96
N PHE D 93 -12.27 0.88 36.58
CA PHE D 93 -12.02 1.47 35.27
C PHE D 93 -10.75 2.28 35.23
N ASN D 94 -10.25 2.69 36.40
CA ASN D 94 -9.06 3.52 36.45
C ASN D 94 -7.77 2.72 36.46
N LEU D 95 -7.48 2.12 35.31
CA LEU D 95 -6.31 1.29 35.16
C LEU D 95 -5.04 2.12 35.21
N ASN D 96 -5.10 3.37 34.75
CA ASN D 96 -3.95 4.27 34.85
C ASN D 96 -3.51 4.49 36.31
N GLN D 97 -4.48 4.54 37.22
CA GLN D 97 -4.19 4.65 38.66
C GLN D 97 -3.58 3.37 39.22
N LEU D 98 -4.08 2.21 38.77
CA LEU D 98 -3.51 0.91 39.13
C LEU D 98 -2.03 0.89 38.78
N ARG D 99 -1.68 1.34 37.58
CA ARG D 99 -0.28 1.31 37.17
CA ARG D 99 -0.30 1.37 37.11
C ARG D 99 0.59 2.23 38.04
N ARG D 100 0.06 3.37 38.46
CA ARG D 100 0.82 4.29 39.33
C ARG D 100 1.07 3.64 40.68
N ILE D 101 0.04 3.00 41.21
CA ILE D 101 0.15 2.29 42.47
C ILE D 101 1.18 1.18 42.40
N VAL D 102 1.21 0.46 41.28
CA VAL D 102 2.17 -0.62 41.11
C VAL D 102 3.60 -0.04 41.04
N GLN D 103 3.76 1.01 40.25
CA GLN D 103 5.03 1.71 40.11
C GLN D 103 5.63 2.16 41.45
N THR D 104 4.81 2.81 42.28
CA THR D 104 5.31 3.30 43.58
C THR D 104 5.59 2.14 44.53
N THR D 105 4.78 1.08 44.45
CA THR D 105 4.99 -0.09 45.30
C THR D 105 6.35 -0.74 45.01
N VAL D 106 6.66 -0.88 43.73
CA VAL D 106 7.90 -1.52 43.30
C VAL D 106 9.13 -0.66 43.62
N ALA D 107 9.05 0.63 43.33
CA ALA D 107 10.09 1.59 43.71
C ALA D 107 10.42 1.51 45.20
N ALA D 108 9.38 1.27 46.02
CA ALA D 108 9.52 1.21 47.48
C ALA D 108 10.15 -0.07 47.99
N HIS D 109 10.01 -1.17 47.24
CA HIS D 109 10.57 -2.45 47.66
C HIS D 109 11.23 -3.18 46.50
N LYS D 110 12.36 -2.62 46.05
CA LYS D 110 13.15 -3.19 44.95
C LYS D 110 13.80 -4.52 45.38
N PRO D 111 13.26 -5.65 44.89
CA PRO D 111 13.70 -6.96 45.36
C PRO D 111 15.13 -7.30 44.91
N ALA D 112 15.89 -7.91 45.80
CA ALA D 112 17.21 -8.42 45.47
C ALA D 112 17.07 -9.81 44.84
N SER D 113 17.29 -9.87 43.53
CA SER D 113 17.40 -11.14 42.82
C SER D 113 18.63 -11.06 41.92
N LEU D 114 19.46 -12.10 41.95
CA LEU D 114 20.72 -12.09 41.21
C LEU D 114 20.47 -12.32 39.73
N ALA D 115 21.05 -11.46 38.90
CA ALA D 115 20.72 -11.43 37.48
C ALA D 115 20.98 -12.75 36.72
N GLY D 116 22.04 -13.46 37.10
CA GLY D 116 22.43 -14.68 36.40
C GLY D 116 21.41 -15.79 36.55
N ALA D 117 20.58 -15.69 37.58
CA ALA D 117 19.57 -16.69 37.86
C ALA D 117 18.16 -16.31 37.35
N GLU D 118 18.08 -15.24 36.56
CA GLU D 118 16.79 -14.80 36.00
C GLU D 118 16.54 -15.56 34.71
N LEU D 119 16.09 -16.80 34.84
CA LEU D 119 16.05 -17.71 33.69
C LEU D 119 14.64 -18.03 33.18
N ALA D 120 13.64 -17.98 34.06
CA ALA D 120 12.24 -18.25 33.70
C ALA D 120 11.55 -17.05 33.03
N PRO D 121 10.51 -17.30 32.18
CA PRO D 121 9.73 -16.17 31.67
C PRO D 121 9.24 -15.24 32.78
N GLY D 122 9.36 -13.94 32.53
CA GLY D 122 9.02 -12.90 33.52
C GLY D 122 9.94 -12.73 34.71
N SER D 123 11.05 -13.47 34.76
CA SER D 123 11.89 -13.44 35.98
C SER D 123 12.84 -12.22 36.13
N HIS D 124 13.04 -11.45 35.06
CA HIS D 124 13.92 -10.26 35.10
C HIS D 124 13.43 -9.18 36.07
N ALA D 125 14.36 -8.61 36.81
CA ALA D 125 14.05 -7.56 37.79
C ALA D 125 13.31 -6.39 37.14
N SER D 126 13.68 -6.05 35.91
CA SER D 126 13.00 -4.97 35.20
C SER D 126 11.51 -5.26 34.85
N LYS D 127 11.06 -6.51 35.01
CA LYS D 127 9.65 -6.86 34.75
C LYS D 127 8.77 -6.74 35.99
N ALA D 128 9.32 -6.26 37.10
CA ALA D 128 8.55 -6.22 38.34
C ALA D 128 7.24 -5.43 38.20
N VAL D 129 7.27 -4.28 37.52
CA VAL D 129 6.06 -3.46 37.31
C VAL D 129 5.07 -4.09 36.33
N SER D 130 5.58 -4.50 35.16
CA SER D 130 4.80 -5.18 34.13
C SER D 130 4.05 -6.38 34.69
N ASN D 131 4.74 -7.23 35.42
CA ASN D 131 4.17 -8.46 35.97
C ASN D 131 3.04 -8.18 36.96
N ALA D 132 3.32 -7.30 37.92
CA ALA D 132 2.37 -6.93 38.96
C ALA D 132 1.17 -6.20 38.37
N TYR D 133 1.43 -5.29 37.44
CA TYR D 133 0.36 -4.60 36.76
C TYR D 133 -0.54 -5.59 36.00
N SER D 134 0.07 -6.46 35.18
CA SER D 134 -0.70 -7.44 34.41
C SER D 134 -1.57 -8.30 35.33
N ALA D 135 -0.99 -8.80 36.39
CA ALA D 135 -1.71 -9.62 37.34
C ALA D 135 -3.09 -9.03 37.68
N PHE D 136 -3.12 -7.73 37.99
CA PHE D 136 -4.37 -7.07 38.43
C PHE D 136 -5.19 -6.50 37.30
N GLU D 137 -4.53 -6.06 36.23
CA GLU D 137 -5.23 -5.54 35.06
C GLU D 137 -6.22 -6.58 34.48
N VAL D 138 -5.79 -7.84 34.43
CA VAL D 138 -6.64 -8.90 33.90
C VAL D 138 -7.89 -8.99 34.79
N ALA D 139 -7.70 -8.99 36.10
CA ALA D 139 -8.82 -9.06 37.03
C ALA D 139 -9.76 -7.85 36.94
N PHE D 140 -9.18 -6.65 36.86
CA PHE D 140 -9.93 -5.41 36.60
C PHE D 140 -10.78 -5.53 35.32
N LEU D 141 -10.17 -6.00 34.24
CA LEU D 141 -10.91 -6.10 32.95
C LEU D 141 -11.99 -7.19 33.03
N ASP D 142 -11.69 -8.29 33.71
CA ASP D 142 -12.70 -9.33 33.94
C ASP D 142 -13.89 -8.74 34.74
N LEU D 143 -13.58 -7.91 35.72
CA LEU D 143 -14.60 -7.27 36.56
C LEU D 143 -15.45 -6.28 35.77
N GLN D 144 -14.79 -5.43 34.98
CA GLN D 144 -15.53 -4.55 34.09
C GLN D 144 -16.47 -5.34 33.19
N ALA D 145 -15.95 -6.42 32.60
CA ALA D 145 -16.69 -7.19 31.60
C ALA D 145 -17.92 -7.87 32.19
N ARG D 146 -17.79 -8.45 33.39
CA ARG D 146 -18.91 -9.08 34.07
CA ARG D 146 -18.91 -9.07 34.08
C ARG D 146 -19.98 -8.04 34.45
N TYR D 147 -19.54 -6.90 34.96
CA TYR D 147 -20.44 -5.78 35.21
C TYR D 147 -21.22 -5.40 33.94
N LEU D 148 -20.51 -5.30 32.82
CA LEU D 148 -21.13 -4.99 31.53
C LEU D 148 -21.90 -6.17 30.95
N ASN D 149 -21.70 -7.34 31.53
CA ASN D 149 -22.32 -8.57 31.04
C ASN D 149 -21.88 -8.90 29.59
N VAL D 150 -20.60 -8.66 29.29
CA VAL D 150 -20.00 -9.03 28.00
C VAL D 150 -18.79 -9.94 28.18
N PRO D 151 -18.49 -10.78 27.18
CA PRO D 151 -17.24 -11.49 27.26
C PRO D 151 -16.08 -10.47 27.23
N LEU D 152 -15.00 -10.79 27.91
CA LEU D 152 -13.87 -9.88 28.03
C LEU D 152 -13.35 -9.33 26.68
N VAL D 153 -13.22 -10.21 25.68
CA VAL D 153 -12.81 -9.77 24.34
C VAL D 153 -13.56 -8.53 23.80
N ASP D 154 -14.82 -8.36 24.20
CA ASP D 154 -15.61 -7.20 23.77
C ASP D 154 -15.06 -5.87 24.30
N LEU D 155 -14.42 -5.92 25.46
CA LEU D 155 -13.74 -4.76 26.02
C LEU D 155 -12.52 -4.44 25.19
N LEU D 156 -12.02 -5.45 24.47
CA LEU D 156 -10.78 -5.29 23.73
C LEU D 156 -11.00 -4.96 22.24
N GLY D 157 -12.26 -4.77 21.83
CA GLY D 157 -12.62 -4.47 20.44
C GLY D 157 -13.44 -5.55 19.71
N GLY D 158 -13.74 -6.67 20.37
CA GLY D 158 -14.59 -7.70 19.78
C GLY D 158 -13.75 -8.82 19.18
N ALA D 159 -14.32 -10.03 19.12
CA ALA D 159 -13.58 -11.21 18.66
C ALA D 159 -13.39 -11.22 17.14
N VAL D 160 -12.15 -11.37 16.69
CA VAL D 160 -11.84 -11.50 15.26
C VAL D 160 -12.07 -12.95 14.88
N ARG D 161 -11.86 -13.84 15.85
CA ARG D 161 -12.04 -15.26 15.68
C ARG D 161 -12.68 -15.79 16.97
N ASP D 162 -13.53 -16.82 16.83
CA ASP D 162 -14.25 -17.40 17.98
C ASP D 162 -13.50 -18.58 18.54
N GLU D 163 -12.38 -18.92 17.92
CA GLU D 163 -11.60 -20.07 18.29
C GLU D 163 -10.15 -19.66 18.16
N VAL D 164 -9.38 -19.90 19.22
CA VAL D 164 -7.97 -19.56 19.19
C VAL D 164 -7.19 -20.86 19.16
N PRO D 165 -6.31 -21.01 18.16
CA PRO D 165 -5.59 -22.26 18.00
C PRO D 165 -4.31 -22.27 18.81
N PHE D 166 -4.01 -23.46 19.32
CA PHE D 166 -2.81 -23.75 20.09
C PHE D 166 -2.05 -24.91 19.48
N SER D 167 -0.76 -25.00 19.80
CA SER D 167 0.05 -26.15 19.38
C SER D 167 0.21 -27.13 20.51
N ALA D 168 0.66 -28.34 20.16
CA ALA D 168 1.12 -29.32 21.13
C ALA D 168 2.53 -28.96 21.59
N TYR D 169 2.69 -28.70 22.89
CA TYR D 169 4.01 -28.36 23.46
C TYR D 169 4.70 -29.59 24.05
N LEU D 170 5.70 -30.10 23.35
CA LEU D 170 6.35 -31.33 23.71
C LEU D 170 7.56 -31.07 24.53
N PHE D 171 7.80 -31.97 25.50
CA PHE D 171 9.00 -31.94 26.31
C PHE D 171 9.61 -33.32 26.42
N PHE D 172 10.95 -33.35 26.35
CA PHE D 172 11.68 -34.47 26.89
C PHE D 172 11.47 -34.49 28.40
N LYS D 173 11.42 -35.67 29.00
CA LYS D 173 11.13 -35.81 30.42
C LYS D 173 11.62 -37.15 30.97
N TYR D 174 11.96 -37.16 32.26
CA TYR D 174 12.20 -38.42 32.95
C TYR D 174 10.89 -39.08 33.31
N ALA D 175 10.92 -40.38 33.63
CA ALA D 175 9.69 -41.10 33.99
C ALA D 175 9.17 -40.65 35.33
N GLN D 176 10.06 -40.18 36.20
CA GLN D 176 9.64 -39.74 37.52
C GLN D 176 10.63 -38.78 38.13
N HIS D 177 10.15 -38.00 39.08
CA HIS D 177 10.99 -37.13 39.89
C HIS D 177 11.82 -37.98 40.84
N VAL D 178 13.07 -37.56 41.03
CA VAL D 178 13.92 -38.13 42.06
C VAL D 178 13.15 -37.96 43.37
N ASP D 179 13.23 -38.95 44.27
CA ASP D 179 12.50 -38.94 45.55
C ASP D 179 11.08 -38.42 45.41
N SER D 180 10.37 -38.87 44.37
CA SER D 180 9.05 -38.35 44.04
C SER D 180 8.15 -38.33 45.27
N PRO D 181 7.54 -37.17 45.58
CA PRO D 181 6.69 -37.07 46.76
C PRO D 181 5.27 -37.61 46.53
N TYR D 182 5.02 -38.15 45.34
CA TYR D 182 3.69 -38.63 44.95
C TYR D 182 3.82 -39.67 43.82
N LYS D 183 2.72 -40.26 43.41
CA LYS D 183 2.74 -41.26 42.33
C LYS D 183 3.16 -40.58 41.02
N PRO D 184 4.12 -41.19 40.28
CA PRO D 184 4.54 -40.63 38.98
C PRO D 184 3.39 -40.33 38.02
N ASP D 185 3.58 -39.32 37.16
CA ASP D 185 2.60 -38.96 36.14
C ASP D 185 2.45 -40.13 35.15
N ASN D 186 1.40 -40.14 34.35
CA ASN D 186 1.15 -41.24 33.45
C ASN D 186 1.61 -41.02 32.01
N TRP D 187 2.44 -39.99 31.79
CA TRP D 187 3.02 -39.76 30.46
C TRP D 187 4.14 -40.73 30.14
N GLY D 188 4.84 -41.21 31.17
CA GLY D 188 6.08 -41.96 30.96
C GLY D 188 7.23 -41.07 30.51
N GLU D 189 8.39 -41.68 30.32
CA GLU D 189 9.59 -40.96 29.94
C GLU D 189 9.58 -40.62 28.45
N ALA D 190 10.29 -39.56 28.09
CA ALA D 190 10.42 -39.18 26.70
C ALA D 190 11.85 -38.71 26.46
N LEU D 191 12.68 -39.62 25.97
CA LEU D 191 14.08 -39.33 25.77
C LEU D 191 14.52 -39.75 24.37
N ASN D 192 13.59 -40.30 23.60
CA ASN D 192 13.91 -40.74 22.25
C ASN D 192 12.76 -40.46 21.28
N GLU D 193 13.01 -40.76 20.00
CA GLU D 193 12.08 -40.47 18.92
C GLU D 193 10.70 -41.09 19.14
N GLN D 194 10.68 -42.36 19.52
CA GLN D 194 9.43 -43.11 19.64
C GLN D 194 8.57 -42.56 20.77
N GLN D 195 9.20 -42.30 21.92
CA GLN D 195 8.49 -41.74 23.07
C GLN D 195 7.97 -40.33 22.80
N ILE D 196 8.78 -39.53 22.12
CA ILE D 196 8.38 -38.17 21.75
C ILE D 196 7.22 -38.14 20.74
N VAL D 197 7.25 -39.04 19.76
CA VAL D 197 6.14 -39.16 18.79
C VAL D 197 4.88 -39.60 19.52
N ALA D 198 5.04 -40.47 20.51
CA ALA D 198 3.91 -40.99 21.31
C ALA D 198 3.34 -39.91 22.20
N GLN D 199 4.19 -38.99 22.67
CA GLN D 199 3.72 -37.89 23.49
C GLN D 199 2.85 -36.98 22.61
N ALA D 200 3.36 -36.70 21.42
CA ALA D 200 2.64 -35.89 20.46
C ALA D 200 1.30 -36.54 20.07
N ALA D 201 1.32 -37.83 19.74
CA ALA D 201 0.07 -38.54 19.36
C ALA D 201 -0.98 -38.39 20.45
N ARG D 202 -0.57 -38.56 21.71
CA ARG D 202 -1.49 -38.39 22.85
C ARG D 202 -2.11 -36.99 22.86
N MET D 203 -1.28 -35.95 22.74
CA MET D 203 -1.79 -34.57 22.78
C MET D 203 -2.74 -34.27 21.64
N ILE D 204 -2.33 -34.70 20.46
CA ILE D 204 -3.14 -34.51 19.27
C ILE D 204 -4.48 -35.24 19.37
N GLU D 205 -4.48 -36.46 19.88
CA GLU D 205 -5.72 -37.21 20.09
CA GLU D 205 -5.72 -37.21 20.09
C GLU D 205 -6.61 -36.57 21.15
N ALA D 206 -6.02 -36.21 22.29
CA ALA D 206 -6.79 -35.60 23.39
C ALA D 206 -7.34 -34.20 23.06
N TYR D 207 -6.58 -33.38 22.34
CA TYR D 207 -6.93 -31.95 22.21
C TYR D 207 -7.14 -31.45 20.79
N GLY D 208 -6.62 -32.20 19.81
CA GLY D 208 -6.83 -31.85 18.41
C GLY D 208 -5.92 -30.76 17.88
N PHE D 209 -4.77 -30.56 18.52
CA PHE D 209 -3.80 -29.55 18.06
C PHE D 209 -3.37 -29.87 16.63
N LYS D 210 -3.20 -28.81 15.84
CA LYS D 210 -2.83 -28.93 14.43
C LYS D 210 -1.38 -28.52 14.17
N SER D 211 -0.62 -28.26 15.22
CA SER D 211 0.79 -27.88 15.10
C SER D 211 1.55 -28.30 16.34
N ILE D 212 2.87 -28.32 16.25
CA ILE D 212 3.68 -28.93 17.29
C ILE D 212 4.88 -28.05 17.61
N LYS D 213 5.23 -27.95 18.89
CA LYS D 213 6.46 -27.27 19.29
C LYS D 213 7.20 -28.15 20.26
N LEU D 214 8.50 -28.33 20.01
CA LEU D 214 9.34 -29.11 20.90
C LEU D 214 10.25 -28.22 21.75
N LYS D 215 10.25 -28.45 23.05
CA LYS D 215 11.18 -27.80 23.95
C LYS D 215 12.56 -28.45 23.77
N ALA D 216 13.47 -27.70 23.17
CA ALA D 216 14.75 -28.27 22.74
C ALA D 216 15.92 -27.72 23.54
N GLY D 217 17.12 -27.81 22.98
CA GLY D 217 18.33 -27.39 23.68
C GLY D 217 18.51 -28.17 24.98
N THR D 218 18.04 -29.41 24.98
CA THR D 218 18.02 -30.20 26.19
C THR D 218 18.90 -31.43 26.00
N LEU D 219 18.59 -32.19 24.96
CA LEU D 219 19.35 -33.36 24.59
C LEU D 219 20.32 -32.96 23.45
N PRO D 220 21.31 -33.81 23.13
CA PRO D 220 22.25 -33.38 22.07
C PRO D 220 21.52 -32.98 20.79
N PRO D 221 21.89 -31.81 20.20
CA PRO D 221 21.11 -31.25 19.09
C PRO D 221 20.86 -32.22 17.93
N GLU D 222 21.84 -33.08 17.64
CA GLU D 222 21.70 -34.09 16.57
C GLU D 222 20.55 -35.04 16.87
N HIS D 223 20.47 -35.48 18.13
CA HIS D 223 19.37 -36.33 18.58
C HIS D 223 18.04 -35.58 18.51
N GLU D 224 18.03 -34.31 18.94
CA GLU D 224 16.82 -33.48 18.84
C GLU D 224 16.33 -33.31 17.40
N VAL D 225 17.26 -33.13 16.46
CA VAL D 225 16.92 -33.12 15.03
C VAL D 225 16.31 -34.45 14.58
N ALA D 226 16.89 -35.56 15.02
CA ALA D 226 16.36 -36.89 14.71
C ALA D 226 14.92 -37.00 15.21
N CYS D 227 14.65 -36.39 16.37
CA CYS D 227 13.27 -36.35 16.89
C CYS D 227 12.33 -35.51 16.02
N ILE D 228 12.81 -34.36 15.56
CA ILE D 228 12.04 -33.54 14.63
C ILE D 228 11.68 -34.31 13.35
N LYS D 229 12.65 -35.01 12.77
CA LYS D 229 12.40 -35.79 11.55
C LYS D 229 11.34 -36.87 11.81
N ALA D 230 11.41 -37.50 12.98
CA ALA D 230 10.43 -38.53 13.35
C ALA D 230 9.03 -37.96 13.54
N LEU D 231 8.94 -36.72 14.03
CA LEU D 231 7.64 -36.06 14.18
C LEU D 231 7.05 -35.73 12.82
N LYS D 232 7.91 -35.29 11.91
CA LYS D 232 7.51 -34.93 10.55
C LYS D 232 6.97 -36.14 9.78
N LYS D 233 7.63 -37.27 9.96
CA LYS D 233 7.22 -38.50 9.29
C LYS D 233 5.91 -38.97 9.89
N ALA D 234 5.80 -38.87 11.21
CA ALA D 234 4.61 -39.34 11.90
C ALA D 234 3.44 -38.38 11.78
N PHE D 235 3.72 -37.09 11.56
CA PHE D 235 2.66 -36.07 11.45
C PHE D 235 2.85 -35.18 10.24
N PRO D 236 2.69 -35.75 9.03
CA PRO D 236 2.87 -34.96 7.82
C PRO D 236 1.84 -33.84 7.73
N GLY D 237 2.28 -32.65 7.32
CA GLY D 237 1.39 -31.50 7.20
C GLY D 237 1.19 -30.67 8.45
N TYR D 238 1.63 -31.19 9.60
CA TYR D 238 1.60 -30.43 10.86
C TYR D 238 2.81 -29.51 10.90
N PRO D 239 2.58 -28.19 10.98
CA PRO D 239 3.71 -27.28 11.17
C PRO D 239 4.51 -27.65 12.44
N LEU D 240 5.85 -27.58 12.34
CA LEU D 240 6.75 -27.94 13.42
C LEU D 240 7.64 -26.77 13.83
N ARG D 241 7.86 -26.62 15.14
CA ARG D 241 8.69 -25.55 15.68
C ARG D 241 9.53 -26.11 16.81
N ILE D 242 10.65 -25.46 17.09
CA ILE D 242 11.48 -25.80 18.25
C ILE D 242 11.89 -24.56 19.03
N ASP D 243 12.22 -24.76 20.30
CA ASP D 243 12.67 -23.68 21.16
C ASP D 243 13.81 -24.24 21.96
N PRO D 244 15.05 -24.04 21.47
CA PRO D 244 16.22 -24.46 22.22
C PRO D 244 16.62 -23.49 23.32
N ASN D 245 15.78 -22.49 23.59
CA ASN D 245 16.06 -21.51 24.68
C ASN D 245 17.46 -20.90 24.63
N GLY D 246 17.89 -20.53 23.42
CA GLY D 246 19.20 -19.93 23.21
C GLY D 246 20.38 -20.82 23.58
N ASN D 247 20.20 -22.13 23.51
CA ASN D 247 21.22 -23.05 24.01
C ASN D 247 22.16 -23.61 22.93
N TRP D 248 22.02 -23.13 21.70
CA TRP D 248 22.93 -23.50 20.63
C TRP D 248 23.83 -22.33 20.26
N SER D 249 25.12 -22.59 20.07
CA SER D 249 26.04 -21.58 19.55
C SER D 249 25.60 -21.26 18.14
N LEU D 250 26.12 -20.16 17.61
CA LEU D 250 25.85 -19.77 16.23
C LEU D 250 26.24 -20.87 15.24
N GLU D 251 27.42 -21.45 15.42
CA GLU D 251 27.87 -22.54 14.53
C GLU D 251 26.99 -23.80 14.66
N THR D 252 26.61 -24.16 15.88
CA THR D 252 25.68 -25.27 16.10
C THR D 252 24.33 -25.00 15.42
N SER D 253 23.80 -23.80 15.62
CA SER D 253 22.55 -23.39 14.97
C SER D 253 22.63 -23.55 13.47
N ILE D 254 23.74 -23.10 12.88
CA ILE D 254 23.97 -23.21 11.43
C ILE D 254 24.05 -24.68 10.97
N ARG D 255 24.83 -25.49 11.65
CA ARG D 255 24.92 -26.91 11.29
C ARG D 255 23.57 -27.62 11.42
N MET D 256 22.82 -27.31 12.47
CA MET D 256 21.49 -27.92 12.68
C MET D 256 20.50 -27.48 11.62
N ALA D 257 20.55 -26.20 11.24
CA ALA D 257 19.70 -25.71 10.16
C ALA D 257 19.98 -26.48 8.86
N GLU D 258 21.25 -26.75 8.59
CA GLU D 258 21.63 -27.54 7.43
CA GLU D 258 21.66 -27.55 7.44
C GLU D 258 21.00 -28.93 7.46
N LEU D 259 21.05 -29.59 8.62
CA LEU D 259 20.43 -30.91 8.77
C LEU D 259 18.90 -30.88 8.66
N LEU D 260 18.29 -29.78 9.10
CA LEU D 260 16.82 -29.70 9.15
C LEU D 260 16.17 -29.41 7.80
N GLY D 261 16.89 -28.71 6.93
CA GLY D 261 16.31 -28.31 5.64
C GLY D 261 15.15 -27.38 5.89
N ASP D 262 13.99 -27.74 5.32
CA ASP D 262 12.76 -26.97 5.50
C ASP D 262 11.73 -27.71 6.39
N ASP D 263 12.24 -28.53 7.31
CA ASP D 263 11.36 -29.27 8.23
C ASP D 263 10.54 -28.37 9.16
N LEU D 264 11.11 -27.24 9.55
CA LEU D 264 10.50 -26.38 10.56
C LEU D 264 9.85 -25.17 9.96
N GLN D 265 8.73 -24.76 10.56
CA GLN D 265 8.06 -23.54 10.16
C GLN D 265 8.82 -22.32 10.71
N TYR D 266 9.26 -22.40 11.96
CA TYR D 266 10.16 -21.38 12.51
C TYR D 266 11.04 -21.92 13.61
N TYR D 267 12.08 -21.16 13.93
CA TYR D 267 12.99 -21.50 14.99
C TYR D 267 12.83 -20.44 16.09
N GLU D 268 12.55 -20.87 17.31
CA GLU D 268 12.39 -19.94 18.43
C GLU D 268 13.64 -19.92 19.30
N ASP D 269 14.29 -18.75 19.36
CA ASP D 269 15.50 -18.62 20.17
C ASP D 269 16.53 -19.75 20.05
N PRO D 270 17.03 -20.01 18.83
CA PRO D 270 18.03 -21.10 18.73
C PRO D 270 19.37 -20.75 19.37
N THR D 271 19.72 -19.47 19.32
CA THR D 271 21.05 -18.99 19.69
C THR D 271 20.90 -17.70 20.49
N PRO D 272 21.80 -17.44 21.44
CA PRO D 272 21.53 -16.32 22.35
C PRO D 272 21.80 -14.91 21.80
N GLY D 273 21.09 -13.93 22.35
CA GLY D 273 21.34 -12.50 22.12
C GLY D 273 20.81 -11.94 20.81
N LEU D 274 20.48 -10.65 20.85
CA LEU D 274 20.09 -9.91 19.65
C LEU D 274 21.07 -10.04 18.49
N GLU D 275 22.36 -9.97 18.81
CA GLU D 275 23.42 -10.00 17.79
C GLU D 275 23.50 -11.37 17.13
N GLY D 276 23.58 -12.43 17.93
CA GLY D 276 23.64 -13.79 17.40
C GLY D 276 22.43 -14.16 16.55
N MET D 277 21.24 -13.79 17.03
CA MET D 277 20.00 -14.04 16.32
C MET D 277 19.99 -13.29 14.99
N ALA D 278 20.39 -12.01 15.03
CA ALA D 278 20.53 -11.18 13.82
C ALA D 278 21.47 -11.82 12.81
N GLU D 279 22.63 -12.26 13.32
CA GLU D 279 23.66 -12.88 12.50
C GLU D 279 23.19 -14.22 11.94
N LEU D 280 22.52 -15.02 12.77
CA LEU D 280 21.95 -16.28 12.30
C LEU D 280 20.94 -16.06 11.19
N HIS D 281 20.09 -15.04 11.33
CA HIS D 281 19.11 -14.78 10.28
C HIS D 281 19.78 -14.36 8.96
N LYS D 282 20.74 -13.42 9.03
CA LYS D 282 21.44 -12.96 7.83
CA LYS D 282 21.46 -12.95 7.84
C LYS D 282 22.07 -14.12 7.05
N ARG D 283 22.75 -15.01 7.77
CA ARG D 283 23.44 -16.17 7.20
C ARG D 283 22.52 -17.21 6.56
N THR D 284 21.31 -17.37 7.11
CA THR D 284 20.45 -18.49 6.73
C THR D 284 19.14 -18.07 6.10
N GLY D 285 18.69 -16.86 6.44
CA GLY D 285 17.38 -16.37 6.00
C GLY D 285 16.20 -17.05 6.67
N LEU D 286 16.46 -17.86 7.70
CA LEU D 286 15.39 -18.53 8.44
C LEU D 286 14.55 -17.55 9.28
N PRO D 287 13.22 -17.80 9.35
CA PRO D 287 12.33 -16.99 10.19
C PRO D 287 12.56 -17.33 11.67
N LEU D 288 13.01 -16.33 12.43
CA LEU D 288 13.35 -16.56 13.81
C LEU D 288 12.34 -15.92 14.74
N ALA D 289 11.88 -16.72 15.70
CA ALA D 289 10.96 -16.26 16.71
C ALA D 289 11.69 -16.09 18.02
N THR D 290 11.13 -15.29 18.93
CA THR D 290 11.71 -15.14 20.25
C THR D 290 10.70 -14.88 21.38
N ASN D 291 10.99 -15.40 22.56
CA ASN D 291 10.54 -14.76 23.79
C ASN D 291 11.67 -14.63 24.79
N MET D 292 12.87 -14.41 24.28
CA MET D 292 14.04 -14.19 25.12
C MET D 292 14.75 -12.88 24.82
N VAL D 293 14.78 -12.47 23.56
CA VAL D 293 15.52 -11.25 23.20
C VAL D 293 14.61 -10.05 22.99
N VAL D 294 13.32 -10.32 22.79
CA VAL D 294 12.30 -9.28 22.78
C VAL D 294 11.24 -9.65 23.79
N THR D 295 11.29 -8.98 24.94
CA THR D 295 10.43 -9.28 26.08
C THR D 295 9.90 -8.01 26.73
N ASP D 296 10.33 -6.85 26.23
CA ASP D 296 9.74 -5.57 26.59
C ASP D 296 9.90 -4.62 25.40
N PHE D 297 9.31 -3.43 25.50
CA PHE D 297 9.27 -2.48 24.37
C PHE D 297 10.64 -1.89 24.00
N ASP D 298 11.52 -1.73 24.98
CA ASP D 298 12.91 -1.32 24.74
C ASP D 298 13.66 -2.31 23.87
N GLU D 299 13.50 -3.59 24.20
CA GLU D 299 14.14 -4.66 23.46
C GLU D 299 13.60 -4.72 22.05
N PHE D 300 12.30 -4.46 21.92
CA PHE D 300 11.65 -4.38 20.62
C PHE D 300 12.32 -3.31 19.75
N ARG D 301 12.54 -2.13 20.32
CA ARG D 301 13.20 -1.04 19.62
C ARG D 301 14.58 -1.49 19.12
N ARG D 302 15.34 -2.15 19.98
CA ARG D 302 16.68 -2.61 19.63
C ARG D 302 16.68 -3.74 18.61
N SER D 303 15.70 -4.62 18.68
CA SER D 303 15.60 -5.72 17.73
C SER D 303 15.29 -5.21 16.33
N VAL D 304 14.40 -4.22 16.25
CA VAL D 304 14.07 -3.59 14.98
C VAL D 304 15.31 -2.91 14.38
N ALA D 305 16.11 -2.24 15.20
CA ALA D 305 17.35 -1.63 14.74
C ALA D 305 18.30 -2.65 14.08
N GLN D 306 18.41 -3.84 14.68
CA GLN D 306 19.32 -4.89 14.20
C GLN D 306 18.70 -5.95 13.27
N ASN D 307 17.39 -5.90 13.08
CA ASN D 307 16.64 -7.00 12.44
C ASN D 307 16.89 -8.38 13.07
N SER D 308 16.94 -8.43 14.40
CA SER D 308 17.30 -9.67 15.10
C SER D 308 16.29 -10.81 14.94
N VAL D 309 14.99 -10.48 14.92
CA VAL D 309 13.96 -11.51 14.90
C VAL D 309 12.84 -11.18 13.92
N GLN D 310 12.18 -12.22 13.42
CA GLN D 310 11.09 -12.02 12.47
C GLN D 310 9.71 -12.27 13.09
N ILE D 311 9.68 -12.90 14.27
CA ILE D 311 8.43 -13.24 14.96
C ILE D 311 8.60 -12.98 16.45
N VAL D 312 7.67 -12.23 17.04
CA VAL D 312 7.68 -11.99 18.47
C VAL D 312 6.59 -12.81 19.15
N LEU D 313 6.98 -13.57 20.17
CA LEU D 313 6.02 -14.34 20.91
C LEU D 313 5.65 -13.55 22.17
N ALA D 314 4.46 -12.96 22.15
CA ALA D 314 3.94 -12.16 23.23
C ALA D 314 3.40 -13.05 24.36
N ASP D 315 3.51 -12.54 25.58
CA ASP D 315 3.01 -13.21 26.77
C ASP D 315 2.44 -12.10 27.67
N HIS D 316 1.12 -12.11 27.85
CA HIS D 316 0.47 -10.99 28.55
C HIS D 316 0.92 -10.87 30.02
N HIS D 317 1.48 -11.93 30.57
CA HIS D 317 1.87 -11.90 31.98
C HIS D 317 3.04 -10.96 32.25
N TYR D 318 4.03 -10.94 31.37
CA TYR D 318 5.19 -10.11 31.60
C TYR D 318 5.28 -8.92 30.65
N TRP D 319 4.40 -8.85 29.64
CA TRP D 319 4.37 -7.68 28.77
C TRP D 319 3.51 -6.53 29.31
N GLY D 320 2.84 -6.76 30.43
CA GLY D 320 2.06 -5.71 31.08
C GLY D 320 0.56 -5.76 30.90
N GLY D 321 0.03 -6.92 30.50
CA GLY D 321 -1.41 -7.10 30.42
C GLY D 321 -1.97 -7.21 29.03
N LEU D 322 -3.29 -7.16 28.95
CA LEU D 322 -3.98 -7.45 27.70
C LEU D 322 -3.95 -6.27 26.74
N ARG D 323 -4.09 -5.05 27.25
CA ARG D 323 -4.06 -3.88 26.39
C ARG D 323 -2.66 -3.60 25.83
N ASP D 324 -1.64 -3.82 26.64
CA ASP D 324 -0.25 -3.75 26.19
C ASP D 324 0.11 -4.82 25.16
N THR D 325 -0.40 -6.03 25.34
CA THR D 325 -0.23 -7.09 24.35
C THR D 325 -0.79 -6.63 22.99
N GLN D 326 -1.95 -6.00 23.02
CA GLN D 326 -2.57 -5.47 21.83
C GLN D 326 -1.70 -4.41 21.14
N THR D 327 -1.13 -3.51 21.94
CA THR D 327 -0.16 -2.53 21.47
C THR D 327 1.02 -3.24 20.82
N LEU D 328 1.59 -4.23 21.51
CA LEU D 328 2.68 -5.01 20.92
C LEU D 328 2.31 -5.57 19.53
N ALA D 329 1.15 -6.21 19.43
CA ALA D 329 0.73 -6.84 18.18
C ALA D 329 0.63 -5.82 17.06
N LYS D 330 0.22 -4.61 17.40
CA LYS D 330 0.06 -3.54 16.40
C LYS D 330 1.45 -3.01 15.98
N MET D 331 2.35 -2.89 16.94
CA MET D 331 3.73 -2.55 16.64
C MET D 331 4.40 -3.60 15.76
N CYS D 332 4.07 -4.88 16.00
CA CYS D 332 4.60 -5.95 15.16
C CYS D 332 4.10 -5.79 13.75
N ASP D 333 2.79 -5.54 13.62
CA ASP D 333 2.20 -5.28 12.32
C ASP D 333 2.91 -4.11 11.62
N THR D 334 3.17 -3.05 12.37
CA THR D 334 3.81 -1.84 11.85
C THR D 334 5.22 -2.10 11.33
N PHE D 335 5.96 -2.95 12.03
CA PHE D 335 7.35 -3.25 11.66
C PHE D 335 7.55 -4.54 10.86
N GLY D 336 6.45 -5.13 10.41
CA GLY D 336 6.48 -6.35 9.61
C GLY D 336 6.94 -7.60 10.32
N LEU D 337 6.66 -7.71 11.62
CA LEU D 337 7.02 -8.91 12.38
C LEU D 337 5.80 -9.77 12.61
N GLY D 338 6.00 -11.08 12.58
CA GLY D 338 4.92 -12.01 12.95
C GLY D 338 4.66 -11.90 14.44
N VAL D 339 3.47 -12.32 14.88
CA VAL D 339 3.17 -12.36 16.32
C VAL D 339 2.27 -13.54 16.72
N SER D 340 2.55 -14.11 17.89
CA SER D 340 1.62 -15.04 18.54
C SER D 340 1.72 -14.92 20.05
N MET D 341 0.90 -15.71 20.75
CA MET D 341 0.81 -15.67 22.21
C MET D 341 1.39 -16.90 22.87
N HIS D 342 1.75 -16.73 24.14
CA HIS D 342 2.39 -17.77 24.90
C HIS D 342 2.05 -17.63 26.38
N SER D 343 1.82 -18.77 27.04
CA SER D 343 1.89 -18.84 28.51
C SER D 343 2.46 -20.19 28.91
N ASN D 344 3.29 -20.19 29.95
CA ASN D 344 3.86 -21.41 30.50
C ASN D 344 3.34 -21.65 31.92
N SER D 345 3.26 -22.94 32.31
CA SER D 345 2.90 -23.38 33.67
C SER D 345 1.79 -22.57 34.31
N HIS D 346 0.60 -22.65 33.71
CA HIS D 346 -0.50 -21.80 34.11
C HIS D 346 -1.78 -22.60 34.18
N LEU D 347 -2.82 -21.98 34.71
CA LEU D 347 -4.12 -22.61 34.80
C LEU D 347 -5.11 -21.92 33.88
N GLY D 348 -6.39 -22.20 34.11
CA GLY D 348 -7.47 -21.75 33.24
C GLY D 348 -7.65 -20.27 33.09
N ILE D 349 -7.34 -19.53 34.13
CA ILE D 349 -7.55 -18.08 34.14
C ILE D 349 -6.59 -17.43 33.14
N SER D 350 -5.31 -17.78 33.25
CA SER D 350 -4.33 -17.32 32.27
C SER D 350 -4.65 -17.81 30.85
N LEU D 351 -5.14 -19.05 30.73
CA LEU D 351 -5.50 -19.60 29.42
C LEU D 351 -6.56 -18.76 28.75
N MET D 352 -7.65 -18.48 29.45
CA MET D 352 -8.75 -17.65 28.91
C MET D 352 -8.33 -16.20 28.70
N ALA D 353 -7.49 -15.66 29.59
CA ALA D 353 -7.03 -14.27 29.44
C ALA D 353 -6.21 -14.19 28.15
N MET D 354 -5.27 -15.10 27.99
CA MET D 354 -4.51 -15.19 26.75
C MET D 354 -5.42 -15.37 25.53
N ALA D 355 -6.36 -16.31 25.61
CA ALA D 355 -7.27 -16.59 24.49
C ALA D 355 -8.09 -15.38 24.10
N HIS D 356 -8.64 -14.65 25.09
CA HIS D 356 -9.42 -13.45 24.75
C HIS D 356 -8.63 -12.33 24.07
N VAL D 357 -7.40 -12.08 24.49
CA VAL D 357 -6.61 -11.06 23.77
C VAL D 357 -6.17 -11.62 22.40
N ALA D 358 -5.79 -12.90 22.35
CA ALA D 358 -5.48 -13.49 21.03
C ALA D 358 -6.65 -13.39 20.07
N ALA D 359 -7.88 -13.50 20.60
CA ALA D 359 -9.10 -13.40 19.77
C ALA D 359 -9.36 -11.99 19.23
N ALA D 360 -8.87 -10.96 19.92
CA ALA D 360 -9.11 -9.58 19.52
C ALA D 360 -8.05 -9.04 18.52
N VAL D 361 -6.96 -9.76 18.38
CA VAL D 361 -5.85 -9.32 17.55
C VAL D 361 -6.11 -9.74 16.09
N PRO D 362 -6.15 -8.75 15.17
CA PRO D 362 -6.37 -9.13 13.77
C PRO D 362 -5.21 -9.97 13.21
N ASN D 363 -3.99 -9.64 13.59
CA ASN D 363 -2.79 -10.29 13.05
C ASN D 363 -2.29 -11.39 13.98
N LEU D 364 -3.08 -12.44 14.17
CA LEU D 364 -2.60 -13.60 14.92
C LEU D 364 -2.03 -14.56 13.89
N ASP D 365 -0.71 -14.71 13.88
CA ASP D 365 0.00 -15.27 12.72
C ASP D 365 0.27 -16.76 12.83
N TYR D 366 0.40 -17.27 14.06
CA TYR D 366 0.61 -18.68 14.31
C TYR D 366 -0.20 -19.13 15.50
N ALA D 367 -0.37 -20.44 15.63
CA ALA D 367 -1.02 -21.03 16.80
C ALA D 367 -0.23 -20.68 18.06
N CYS D 368 -0.94 -20.38 19.13
CA CYS D 368 -0.34 -19.96 20.39
C CYS D 368 0.26 -21.13 21.16
N ASP D 369 1.01 -20.82 22.22
CA ASP D 369 1.69 -21.82 23.03
C ASP D 369 1.00 -21.95 24.39
N THR D 370 0.87 -23.18 24.89
CA THR D 370 0.29 -23.42 26.19
C THR D 370 0.86 -24.67 26.79
N HIS D 371 0.92 -24.69 28.12
CA HIS D 371 1.34 -25.89 28.84
C HIS D 371 0.14 -26.65 29.43
N TYR D 372 -1.08 -26.21 29.11
CA TYR D 372 -2.29 -26.75 29.75
C TYR D 372 -2.39 -28.28 29.73
N PRO D 373 -1.98 -28.95 28.62
CA PRO D 373 -2.05 -30.42 28.68
C PRO D 373 -1.24 -31.04 29.80
N TRP D 374 -0.24 -30.31 30.31
CA TRP D 374 0.57 -30.88 31.37
C TRP D 374 -0.07 -30.73 32.77
N GLN D 375 -1.08 -29.89 32.88
CA GLN D 375 -1.77 -29.68 34.14
C GLN D 375 -2.65 -30.89 34.47
N GLU D 376 -2.47 -31.39 35.68
CA GLU D 376 -3.25 -32.51 36.19
C GLU D 376 -4.75 -32.19 36.32
N PRO D 377 -5.61 -33.12 35.84
CA PRO D 377 -7.07 -33.01 35.82
C PRO D 377 -7.69 -32.60 37.15
N ASP D 378 -7.10 -33.01 38.25
CA ASP D 378 -7.62 -32.73 39.60
C ASP D 378 -7.03 -31.44 40.22
N GLU D 379 -6.31 -30.65 39.44
CA GLU D 379 -5.63 -29.51 40.02
C GLU D 379 -5.92 -28.22 39.30
N GLU D 380 -7.19 -28.03 38.95
CA GLU D 380 -7.67 -26.73 38.53
C GLU D 380 -8.25 -25.98 39.71
N VAL D 381 -8.33 -24.66 39.61
CA VAL D 381 -8.94 -23.83 40.63
C VAL D 381 -10.31 -23.32 40.19
N ILE D 382 -10.62 -23.50 38.91
CA ILE D 382 -11.89 -23.05 38.37
C ILE D 382 -12.95 -24.15 38.51
N LYS D 383 -14.22 -23.76 38.67
CA LYS D 383 -15.32 -24.72 38.70
C LYS D 383 -15.42 -25.47 37.38
N GLY D 384 -15.55 -26.79 37.45
CA GLY D 384 -15.73 -27.62 36.26
C GLY D 384 -14.49 -28.41 35.90
N GLY D 385 -13.38 -28.11 36.57
CA GLY D 385 -12.10 -28.73 36.22
C GLY D 385 -11.54 -28.08 34.96
N LYS D 386 -10.61 -28.76 34.30
CA LYS D 386 -9.91 -28.20 33.15
C LYS D 386 -10.85 -27.77 32.05
N LEU D 387 -10.59 -26.60 31.50
CA LEU D 387 -11.43 -26.13 30.43
C LEU D 387 -11.09 -26.87 29.12
N PRO D 388 -12.06 -26.91 28.19
CA PRO D 388 -11.89 -27.75 27.01
C PRO D 388 -10.96 -27.12 25.98
N ILE D 389 -10.12 -27.94 25.37
CA ILE D 389 -9.46 -27.58 24.15
C ILE D 389 -9.99 -28.60 23.15
N VAL D 390 -10.70 -28.11 22.14
CA VAL D 390 -11.34 -28.94 21.11
C VAL D 390 -10.81 -28.51 19.73
N ASP D 391 -10.47 -29.50 18.90
CA ASP D 391 -9.90 -29.25 17.57
C ASP D 391 -8.69 -28.31 17.63
N GLY D 392 -7.94 -28.40 18.73
CA GLY D 392 -6.73 -27.59 18.94
C GLY D 392 -6.99 -26.17 19.38
N CYS D 393 -8.25 -25.86 19.69
CA CYS D 393 -8.69 -24.50 19.95
C CYS D 393 -9.36 -24.32 21.30
N VAL D 394 -9.22 -23.10 21.83
CA VAL D 394 -10.00 -22.63 22.96
C VAL D 394 -11.13 -21.83 22.34
N LYS D 395 -12.37 -22.18 22.70
CA LYS D 395 -13.54 -21.49 22.19
C LYS D 395 -13.76 -20.16 22.96
N ILE D 396 -14.05 -19.10 22.22
CA ILE D 396 -14.44 -17.82 22.80
C ILE D 396 -15.98 -17.73 22.81
N THR D 397 -16.60 -17.77 23.99
CA THR D 397 -18.06 -17.71 24.13
C THR D 397 -18.58 -16.33 24.54
N ARG D 398 -19.91 -16.22 24.62
CA ARG D 398 -20.58 -15.00 25.05
C ARG D 398 -20.75 -14.92 26.58
N ALA D 399 -20.18 -15.85 27.32
CA ALA D 399 -20.20 -15.82 28.80
C ALA D 399 -19.50 -14.55 29.29
N PRO D 400 -19.97 -13.94 30.39
CA PRO D 400 -19.37 -12.66 30.81
C PRO D 400 -17.93 -12.77 31.28
N GLY D 401 -17.13 -11.74 30.95
CA GLY D 401 -15.72 -11.71 31.31
C GLY D 401 -14.96 -12.88 30.73
N LEU D 402 -14.23 -13.57 31.58
CA LEU D 402 -13.47 -14.76 31.20
C LEU D 402 -14.37 -15.99 31.20
N GLY D 403 -15.58 -15.84 31.74
CA GLY D 403 -16.56 -16.91 31.83
C GLY D 403 -16.18 -17.94 32.85
N LEU D 404 -15.49 -17.52 33.90
CA LEU D 404 -14.93 -18.47 34.84
C LEU D 404 -15.29 -18.14 36.27
N GLU D 405 -15.34 -19.18 37.10
CA GLU D 405 -15.64 -18.99 38.50
C GLU D 405 -14.68 -19.82 39.29
N LEU D 406 -14.30 -19.28 40.44
CA LEU D 406 -13.42 -20.02 41.34
C LEU D 406 -14.18 -21.15 42.03
N ASP D 407 -13.52 -22.29 42.16
CA ASP D 407 -13.94 -23.36 43.06
C ASP D 407 -13.10 -23.21 44.32
N HIS D 408 -13.74 -22.68 45.36
CA HIS D 408 -13.05 -22.38 46.60
C HIS D 408 -12.52 -23.60 47.36
N ASP D 409 -13.12 -24.78 47.15
CA ASP D 409 -12.55 -26.00 47.75
C ASP D 409 -11.25 -26.37 47.05
N GLN D 410 -11.23 -26.27 45.72
CA GLN D 410 -10.00 -26.52 44.97
C GLN D 410 -8.92 -25.48 45.32
N LEU D 411 -9.31 -24.22 45.42
CA LEU D 411 -8.35 -23.16 45.79
C LEU D 411 -7.70 -23.45 47.14
N GLY D 412 -8.52 -23.84 48.13
CA GLY D 412 -8.01 -24.18 49.46
C GLY D 412 -7.03 -25.32 49.44
N LYS D 413 -7.35 -26.34 48.65
CA LYS D 413 -6.52 -27.53 48.56
C LYS D 413 -5.12 -27.22 48.00
N LEU D 414 -5.11 -26.39 46.96
CA LEU D 414 -3.87 -26.06 46.26
C LEU D 414 -3.06 -25.01 47.03
N HIS D 415 -3.76 -24.19 47.81
CA HIS D 415 -3.08 -23.28 48.76
C HIS D 415 -2.41 -24.08 49.86
N ASP D 416 -3.11 -25.10 50.37
CA ASP D 416 -2.49 -25.98 51.36
C ASP D 416 -1.28 -26.65 50.77
N GLN D 417 -1.39 -27.09 49.52
CA GLN D 417 -0.24 -27.71 48.85
C GLN D 417 0.91 -26.72 48.70
N TYR D 418 0.61 -25.46 48.42
CA TYR D 418 1.65 -24.42 48.47
C TYR D 418 2.35 -24.44 49.85
N LEU D 419 1.55 -24.41 50.91
CA LEU D 419 2.06 -24.34 52.28
C LEU D 419 3.05 -25.46 52.60
N THR D 420 2.71 -26.70 52.22
CA THR D 420 3.48 -27.89 52.59
C THR D 420 4.55 -28.35 51.59
N CYS D 421 4.56 -27.83 50.36
CA CYS D 421 5.44 -28.34 49.28
C CYS D 421 6.91 -27.98 49.45
N GLY D 422 7.20 -26.96 50.25
CA GLY D 422 8.58 -26.58 50.53
C GLY D 422 9.29 -25.90 49.36
N ILE D 423 8.53 -25.34 48.43
CA ILE D 423 9.10 -24.59 47.32
C ILE D 423 8.60 -23.16 47.40
N ARG D 424 9.51 -22.19 47.28
CA ARG D 424 9.13 -20.77 47.36
C ARG D 424 9.56 -19.96 46.14
N GLN D 425 10.47 -20.54 45.36
CA GLN D 425 10.94 -19.91 44.14
C GLN D 425 11.46 -21.02 43.24
N ARG D 426 10.96 -21.07 42.01
CA ARG D 426 11.40 -22.03 41.02
C ARG D 426 12.93 -22.03 40.86
N ASP D 427 13.53 -23.22 40.85
CA ASP D 427 14.93 -23.37 40.52
C ASP D 427 15.22 -24.70 39.79
N ASP D 428 15.09 -24.68 38.47
CA ASP D 428 15.39 -25.86 37.63
C ASP D 428 16.87 -26.27 37.70
N VAL D 429 17.74 -25.32 38.04
CA VAL D 429 19.18 -25.59 38.07
C VAL D 429 19.52 -26.45 39.29
N ARG D 430 19.04 -26.04 40.45
CA ARG D 430 19.27 -26.81 41.66
C ARG D 430 18.60 -28.18 41.54
N GLN D 431 17.37 -28.20 41.04
CA GLN D 431 16.65 -29.45 40.82
C GLN D 431 17.49 -30.42 39.99
N MET D 432 18.03 -29.97 38.86
CA MET D 432 18.90 -30.81 38.00
C MET D 432 20.16 -31.30 38.74
N GLN D 433 20.62 -30.51 39.71
CA GLN D 433 21.76 -30.92 40.55
C GLN D 433 21.47 -32.12 41.46
N ARG D 434 20.19 -32.38 41.75
CA ARG D 434 19.79 -33.58 42.48
CA ARG D 434 19.78 -33.59 42.48
C ARG D 434 20.05 -34.85 41.68
N TYR D 435 20.18 -34.72 40.36
CA TYR D 435 20.44 -35.87 39.47
C TYR D 435 21.87 -35.92 38.96
N LYS D 436 22.44 -34.74 38.66
CA LYS D 436 23.81 -34.61 38.15
C LYS D 436 24.51 -33.57 39.01
N PRO D 437 25.21 -34.01 40.07
CA PRO D 437 25.72 -33.09 41.10
C PRO D 437 26.63 -31.97 40.57
N ASP D 438 27.22 -32.17 39.39
CA ASP D 438 28.11 -31.20 38.75
C ASP D 438 27.41 -30.27 37.78
N TRP D 439 26.08 -30.32 37.74
CA TRP D 439 25.30 -29.52 36.79
C TRP D 439 25.43 -28.02 37.06
N LYS D 440 25.74 -27.25 36.01
CA LYS D 440 25.78 -25.79 36.07
C LYS D 440 24.89 -25.21 34.99
N ALA D 441 24.45 -23.98 35.17
CA ALA D 441 23.60 -23.33 34.17
C ALA D 441 24.40 -22.80 32.99
N LEU D 442 24.74 -23.69 32.05
CA LEU D 442 25.48 -23.30 30.86
C LEU D 442 24.57 -22.90 29.72
N LYS D 443 24.91 -21.79 29.06
CA LYS D 443 24.22 -21.34 27.87
C LYS D 443 25.20 -20.53 27.00
N PRO D 444 25.39 -20.92 25.73
CA PRO D 444 24.85 -22.09 25.04
C PRO D 444 25.68 -23.36 25.31
N ARG D 445 25.03 -24.39 25.83
CA ARG D 445 25.71 -25.64 26.17
C ARG D 445 26.21 -26.37 24.93
N PHE D 446 25.51 -26.20 23.81
CA PHE D 446 25.79 -26.97 22.62
C PHE D 446 26.26 -26.08 21.49
#